data_5X9W
#
_entry.id   5X9W
#
_cell.length_a   89.510
_cell.length_b   102.070
_cell.length_c   235.720
_cell.angle_alpha   90.00
_cell.angle_beta   90.00
_cell.angle_gamma   90.00
#
_symmetry.space_group_name_H-M   'P 21 2 21'
#
loop_
_entity.id
_entity.type
_entity.pdbx_description
1 polymer 'DNA mismatch repair protein MutS'
2 non-polymer 'PHOSPHOAMINOPHOSPHONIC ACID-ADENYLATE ESTER'
#
_entity_poly.entity_id   1
_entity_poly.type   'polypeptide(L)'
_entity_poly.pdbx_seq_one_letter_code
;QSMSKSAVSPMMQQYLGIKAQHTDKLVFYRMGDFYELFLDDAVEAAKLLDITLTTRGQMDGVPIKMAGVPFHAAEQYLAR
LVKLGKSVAICEQVGEVGAGKGPVERKVVRIVTPGTLTDSALLEDKETNRIVAVSPDKKYIGLAWASLQSGEFKTKLTTA
DKLNDELARLQAAEILLPDSKNAPQLQTASGVTRLNAWQFAADAGEKLLTEYFGCQDLRGFGLDSKEHAVSIGAAGALLN
YIRLTQNLMPQHLDGLSLETDSQYIGMDAATRRNLEITQTLSGKKTPTLFSILDGCATHMGSRLLALWLHHPLRNRAHIR
ARQEAVTALESQYEPLQCHLKSIADIERIAARIAVGNARPRDLASLRDSLFELAQIDLSATGSSLLETLKAVFPETLPVA
ETLKAAVMPEPSVWLKDGNVINHGFHPELDELRRIQNHGDEFLLDLEAKERERTGLSTLKVEFNRVHGFYIELSKTQAEQ
APADYQRRQTLKNAERFITPELKAFEDKVLTAQDQALALEKQLFDGVLKNLRTALPQLQKAAKAAAALDVLSTFSALAKE
RNFVRPEFADYPVVHIENGRHPVVEQQVRHFTANHTDLDHKHRLMLLTGPNMGGKSTYMRQVALIVLLAHTGCFVPADAA
TIGPVDQIFTRIGASDDLASNRSTFMVEMSETAYILHHATEQSIVLMDEVGRGTSTFDGLALAHAIAEHLLQKNKSFSLF
ATHYFELTYLPEAHAAAVNMHLSALEQGRDIVFLHQIQPGPAGKSYGIAVAKLAGLPVRALKAAQKHLNGLENQAAANRP
QLDIFSTMPSEKGDEP
;
_entity_poly.pdbx_strand_id   A,B
#
loop_
_chem_comp.id
_chem_comp.type
_chem_comp.name
_chem_comp.formula
ANP non-polymer 'PHOSPHOAMINOPHOSPHONIC ACID-ADENYLATE ESTER' 'C10 H17 N6 O12 P3'
#
# COMPACT_ATOMS: atom_id res chain seq x y z
N GLN A 1 41.05 28.40 22.31
CA GLN A 1 40.99 27.17 21.43
C GLN A 1 42.38 26.46 21.17
N SER A 2 43.03 25.97 22.25
CA SER A 2 44.21 25.09 22.18
C SER A 2 43.75 23.65 21.81
N MET A 3 44.65 22.82 21.32
CA MET A 3 44.27 21.50 20.82
C MET A 3 45.07 20.35 21.47
N SER A 4 45.27 19.28 20.70
CA SER A 4 46.11 18.17 21.09
C SER A 4 47.50 18.62 20.66
N LYS A 5 48.04 18.01 19.60
CA LYS A 5 47.40 16.91 18.95
C LYS A 5 47.71 15.55 19.59
N SER A 6 47.93 15.52 20.91
CA SER A 6 48.08 14.25 21.61
C SER A 6 46.73 13.78 22.17
N ALA A 7 45.72 14.62 22.07
CA ALA A 7 44.38 14.29 22.56
C ALA A 7 43.59 13.54 21.49
N VAL A 8 44.18 13.48 20.29
CA VAL A 8 43.52 12.97 19.10
C VAL A 8 44.54 12.21 18.27
N SER A 9 44.11 11.05 17.74
CA SER A 9 45.01 10.11 17.04
C SER A 9 45.35 10.69 15.70
N PRO A 10 46.52 10.37 15.14
CA PRO A 10 46.81 10.79 13.77
C PRO A 10 45.85 10.21 12.69
N MET A 11 45.20 9.08 12.93
CA MET A 11 44.25 8.59 11.96
C MET A 11 43.09 9.50 12.01
N MET A 12 42.75 9.99 13.19
CA MET A 12 41.55 10.78 13.35
C MET A 12 41.88 12.18 12.92
N GLN A 13 43.09 12.61 13.16
CA GLN A 13 43.51 13.95 12.84
C GLN A 13 43.45 14.18 11.34
N GLN A 14 43.72 13.13 10.61
CA GLN A 14 43.70 13.18 9.16
C GLN A 14 42.28 13.28 8.65
N TYR A 15 41.37 12.59 9.36
CA TYR A 15 39.96 12.66 9.08
C TYR A 15 39.44 14.07 9.24
N LEU A 16 39.84 14.73 10.32
CA LEU A 16 39.43 16.10 10.54
C LEU A 16 39.98 17.06 9.48
N GLY A 17 41.09 16.70 8.83
CA GLY A 17 41.59 17.47 7.69
C GLY A 17 40.59 17.50 6.51
N ILE A 18 40.05 16.31 6.23
CA ILE A 18 39.10 16.12 5.14
C ILE A 18 37.78 16.70 5.58
N LYS A 19 37.34 16.43 6.80
CA LYS A 19 35.98 16.78 7.22
C LYS A 19 35.82 18.25 7.30
N ALA A 20 36.90 18.94 7.63
CA ALA A 20 36.89 20.41 7.65
C ALA A 20 36.56 20.98 6.30
N GLN A 21 36.97 20.33 5.22
CA GLN A 21 36.64 20.85 3.90
C GLN A 21 35.17 20.56 3.45
N HIS A 22 34.50 19.62 4.15
CA HIS A 22 33.14 19.15 3.78
C HIS A 22 32.30 19.08 5.01
N THR A 23 32.15 20.27 5.57
CA THR A 23 31.46 20.45 6.81
C THR A 23 29.92 20.37 6.63
N ASP A 24 29.43 20.58 5.41
CA ASP A 24 27.99 20.50 5.13
C ASP A 24 27.50 19.07 4.76
N LYS A 25 28.39 18.26 4.22
CA LYS A 25 28.07 16.95 3.68
C LYS A 25 28.51 15.86 4.65
N LEU A 26 27.90 14.69 4.47
CA LEU A 26 28.39 13.47 5.06
C LEU A 26 29.69 13.09 4.35
N VAL A 27 30.63 12.55 5.11
CA VAL A 27 31.87 12.07 4.53
C VAL A 27 32.00 10.60 4.82
N PHE A 28 32.00 9.80 3.74
CA PHE A 28 32.30 8.37 3.78
C PHE A 28 33.77 8.22 3.76
N TYR A 29 34.35 7.94 4.91
CA TYR A 29 35.78 7.78 5.01
C TYR A 29 36.07 6.33 4.86
N ARG A 30 36.81 5.94 3.83
CA ARG A 30 37.12 4.54 3.69
C ARG A 30 38.00 4.07 4.83
N MET A 31 37.62 2.98 5.47
CA MET A 31 38.40 2.48 6.52
C MET A 31 38.42 0.98 6.34
N GLY A 32 39.36 0.48 5.58
CA GLY A 32 39.52 -0.94 5.39
C GLY A 32 38.54 -1.40 4.38
N ASP A 33 37.67 -2.32 4.75
CA ASP A 33 36.61 -2.84 3.90
C ASP A 33 35.31 -2.12 4.18
N PHE A 34 35.38 -1.02 4.90
CA PHE A 34 34.19 -0.27 5.23
C PHE A 34 34.39 1.19 4.88
N TYR A 35 33.27 1.87 4.65
CA TYR A 35 33.27 3.26 4.76
C TYR A 35 32.69 3.59 6.14
N GLU A 36 33.39 4.38 6.92
CA GLU A 36 32.91 4.79 8.21
C GLU A 36 32.62 6.27 8.24
N LEU A 37 31.79 6.67 9.19
CA LEU A 37 31.50 8.08 9.45
C LEU A 37 31.75 8.36 10.92
N PHE A 38 32.13 9.59 11.24
CA PHE A 38 32.44 9.95 12.62
C PHE A 38 31.69 11.14 13.15
N LEU A 39 31.66 11.23 14.46
CA LEU A 39 31.08 12.36 15.11
C LEU A 39 29.58 12.57 14.72
N ASP A 40 29.21 13.78 14.33
CA ASP A 40 27.81 14.04 14.02
C ASP A 40 27.42 13.31 12.75
N ASP A 41 28.39 13.07 11.86
CA ASP A 41 28.11 12.32 10.63
C ASP A 41 27.68 10.92 11.01
N ALA A 42 28.25 10.40 12.09
CA ALA A 42 27.86 9.11 12.59
C ALA A 42 26.42 9.09 13.10
N VAL A 43 26.05 10.11 13.89
CA VAL A 43 24.73 10.19 14.51
C VAL A 43 23.67 10.40 13.45
N GLU A 44 23.99 11.22 12.45
CA GLU A 44 23.11 11.45 11.32
C GLU A 44 22.87 10.14 10.55
N ALA A 45 23.95 9.47 10.18
CA ALA A 45 23.85 8.28 9.34
C ALA A 45 23.22 7.12 10.07
N ALA A 46 23.44 7.05 11.37
CA ALA A 46 22.81 6.03 12.16
C ALA A 46 21.29 6.23 12.23
N LYS A 47 20.83 7.49 12.25
CA LYS A 47 19.38 7.79 12.20
C LYS A 47 18.85 7.41 10.84
N LEU A 48 19.48 7.97 9.79
CA LEU A 48 18.95 7.89 8.44
C LEU A 48 18.93 6.48 7.88
N LEU A 49 19.97 5.71 8.19
CA LEU A 49 20.15 4.44 7.48
C LEU A 49 19.76 3.18 8.27
N ASP A 50 19.30 3.41 9.50
CA ASP A 50 18.93 2.35 10.41
C ASP A 50 20.09 1.36 10.49
N ILE A 51 21.28 1.90 10.70
CA ILE A 51 22.51 1.11 10.97
C ILE A 51 22.96 1.43 12.37
N THR A 52 23.72 0.54 12.97
CA THR A 52 24.03 0.69 14.38
C THR A 52 25.12 1.72 14.60
N LEU A 53 24.88 2.59 15.60
CA LEU A 53 25.80 3.65 16.01
C LEU A 53 26.74 3.04 17.00
N THR A 54 27.96 3.52 17.07
CA THR A 54 28.90 2.94 18.02
C THR A 54 30.00 3.96 18.34
N THR A 55 31.15 3.48 18.80
CA THR A 55 32.20 4.35 19.27
C THR A 55 33.56 3.77 18.93
N ARG A 56 34.46 4.61 18.42
CA ARG A 56 35.83 4.19 18.21
C ARG A 56 36.82 5.25 18.64
N GLY A 57 37.62 4.94 19.65
CA GLY A 57 38.70 5.82 20.12
C GLY A 57 38.22 7.08 20.82
N GLN A 58 39.14 7.94 21.21
CA GLN A 58 38.83 9.14 21.96
C GLN A 58 39.36 10.39 21.28
N MET A 59 38.67 11.51 21.52
CA MET A 59 39.08 12.80 20.99
C MET A 59 38.84 13.79 22.07
N ASP A 60 39.91 14.35 22.59
CA ASP A 60 39.82 15.29 23.70
C ASP A 60 39.07 14.67 24.83
N GLY A 61 39.36 13.41 25.09
CA GLY A 61 38.77 12.71 26.23
C GLY A 61 37.53 11.94 25.84
N VAL A 62 36.77 12.51 24.93
CA VAL A 62 35.46 11.99 24.61
C VAL A 62 35.52 10.82 23.60
N PRO A 63 34.91 9.66 23.91
CA PRO A 63 34.65 8.63 22.95
C PRO A 63 34.08 9.17 21.66
N ILE A 64 34.61 8.71 20.55
CA ILE A 64 34.25 9.18 19.20
C ILE A 64 33.10 8.38 18.65
N LYS A 65 32.01 9.05 18.33
CA LYS A 65 30.86 8.34 17.80
C LYS A 65 31.23 7.92 16.36
N MET A 66 30.73 6.74 15.97
CA MET A 66 31.07 6.13 14.72
C MET A 66 29.95 5.24 14.23
N ALA A 67 29.84 5.14 12.92
CA ALA A 67 28.91 4.21 12.30
C ALA A 67 29.48 3.96 10.90
N GLY A 68 29.22 2.80 10.32
CA GLY A 68 29.85 2.45 9.04
C GLY A 68 28.99 1.59 8.14
N VAL A 69 29.47 1.29 6.97
CA VAL A 69 28.77 0.41 6.06
C VAL A 69 29.82 -0.39 5.30
N PRO A 70 29.53 -1.65 5.00
CA PRO A 70 30.45 -2.44 4.20
C PRO A 70 30.59 -1.88 2.80
N PHE A 71 31.79 -1.95 2.24
CA PHE A 71 32.06 -1.48 0.89
C PHE A 71 31.14 -2.11 -0.16
N HIS A 72 30.84 -3.41 -0.02
CA HIS A 72 30.05 -4.14 -1.01
C HIS A 72 28.63 -3.60 -1.12
N ALA A 73 28.19 -2.84 -0.12
CA ALA A 73 26.84 -2.29 -0.11
C ALA A 73 26.86 -0.78 -0.01
N ALA A 74 27.90 -0.17 -0.50
CA ALA A 74 28.01 1.27 -0.34
C ALA A 74 27.09 1.95 -1.29
N GLU A 75 27.03 1.49 -2.54
CA GLU A 75 26.16 2.14 -3.52
C GLU A 75 24.72 2.06 -3.07
N GLN A 76 24.36 0.99 -2.39
CA GLN A 76 23.00 0.86 -1.92
C GLN A 76 22.67 1.91 -0.90
N TYR A 77 23.52 2.08 0.10
CA TYR A 77 23.27 3.08 1.10
C TYR A 77 23.37 4.50 0.53
N LEU A 78 24.23 4.67 -0.46
CA LEU A 78 24.39 5.97 -1.11
C LEU A 78 23.11 6.33 -1.82
N ALA A 79 22.49 5.31 -2.42
CA ALA A 79 21.21 5.46 -3.09
C ALA A 79 20.13 5.95 -2.13
N ARG A 80 20.15 5.49 -0.89
CA ARG A 80 19.20 5.96 0.09
C ARG A 80 19.49 7.40 0.47
N LEU A 81 20.77 7.71 0.65
CA LEU A 81 21.10 9.00 1.16
C LEU A 81 20.75 10.12 0.19
N VAL A 82 20.96 9.86 -1.11
CA VAL A 82 20.59 10.82 -2.14
C VAL A 82 19.07 10.87 -2.38
N LYS A 83 18.35 9.79 -2.12
CA LYS A 83 16.88 9.84 -2.09
C LYS A 83 16.35 10.78 -1.02
N LEU A 84 17.17 11.03 -0.02
CA LEU A 84 16.84 11.97 1.04
C LEU A 84 17.64 13.27 0.87
N GLY A 85 18.01 13.58 -0.37
CA GLY A 85 18.68 14.84 -0.68
C GLY A 85 20.03 15.11 0.00
N LYS A 86 20.72 14.07 0.44
CA LYS A 86 22.00 14.25 1.13
C LYS A 86 23.19 14.07 0.21
N SER A 87 24.22 14.88 0.38
CA SER A 87 25.44 14.68 -0.37
C SER A 87 26.43 13.97 0.50
N VAL A 88 27.27 13.20 -0.16
CA VAL A 88 28.27 12.44 0.52
C VAL A 88 29.58 12.61 -0.23
N ALA A 89 30.64 12.96 0.48
CA ALA A 89 31.97 12.97 -0.09
C ALA A 89 32.61 11.61 0.19
N ILE A 90 33.22 11.02 -0.83
CA ILE A 90 33.83 9.75 -0.64
C ILE A 90 35.30 9.97 -0.43
N CYS A 91 35.79 9.79 0.80
CA CYS A 91 37.24 9.87 1.06
C CYS A 91 37.93 8.53 0.97
N GLU A 92 38.71 8.35 -0.09
CA GLU A 92 39.55 7.18 -0.27
C GLU A 92 40.98 7.58 -0.03
N GLN A 93 41.89 6.62 -0.03
CA GLN A 93 43.30 7.00 0.00
C GLN A 93 43.94 6.70 -1.33
N VAL A 94 44.72 7.66 -1.85
CA VAL A 94 45.28 7.60 -3.21
C VAL A 94 46.80 7.83 -3.22
N GLY A 95 47.47 7.52 -4.33
CA GLY A 95 48.90 7.75 -4.38
C GLY A 95 49.74 7.34 -5.60
N GLU A 96 50.73 6.47 -5.33
CA GLU A 96 51.72 6.04 -6.32
C GLU A 96 51.09 5.23 -7.44
N PRO A 103 53.80 7.69 -0.17
CA PRO A 103 52.97 7.19 -1.22
C PRO A 103 51.45 7.33 -1.03
N VAL A 104 50.94 7.76 0.11
CA VAL A 104 49.48 7.72 0.30
C VAL A 104 48.94 9.05 0.86
N GLU A 105 47.86 9.51 0.27
CA GLU A 105 47.18 10.70 0.73
C GLU A 105 45.67 10.51 0.81
N ARG A 106 45.07 11.14 1.80
CA ARG A 106 43.68 11.01 1.99
C ARG A 106 42.98 11.99 1.07
N LYS A 107 42.21 11.50 0.12
CA LYS A 107 41.58 12.39 -0.91
C LYS A 107 40.06 12.22 -0.95
N VAL A 108 39.38 13.13 -1.63
CA VAL A 108 37.93 13.05 -1.72
C VAL A 108 37.42 12.49 -3.04
N VAL A 109 38.20 12.48 -4.09
CA VAL A 109 37.88 11.71 -5.30
C VAL A 109 36.51 12.01 -6.01
N ARG A 110 35.46 12.17 -5.23
CA ARG A 110 34.12 12.15 -5.76
C ARG A 110 33.13 12.62 -4.70
N ILE A 111 32.21 13.46 -5.12
CA ILE A 111 31.15 13.91 -4.27
C ILE A 111 29.82 13.58 -4.91
N VAL A 112 29.05 12.71 -4.26
CA VAL A 112 27.78 12.23 -4.77
C VAL A 112 26.68 13.16 -4.29
N THR A 113 26.02 13.80 -5.25
CA THR A 113 24.96 14.72 -4.96
C THR A 113 23.74 14.27 -5.75
N PRO A 114 22.53 14.58 -5.26
CA PRO A 114 21.32 14.10 -5.86
C PRO A 114 21.15 14.46 -7.30
N GLY A 115 21.84 15.52 -7.75
CA GLY A 115 21.70 16.01 -9.14
C GLY A 115 22.85 15.79 -10.13
N THR A 116 23.83 14.99 -9.72
CA THR A 116 24.95 14.75 -10.59
C THR A 116 25.19 13.27 -10.79
N LEU A 117 24.15 12.46 -10.61
CA LEU A 117 24.28 11.01 -10.74
C LEU A 117 24.45 10.52 -12.16
N THR A 118 25.42 9.65 -12.32
CA THR A 118 25.68 8.95 -13.57
C THR A 118 25.79 7.44 -13.37
N ASP A 119 25.85 6.98 -12.10
CA ASP A 119 25.95 5.57 -11.78
C ASP A 119 24.64 4.84 -11.90
N SER A 120 24.61 3.75 -12.64
CA SER A 120 23.39 3.00 -12.85
C SER A 120 22.81 2.53 -11.55
N ALA A 121 23.65 2.45 -10.54
CA ALA A 121 23.27 1.93 -9.24
C ALA A 121 22.51 2.95 -8.42
N LEU A 122 22.61 4.21 -8.78
CA LEU A 122 21.98 5.28 -8.03
C LEU A 122 20.80 5.93 -8.77
N LEU A 123 20.50 5.40 -9.94
CA LEU A 123 19.47 5.92 -10.84
C LEU A 123 18.49 4.78 -11.24
N GLU A 124 17.22 5.10 -11.16
CA GLU A 124 16.19 4.29 -11.77
C GLU A 124 16.43 4.25 -13.29
N ASP A 125 15.89 3.25 -13.98
CA ASP A 125 16.18 3.10 -15.40
C ASP A 125 15.58 4.21 -16.27
N LYS A 126 14.48 4.79 -15.89
CA LYS A 126 13.91 5.87 -16.68
C LYS A 126 13.94 7.21 -15.96
N GLU A 127 14.86 7.34 -15.01
CA GLU A 127 14.99 8.51 -14.16
C GLU A 127 15.71 9.61 -14.91
N THR A 128 15.12 10.79 -15.04
CA THR A 128 15.87 11.91 -15.61
C THR A 128 16.46 12.66 -14.43
N ASN A 129 17.73 13.06 -14.54
CA ASN A 129 18.45 13.59 -13.37
C ASN A 129 19.06 14.93 -13.71
N ARG A 130 18.45 16.00 -13.19
CA ARG A 130 18.85 17.37 -13.54
C ARG A 130 19.32 18.19 -12.37
N ILE A 131 20.29 19.05 -12.64
CA ILE A 131 20.79 19.99 -11.69
C ILE A 131 20.53 21.34 -12.30
N VAL A 132 19.79 22.18 -11.60
CA VAL A 132 19.50 23.54 -12.08
C VAL A 132 19.97 24.64 -11.13
N ALA A 133 20.47 25.71 -11.69
CA ALA A 133 21.07 26.75 -10.92
C ALA A 133 20.31 28.02 -11.27
N VAL A 134 19.86 28.73 -10.23
CA VAL A 134 19.12 29.95 -10.45
C VAL A 134 19.90 31.11 -9.89
N SER A 135 20.17 32.08 -10.76
CA SER A 135 20.88 33.27 -10.41
C SER A 135 19.84 34.32 -10.52
N PRO A 136 19.47 34.96 -9.40
CA PRO A 136 18.41 35.95 -9.41
C PRO A 136 18.96 37.33 -9.48
N ASP A 137 18.54 38.07 -10.49
CA ASP A 137 18.70 39.51 -10.52
C ASP A 137 17.66 40.03 -9.54
N LYS A 138 16.46 40.35 -10.05
CA LYS A 138 15.24 40.53 -9.26
C LYS A 138 14.08 40.84 -10.22
N LYS A 139 14.40 41.53 -11.32
CA LYS A 139 13.50 41.66 -12.47
C LYS A 139 13.56 40.37 -13.25
N TYR A 140 14.76 40.00 -13.67
CA TYR A 140 14.96 38.75 -14.35
C TYR A 140 15.58 37.72 -13.40
N ILE A 141 15.62 36.45 -13.83
CA ILE A 141 16.25 35.37 -13.08
C ILE A 141 16.95 34.46 -14.08
N GLY A 142 18.22 34.17 -13.84
CA GLY A 142 19.00 33.33 -14.74
C GLY A 142 18.79 31.89 -14.34
N LEU A 143 18.28 31.08 -15.25
CA LEU A 143 18.20 29.62 -15.06
C LEU A 143 19.21 28.93 -15.93
N ALA A 144 19.89 27.95 -15.37
CA ALA A 144 20.79 27.16 -16.17
C ALA A 144 20.69 25.74 -15.66
N TRP A 145 20.41 24.77 -16.53
CA TRP A 145 20.35 23.40 -16.05
C TRP A 145 21.17 22.42 -16.86
N ALA A 146 21.52 21.27 -16.25
CA ALA A 146 22.34 20.23 -16.90
C ALA A 146 22.01 18.86 -16.39
N SER A 147 22.14 17.86 -17.26
CA SER A 147 21.92 16.50 -16.85
C SER A 147 23.15 15.76 -17.20
N LEU A 148 23.94 15.42 -16.18
CA LEU A 148 25.18 14.72 -16.39
C LEU A 148 24.98 13.40 -17.13
N GLN A 149 23.83 12.75 -16.94
CA GLN A 149 23.65 11.50 -17.63
C GLN A 149 23.30 11.62 -19.09
N SER A 150 22.79 12.78 -19.53
CA SER A 150 22.30 12.92 -20.92
C SER A 150 23.00 13.99 -21.72
N GLY A 151 23.90 14.72 -21.06
CA GLY A 151 24.71 15.76 -21.72
C GLY A 151 24.02 17.09 -21.80
N GLU A 152 22.71 17.10 -21.58
CA GLU A 152 21.91 18.32 -21.67
C GLU A 152 22.50 19.49 -20.88
N PHE A 153 22.50 20.67 -21.48
CA PHE A 153 23.05 21.82 -20.83
C PHE A 153 22.39 23.03 -21.44
N LYS A 154 21.40 23.55 -20.75
CA LYS A 154 20.68 24.68 -21.23
C LYS A 154 20.63 25.78 -20.22
N THR A 155 20.42 26.99 -20.72
CA THR A 155 20.22 28.15 -19.90
C THR A 155 19.01 28.87 -20.38
N LYS A 156 18.34 29.55 -19.46
CA LYS A 156 17.15 30.34 -19.80
C LYS A 156 17.05 31.65 -19.01
N LEU A 157 16.51 32.68 -19.63
CA LEU A 157 16.17 33.89 -18.91
C LEU A 157 14.70 33.86 -18.56
N THR A 158 14.36 34.14 -17.30
CA THR A 158 12.97 34.08 -16.87
C THR A 158 12.68 35.13 -15.81
N THR A 159 11.47 35.13 -15.27
CA THR A 159 11.04 36.13 -14.31
C THR A 159 10.86 35.43 -12.98
N ALA A 160 10.62 36.24 -11.98
CA ALA A 160 10.48 35.72 -10.63
C ALA A 160 9.21 34.87 -10.43
N ASP A 161 8.06 35.33 -10.91
CA ASP A 161 6.84 34.58 -10.66
C ASP A 161 6.69 33.42 -11.63
N LYS A 162 7.35 33.52 -12.80
CA LYS A 162 7.35 32.40 -13.76
C LYS A 162 8.39 31.34 -13.38
N LEU A 163 8.88 31.39 -12.16
CA LEU A 163 9.97 30.52 -11.76
C LEU A 163 9.50 29.14 -11.43
N ASN A 164 8.55 28.99 -10.51
CA ASN A 164 8.12 27.65 -10.05
C ASN A 164 7.50 26.83 -11.15
N ASP A 165 7.05 27.48 -12.22
CA ASP A 165 6.62 26.76 -13.43
C ASP A 165 7.81 26.13 -14.09
N GLU A 166 8.90 26.89 -14.19
CA GLU A 166 10.10 26.35 -14.82
C GLU A 166 10.71 25.25 -13.94
N LEU A 167 10.66 25.40 -12.64
CA LEU A 167 11.19 24.40 -11.77
C LEU A 167 10.43 23.08 -11.86
N ALA A 168 9.11 23.17 -11.99
CA ALA A 168 8.33 21.95 -12.12
C ALA A 168 8.57 21.37 -13.50
N ARG A 169 8.85 22.20 -14.49
CA ARG A 169 9.04 21.64 -15.80
C ARG A 169 10.31 20.84 -15.79
N LEU A 170 11.35 21.39 -15.19
CA LEU A 170 12.65 20.75 -15.24
C LEU A 170 12.77 19.53 -14.30
N GLN A 171 11.90 19.43 -13.30
CA GLN A 171 11.85 18.27 -12.43
C GLN A 171 13.20 18.09 -11.75
N ALA A 172 13.84 19.19 -11.39
CA ALA A 172 15.24 19.12 -10.95
C ALA A 172 15.39 18.26 -9.75
N ALA A 173 16.50 17.54 -9.71
CA ALA A 173 16.84 16.71 -8.54
C ALA A 173 17.63 17.50 -7.53
N GLU A 174 18.13 18.65 -7.96
CA GLU A 174 18.98 19.48 -7.12
C GLU A 174 19.03 20.90 -7.69
N ILE A 175 19.06 21.88 -6.79
CA ILE A 175 19.05 23.27 -7.18
C ILE A 175 20.25 23.99 -6.58
N LEU A 176 20.92 24.80 -7.38
CA LEU A 176 22.02 25.60 -6.88
C LEU A 176 21.55 27.04 -6.73
N LEU A 177 21.59 27.53 -5.49
CA LEU A 177 21.23 28.91 -5.17
C LEU A 177 22.41 29.75 -4.64
N PRO A 178 22.37 31.07 -4.85
CA PRO A 178 23.40 31.89 -4.24
C PRO A 178 23.20 31.95 -2.75
N ASP A 179 24.29 32.18 -2.02
CA ASP A 179 24.22 32.34 -0.56
C ASP A 179 23.67 33.69 -0.16
N SER A 180 23.61 34.60 -1.12
CA SER A 180 23.07 35.95 -0.92
C SER A 180 21.71 35.99 -0.18
N LYS A 181 21.47 37.11 0.51
CA LYS A 181 20.23 37.34 1.28
C LYS A 181 19.00 37.61 0.38
N ASN A 182 19.27 37.90 -0.90
CA ASN A 182 18.24 38.04 -1.92
C ASN A 182 18.07 36.77 -2.76
N ALA A 183 18.34 35.62 -2.17
CA ALA A 183 18.00 34.35 -2.81
C ALA A 183 16.45 34.23 -2.92
N PRO A 184 15.95 33.67 -4.03
CA PRO A 184 14.51 33.53 -4.21
C PRO A 184 13.87 32.59 -3.21
N GLN A 185 12.87 33.08 -2.48
CA GLN A 185 12.05 32.24 -1.63
C GLN A 185 11.36 31.20 -2.51
N LEU A 186 11.29 29.99 -2.01
CA LEU A 186 11.02 28.82 -2.83
C LEU A 186 10.65 27.64 -1.91
N GLN A 187 10.04 26.59 -2.47
CA GLN A 187 9.77 25.37 -1.68
C GLN A 187 11.11 24.66 -1.40
N THR A 188 11.13 23.62 -0.58
CA THR A 188 12.36 22.78 -0.45
C THR A 188 11.99 21.33 -0.15
N ALA A 189 11.66 20.48 -1.14
CA ALA A 189 11.65 20.68 -2.62
C ALA A 189 12.35 19.43 -3.12
N SER A 190 13.56 19.63 -3.65
CA SER A 190 14.54 18.60 -3.76
C SER A 190 15.67 19.04 -2.82
N GLY A 191 16.88 18.55 -3.01
CA GLY A 191 18.01 19.13 -2.30
C GLY A 191 18.25 20.53 -2.84
N VAL A 192 18.31 21.52 -1.97
CA VAL A 192 18.79 22.85 -2.37
C VAL A 192 20.19 23.10 -1.84
N THR A 193 21.10 23.47 -2.74
CA THR A 193 22.51 23.61 -2.39
C THR A 193 22.97 25.04 -2.63
N ARG A 194 23.44 25.72 -1.58
CA ARG A 194 23.78 27.15 -1.67
C ARG A 194 25.25 27.38 -1.97
N LEU A 195 25.56 28.34 -2.82
CA LEU A 195 26.90 28.43 -3.40
C LEU A 195 27.53 29.81 -3.29
N ASN A 196 27.84 30.22 -2.09
CA ASN A 196 28.90 31.20 -1.95
C ASN A 196 28.95 32.29 -3.05
N ALA A 197 27.80 32.88 -3.39
CA ALA A 197 27.70 34.13 -4.17
C ALA A 197 28.48 34.20 -5.49
N TRP A 198 29.78 34.49 -5.45
CA TRP A 198 30.53 34.87 -6.66
C TRP A 198 30.59 33.81 -7.76
N GLN A 199 30.10 32.60 -7.47
CA GLN A 199 30.16 31.53 -8.44
C GLN A 199 29.16 31.76 -9.56
N PHE A 200 28.18 32.60 -9.28
CA PHE A 200 27.22 33.06 -10.28
C PHE A 200 27.61 34.36 -10.97
N ALA A 201 28.88 34.73 -10.85
CA ALA A 201 29.45 35.89 -11.55
C ALA A 201 29.35 35.70 -13.04
N ALA A 202 28.83 36.71 -13.72
CA ALA A 202 28.64 36.63 -15.15
C ALA A 202 29.99 36.69 -15.90
N ASP A 203 30.85 37.63 -15.51
CA ASP A 203 32.14 37.79 -16.19
C ASP A 203 33.05 36.55 -15.99
N ALA A 204 33.06 36.01 -14.78
CA ALA A 204 33.82 34.78 -14.48
C ALA A 204 33.13 33.54 -15.08
N GLY A 205 31.80 33.59 -15.13
CA GLY A 205 31.00 32.55 -15.76
C GLY A 205 31.21 32.54 -17.26
N GLU A 206 31.49 33.70 -17.84
CA GLU A 206 31.79 33.74 -19.28
C GLU A 206 33.18 33.17 -19.58
N LYS A 207 34.17 33.40 -18.71
CA LYS A 207 35.51 32.87 -18.95
C LYS A 207 35.39 31.38 -18.93
N LEU A 208 34.63 30.86 -17.96
CA LEU A 208 34.52 29.42 -17.76
C LEU A 208 33.88 28.72 -18.96
N LEU A 209 32.79 29.29 -19.43
CA LEU A 209 32.09 28.78 -20.60
C LEU A 209 32.91 28.79 -21.90
N THR A 210 33.52 29.93 -22.22
CA THR A 210 34.30 30.04 -23.44
C THR A 210 35.49 29.09 -23.38
N GLU A 211 36.06 28.90 -22.20
CA GLU A 211 37.21 28.02 -22.07
C GLU A 211 36.78 26.57 -22.15
N TYR A 212 35.62 26.24 -21.62
CA TYR A 212 35.09 24.86 -21.70
C TYR A 212 34.77 24.42 -23.14
N PHE A 213 34.15 25.29 -23.92
CA PHE A 213 33.85 24.96 -25.30
C PHE A 213 34.94 25.45 -26.29
N GLY A 214 35.94 26.18 -25.79
CA GLY A 214 37.04 26.66 -26.63
C GLY A 214 36.56 27.44 -27.84
N CYS A 215 35.77 28.47 -27.56
CA CYS A 215 35.26 29.38 -28.57
C CYS A 215 35.55 30.81 -28.11
N GLN A 216 35.43 31.75 -29.04
CA GLN A 216 35.78 33.13 -28.76
C GLN A 216 34.87 33.79 -27.69
N ASP A 217 33.58 33.89 -27.97
CA ASP A 217 32.63 34.52 -27.07
C ASP A 217 31.44 33.59 -26.97
N LEU A 218 30.28 34.10 -26.60
CA LEU A 218 29.12 33.22 -26.53
C LEU A 218 28.00 33.55 -27.53
N ARG A 219 28.32 34.33 -28.56
CA ARG A 219 27.27 34.82 -29.48
C ARG A 219 26.62 33.66 -30.21
N GLY A 220 27.43 32.70 -30.66
CA GLY A 220 26.92 31.51 -31.35
C GLY A 220 25.81 30.78 -30.59
N PHE A 221 25.89 30.81 -29.27
CA PHE A 221 24.87 30.21 -28.41
C PHE A 221 23.71 31.18 -28.18
N GLY A 222 23.93 32.43 -28.52
CA GLY A 222 22.87 33.43 -28.53
C GLY A 222 22.79 34.16 -27.23
N LEU A 223 23.94 34.54 -26.67
CA LEU A 223 23.95 35.19 -25.39
C LEU A 223 24.61 36.57 -25.43
N ASP A 224 25.91 36.64 -25.18
CA ASP A 224 26.59 37.93 -24.90
C ASP A 224 26.03 38.68 -23.68
N SER A 225 26.94 39.20 -22.85
CA SER A 225 26.60 39.61 -21.48
C SER A 225 25.67 40.81 -21.38
N LYS A 226 24.89 41.07 -22.44
CA LYS A 226 23.92 42.16 -22.42
C LYS A 226 22.85 41.81 -21.40
N GLU A 227 21.75 41.21 -21.83
CA GLU A 227 20.66 40.92 -20.89
C GLU A 227 20.85 39.58 -20.24
N HIS A 228 21.49 38.68 -20.98
CA HIS A 228 21.74 37.29 -20.57
C HIS A 228 22.84 37.12 -19.53
N ALA A 229 23.37 38.21 -19.00
CA ALA A 229 24.51 38.09 -18.09
C ALA A 229 24.12 37.21 -16.92
N VAL A 230 22.94 37.44 -16.38
CA VAL A 230 22.51 36.73 -15.18
C VAL A 230 22.39 35.23 -15.41
N SER A 231 22.12 34.83 -16.64
CA SER A 231 21.98 33.42 -16.96
C SER A 231 23.36 32.83 -17.35
N ILE A 232 24.27 33.67 -17.82
CA ILE A 232 25.64 33.23 -18.09
C ILE A 232 26.30 32.83 -16.77
N GLY A 233 26.09 33.64 -15.75
CA GLY A 233 26.63 33.31 -14.43
C GLY A 233 26.04 32.03 -13.85
N ALA A 234 24.77 31.80 -14.13
CA ALA A 234 24.12 30.61 -13.63
C ALA A 234 24.67 29.36 -14.33
N ALA A 235 25.03 29.48 -15.60
CA ALA A 235 25.68 28.38 -16.30
C ALA A 235 27.03 28.18 -15.68
N GLY A 236 27.68 29.27 -15.34
CA GLY A 236 29.01 29.18 -14.79
C GLY A 236 28.97 28.41 -13.50
N ALA A 237 27.98 28.72 -12.68
CA ALA A 237 27.91 28.13 -11.35
C ALA A 237 27.69 26.64 -11.49
N LEU A 238 26.90 26.28 -12.48
CA LEU A 238 26.62 24.87 -12.73
C LEU A 238 27.89 24.14 -13.11
N LEU A 239 28.62 24.72 -14.03
CA LEU A 239 29.84 24.15 -14.58
C LEU A 239 30.86 24.03 -13.48
N ASN A 240 30.85 24.92 -12.49
CA ASN A 240 31.79 24.79 -11.40
C ASN A 240 31.41 23.70 -10.47
N TYR A 241 30.14 23.65 -10.13
CA TYR A 241 29.66 22.61 -9.23
C TYR A 241 29.90 21.19 -9.80
N ILE A 242 29.75 21.04 -11.11
CA ILE A 242 30.07 19.79 -11.76
C ILE A 242 31.54 19.50 -11.50
N ARG A 243 32.39 20.53 -11.63
CA ARG A 243 33.84 20.36 -11.49
C ARG A 243 34.22 19.96 -10.09
N LEU A 244 33.59 20.58 -9.11
CA LEU A 244 33.87 20.26 -7.72
C LEU A 244 33.40 18.87 -7.31
N THR A 245 32.37 18.35 -7.94
CA THR A 245 31.81 17.08 -7.51
C THR A 245 32.30 15.89 -8.26
N GLN A 246 32.56 16.04 -9.56
CA GLN A 246 32.90 14.90 -10.40
C GLN A 246 34.38 14.59 -10.34
N ASN A 247 34.68 13.34 -10.55
CA ASN A 247 36.05 12.89 -10.55
C ASN A 247 36.88 13.53 -11.67
N LEU A 248 36.54 13.25 -12.92
CA LEU A 248 37.14 13.89 -14.05
C LEU A 248 36.13 14.96 -14.53
N MET A 249 36.60 16.12 -15.01
CA MET A 249 35.67 17.16 -15.54
C MET A 249 35.10 16.76 -16.88
N PRO A 250 33.81 16.48 -16.93
CA PRO A 250 33.25 15.90 -18.12
C PRO A 250 33.29 16.80 -19.33
N GLN A 251 33.58 16.21 -20.48
CA GLN A 251 33.68 16.95 -21.70
C GLN A 251 32.52 16.62 -22.66
N HIS A 252 31.44 16.06 -22.14
CA HIS A 252 30.34 15.61 -22.98
C HIS A 252 29.13 16.53 -22.94
N LEU A 253 29.23 17.67 -22.30
CA LEU A 253 28.08 18.55 -22.21
C LEU A 253 27.80 19.15 -23.56
N ASP A 254 26.69 18.76 -24.15
CA ASP A 254 26.39 19.19 -25.51
C ASP A 254 26.17 20.66 -25.49
N GLY A 255 26.52 21.29 -26.62
CA GLY A 255 26.37 22.73 -26.85
C GLY A 255 26.02 23.51 -25.61
N LEU A 256 25.16 24.51 -25.79
CA LEU A 256 24.63 25.31 -24.70
C LEU A 256 23.61 26.23 -25.32
N SER A 257 22.37 25.80 -25.33
CA SER A 257 21.35 26.54 -26.06
C SER A 257 20.56 27.42 -25.11
N LEU A 258 20.16 28.57 -25.64
CA LEU A 258 19.28 29.49 -24.95
C LEU A 258 17.85 29.04 -25.18
N GLU A 259 17.11 28.78 -24.13
CA GLU A 259 15.71 28.46 -24.31
C GLU A 259 14.86 29.72 -24.27
N THR A 260 14.10 29.90 -25.34
CA THR A 260 13.17 30.96 -25.45
C THR A 260 11.81 30.35 -25.18
N ASP A 261 10.86 31.20 -24.83
CA ASP A 261 9.53 30.73 -24.49
C ASP A 261 8.78 30.32 -25.76
N SER A 262 9.22 30.76 -26.91
CA SER A 262 8.52 30.51 -28.15
C SER A 262 8.68 29.11 -28.69
N GLN A 263 9.55 28.31 -28.10
CA GLN A 263 9.96 27.04 -28.71
C GLN A 263 8.97 25.91 -28.45
N TYR A 264 8.43 25.93 -27.24
CA TYR A 264 7.54 24.88 -26.77
C TYR A 264 6.22 25.43 -26.29
N ILE A 265 5.20 24.60 -26.44
CA ILE A 265 3.89 24.90 -25.86
C ILE A 265 3.98 24.94 -24.35
N GLY A 266 3.92 26.12 -23.80
CA GLY A 266 4.10 26.28 -22.38
C GLY A 266 2.95 25.68 -21.63
N MET A 267 3.24 25.19 -20.44
CA MET A 267 2.24 24.64 -19.54
C MET A 267 2.71 24.96 -18.14
N ASP A 268 1.82 25.47 -17.31
CA ASP A 268 2.19 25.78 -15.94
C ASP A 268 2.31 24.49 -15.17
N ALA A 269 2.87 24.60 -13.97
CA ALA A 269 3.11 23.42 -13.13
C ALA A 269 1.84 22.65 -12.92
N ALA A 270 0.80 23.36 -12.51
CA ALA A 270 -0.48 22.72 -12.22
C ALA A 270 -1.06 22.01 -13.44
N THR A 271 -0.87 22.58 -14.61
CA THR A 271 -1.31 21.92 -15.80
C THR A 271 -0.55 20.62 -16.09
N ARG A 272 0.75 20.59 -15.81
CA ARG A 272 1.49 19.35 -16.03
C ARG A 272 0.94 18.28 -15.10
N ARG A 273 0.60 18.68 -13.87
CA ARG A 273 0.18 17.74 -12.84
C ARG A 273 -1.16 17.20 -13.14
N ASN A 274 -2.05 18.10 -13.53
CA ASN A 274 -3.43 17.80 -13.75
C ASN A 274 -3.64 16.88 -14.92
N LEU A 275 -2.85 17.05 -15.97
CA LEU A 275 -2.99 16.21 -17.16
C LEU A 275 -2.36 14.85 -16.94
N GLU A 276 -1.59 14.70 -15.86
CA GLU A 276 -0.97 13.45 -15.50
C GLU A 276 0.01 13.00 -16.60
N ILE A 277 0.94 13.87 -16.96
CA ILE A 277 1.80 13.62 -18.09
C ILE A 277 2.81 12.56 -17.74
N THR A 278 3.59 12.83 -16.69
CA THR A 278 4.51 11.82 -16.15
C THR A 278 4.27 11.47 -14.68
N GLN A 279 3.09 11.70 -14.16
CA GLN A 279 2.90 11.50 -12.75
C GLN A 279 1.45 11.77 -12.45
N THR A 280 0.88 10.95 -11.59
CA THR A 280 -0.55 11.06 -11.29
C THR A 280 -0.83 12.18 -10.29
N LEU A 281 -2.10 12.33 -9.91
CA LEU A 281 -2.48 13.32 -8.90
C LEU A 281 -2.20 12.81 -7.50
N SER A 282 -2.07 11.50 -7.35
CA SER A 282 -1.55 10.90 -6.13
C SER A 282 -0.04 10.57 -6.26
N GLY A 283 0.59 11.05 -7.34
CA GLY A 283 2.04 10.96 -7.51
C GLY A 283 2.65 9.59 -7.79
N LYS A 284 2.23 8.94 -8.87
CA LYS A 284 2.71 7.60 -9.24
C LYS A 284 2.91 7.39 -10.74
N LYS A 285 3.00 6.13 -11.17
CA LYS A 285 2.97 5.74 -12.59
C LYS A 285 1.70 4.89 -12.91
N THR A 286 0.70 5.05 -12.03
CA THR A 286 -0.64 4.49 -12.21
C THR A 286 -1.33 5.26 -13.31
N PRO A 287 -1.66 4.61 -14.43
CA PRO A 287 -1.89 5.18 -15.72
C PRO A 287 -1.62 6.68 -15.91
N THR A 288 -0.49 7.00 -16.51
CA THR A 288 -0.24 8.34 -16.94
C THR A 288 -0.12 8.37 -18.46
N LEU A 289 0.01 9.56 -19.01
CA LEU A 289 0.15 9.69 -20.44
C LEU A 289 1.44 9.01 -20.89
N PHE A 290 2.46 9.06 -20.02
CA PHE A 290 3.76 8.53 -20.35
C PHE A 290 3.76 7.01 -20.28
N SER A 291 3.07 6.46 -19.29
CA SER A 291 3.06 5.00 -19.08
C SER A 291 2.22 4.33 -20.13
N ILE A 292 1.20 5.03 -20.58
CA ILE A 292 0.36 4.50 -21.61
C ILE A 292 1.05 4.53 -22.96
N LEU A 293 2.06 5.35 -23.13
CA LEU A 293 2.73 5.42 -24.40
C LEU A 293 4.09 4.82 -24.36
N ASP A 294 4.54 4.31 -23.21
CA ASP A 294 5.96 3.98 -23.07
C ASP A 294 6.25 2.60 -23.53
N GLY A 295 6.40 2.43 -24.83
CA GLY A 295 6.72 1.15 -25.38
C GLY A 295 8.11 1.19 -25.91
N CYS A 296 9.00 1.94 -25.26
CA CYS A 296 10.33 2.10 -25.77
C CYS A 296 11.17 0.89 -25.46
N ALA A 297 12.05 0.53 -26.38
CA ALA A 297 12.86 -0.65 -26.26
C ALA A 297 14.05 -0.36 -25.38
N THR A 298 14.47 0.89 -25.29
CA THR A 298 15.65 1.25 -24.51
C THR A 298 15.28 2.12 -23.32
N HIS A 299 16.19 2.22 -22.37
CA HIS A 299 15.98 3.10 -21.24
C HIS A 299 16.11 4.53 -21.68
N MET A 300 17.14 4.84 -22.48
CA MET A 300 17.35 6.18 -23.05
C MET A 300 16.17 6.64 -23.97
N GLY A 301 15.47 5.68 -24.57
CA GLY A 301 14.29 5.99 -25.37
C GLY A 301 13.14 6.37 -24.46
N SER A 302 12.98 5.64 -23.39
CA SER A 302 11.93 5.98 -22.45
C SER A 302 12.13 7.36 -21.86
N ARG A 303 13.36 7.68 -21.52
CA ARG A 303 13.62 9.00 -20.95
C ARG A 303 13.37 10.14 -21.95
N LEU A 304 13.73 9.88 -23.21
CA LEU A 304 13.50 10.84 -24.26
C LEU A 304 12.03 11.10 -24.42
N LEU A 305 11.21 10.05 -24.38
CA LEU A 305 9.76 10.23 -24.50
C LEU A 305 9.22 11.10 -23.38
N ALA A 306 9.79 10.97 -22.18
CA ALA A 306 9.34 11.79 -21.08
C ALA A 306 9.66 13.22 -21.43
N LEU A 307 10.80 13.42 -22.08
CA LEU A 307 11.19 14.76 -22.46
C LEU A 307 10.21 15.33 -23.45
N TRP A 308 9.77 14.51 -24.40
CA TRP A 308 9.01 15.05 -25.50
C TRP A 308 7.62 15.40 -25.06
N LEU A 309 7.09 14.60 -24.16
CA LEU A 309 5.73 14.82 -23.71
C LEU A 309 5.62 16.10 -22.92
N HIS A 310 6.72 16.54 -22.33
CA HIS A 310 6.73 17.83 -21.62
C HIS A 310 7.19 19.02 -22.45
N HIS A 311 7.72 18.77 -23.63
CA HIS A 311 8.13 19.84 -24.51
C HIS A 311 7.54 19.69 -25.91
N PRO A 312 6.22 19.95 -26.03
CA PRO A 312 5.60 19.91 -27.32
C PRO A 312 6.10 21.08 -28.12
N LEU A 313 6.48 20.81 -29.37
CA LEU A 313 7.15 21.84 -30.18
C LEU A 313 6.14 22.84 -30.70
N ARG A 314 6.54 24.10 -30.82
CA ARG A 314 5.77 25.10 -31.56
C ARG A 314 6.18 25.05 -33.04
N ASN A 315 7.47 24.94 -33.33
CA ASN A 315 7.90 24.92 -34.72
C ASN A 315 7.26 23.76 -35.53
N ARG A 316 6.38 24.09 -36.46
CA ARG A 316 5.55 23.05 -37.09
C ARG A 316 6.35 22.25 -38.10
N ALA A 317 7.54 22.76 -38.44
CA ALA A 317 8.44 22.06 -39.36
C ALA A 317 9.09 20.86 -38.70
N HIS A 318 9.63 21.09 -37.49
CA HIS A 318 10.24 20.02 -36.71
C HIS A 318 9.20 18.96 -36.43
N ILE A 319 7.97 19.39 -36.13
CA ILE A 319 6.92 18.45 -35.82
C ILE A 319 6.64 17.54 -37.01
N ARG A 320 6.61 18.13 -38.21
CA ARG A 320 6.40 17.36 -39.44
C ARG A 320 7.64 16.46 -39.76
N ALA A 321 8.82 17.00 -39.47
CA ALA A 321 10.03 16.21 -39.62
C ALA A 321 9.88 14.90 -38.88
N ARG A 322 9.36 14.99 -37.67
CA ARG A 322 9.16 13.83 -36.80
C ARG A 322 8.05 12.95 -37.37
N GLN A 323 6.99 13.59 -37.84
CA GLN A 323 5.84 12.87 -38.40
C GLN A 323 6.20 12.14 -39.68
N GLU A 324 7.07 12.74 -40.49
CA GLU A 324 7.48 12.09 -41.73
C GLU A 324 8.16 10.80 -41.34
N ALA A 325 8.91 10.84 -40.25
CA ALA A 325 9.68 9.68 -39.83
C ALA A 325 8.75 8.58 -39.37
N VAL A 326 7.76 8.95 -38.56
CA VAL A 326 6.95 7.91 -37.96
C VAL A 326 6.14 7.19 -39.01
N THR A 327 5.64 7.92 -40.02
CA THR A 327 4.89 7.31 -41.14
C THR A 327 5.81 6.39 -41.89
N ALA A 328 7.07 6.79 -42.07
CA ALA A 328 8.05 5.97 -42.78
C ALA A 328 8.40 4.67 -42.04
N LEU A 329 8.30 4.72 -40.71
CA LEU A 329 8.68 3.56 -39.90
C LEU A 329 7.56 2.55 -39.76
N GLU A 330 6.40 2.88 -40.32
CA GLU A 330 5.19 2.09 -40.13
C GLU A 330 5.39 0.67 -40.63
N SER A 331 6.21 0.53 -41.66
CA SER A 331 6.41 -0.76 -42.34
C SER A 331 7.65 -1.50 -41.87
N GLN A 332 8.38 -0.97 -40.88
CA GLN A 332 9.71 -1.50 -40.54
C GLN A 332 10.09 -1.33 -39.06
N TYR A 333 9.10 -1.25 -38.15
CA TYR A 333 9.39 -1.06 -36.72
C TYR A 333 9.59 -2.36 -35.91
N GLU A 334 9.14 -3.50 -36.43
CA GLU A 334 9.32 -4.77 -35.71
C GLU A 334 10.77 -5.33 -35.77
N PRO A 335 11.51 -5.12 -36.88
CA PRO A 335 12.95 -5.40 -36.86
C PRO A 335 13.75 -4.38 -36.06
N LEU A 336 13.33 -3.12 -36.11
CA LEU A 336 14.02 -2.05 -35.38
C LEU A 336 13.95 -2.29 -33.90
N GLN A 337 12.77 -2.57 -33.40
CA GLN A 337 12.60 -2.68 -31.97
C GLN A 337 13.20 -3.95 -31.41
N CYS A 338 13.69 -4.83 -32.26
CA CYS A 338 14.43 -5.98 -31.76
C CYS A 338 15.90 -5.68 -31.57
N HIS A 339 16.49 -4.93 -32.48
CA HIS A 339 17.87 -4.47 -32.30
C HIS A 339 18.00 -3.58 -31.10
N LEU A 340 17.16 -2.56 -31.01
CA LEU A 340 17.25 -1.60 -29.94
C LEU A 340 17.03 -2.26 -28.59
N LYS A 341 16.26 -3.34 -28.55
CA LYS A 341 15.87 -3.96 -27.30
C LYS A 341 17.09 -4.65 -26.68
N SER A 342 18.13 -4.86 -27.48
CA SER A 342 19.31 -5.58 -27.02
C SER A 342 20.53 -4.67 -26.90
N ILE A 343 20.36 -3.37 -27.00
CA ILE A 343 21.48 -2.48 -26.72
C ILE A 343 21.39 -2.01 -25.28
N ALA A 344 22.50 -1.59 -24.68
CA ALA A 344 22.50 -1.20 -23.25
C ALA A 344 22.32 0.29 -23.16
N ASP A 345 22.49 0.87 -21.98
CA ASP A 345 22.27 2.31 -21.82
C ASP A 345 23.51 3.08 -22.23
N ILE A 346 23.71 3.29 -23.53
CA ILE A 346 24.94 3.90 -24.00
C ILE A 346 25.02 5.40 -23.72
N GLU A 347 23.86 6.04 -23.50
CA GLU A 347 23.82 7.44 -23.12
C GLU A 347 24.44 7.61 -21.76
N ARG A 348 24.13 6.71 -20.82
CA ARG A 348 24.74 6.74 -19.47
C ARG A 348 26.17 6.30 -19.46
N ILE A 349 26.51 5.33 -20.31
CA ILE A 349 27.87 4.84 -20.36
C ILE A 349 28.77 5.95 -20.90
N ALA A 350 28.28 6.71 -21.87
CA ALA A 350 29.04 7.84 -22.36
C ALA A 350 29.22 8.83 -21.21
N ALA A 351 28.24 8.91 -20.31
CA ALA A 351 28.31 9.86 -19.21
C ALA A 351 29.37 9.44 -18.23
N ARG A 352 29.33 8.17 -17.85
CA ARG A 352 30.33 7.64 -16.91
C ARG A 352 31.73 7.72 -17.48
N ILE A 353 31.89 7.51 -18.77
CA ILE A 353 33.18 7.74 -19.38
C ILE A 353 33.63 9.19 -19.18
N ALA A 354 32.72 10.14 -19.40
CA ALA A 354 33.05 11.57 -19.37
C ALA A 354 33.49 12.05 -18.01
N VAL A 355 32.86 11.51 -16.96
CA VAL A 355 33.22 11.87 -15.56
C VAL A 355 34.26 10.95 -14.89
N GLY A 356 34.94 10.16 -15.71
CA GLY A 356 35.99 9.29 -15.23
C GLY A 356 35.52 8.26 -14.22
N ASN A 357 34.45 7.59 -14.58
CA ASN A 357 33.74 6.78 -13.64
C ASN A 357 33.37 5.46 -14.26
N ALA A 358 33.93 5.17 -15.43
CA ALA A 358 33.54 3.99 -16.20
C ALA A 358 34.41 2.85 -15.80
N ARG A 359 33.79 1.68 -15.77
CA ARG A 359 34.45 0.48 -15.34
C ARG A 359 34.51 -0.50 -16.51
N PRO A 360 35.43 -1.47 -16.45
CA PRO A 360 35.65 -2.39 -17.55
C PRO A 360 34.42 -2.91 -18.28
N ARG A 361 33.40 -3.40 -17.60
CA ARG A 361 32.26 -4.00 -18.35
C ARG A 361 31.37 -3.02 -19.04
N ASP A 362 31.44 -1.75 -18.66
CA ASP A 362 30.73 -0.70 -19.39
C ASP A 362 31.23 -0.63 -20.85
N LEU A 363 32.55 -0.70 -21.03
CA LEU A 363 33.13 -0.67 -22.37
C LEU A 363 32.74 -1.90 -23.18
N ALA A 364 32.65 -3.04 -22.50
CA ALA A 364 32.14 -4.23 -23.15
C ALA A 364 30.74 -4.02 -23.68
N SER A 365 29.83 -3.48 -22.86
CA SER A 365 28.44 -3.21 -23.27
C SER A 365 28.36 -2.18 -24.37
N LEU A 366 29.20 -1.14 -24.26
CA LEU A 366 29.21 -0.06 -25.24
C LEU A 366 29.70 -0.57 -26.59
N ARG A 367 30.72 -1.40 -26.50
CA ARG A 367 31.31 -2.01 -27.68
C ARG A 367 30.25 -2.80 -28.40
N ASP A 368 29.57 -3.67 -27.66
CA ASP A 368 28.65 -4.60 -28.25
C ASP A 368 27.40 -3.93 -28.73
N SER A 369 26.94 -2.89 -28.07
CA SER A 369 25.75 -2.25 -28.55
C SER A 369 26.06 -1.34 -29.74
N LEU A 370 27.24 -0.74 -29.79
CA LEU A 370 27.60 0.10 -30.94
C LEU A 370 27.71 -0.71 -32.22
N PHE A 371 28.12 -1.98 -32.06
CA PHE A 371 28.11 -2.95 -33.13
C PHE A 371 26.65 -3.30 -33.52
N GLU A 372 25.79 -3.45 -32.52
CA GLU A 372 24.41 -3.77 -32.76
C GLU A 372 23.71 -2.57 -33.36
N LEU A 373 24.16 -1.37 -33.06
CA LEU A 373 23.62 -0.22 -33.75
C LEU A 373 24.09 -0.14 -35.21
N ALA A 374 25.31 -0.61 -35.48
CA ALA A 374 25.83 -0.56 -36.85
C ALA A 374 25.08 -1.48 -37.79
N GLN A 375 24.37 -2.46 -37.24
CA GLN A 375 23.57 -3.37 -38.05
C GLN A 375 22.19 -2.83 -38.42
N ILE A 376 21.86 -1.63 -37.99
CA ILE A 376 20.59 -1.06 -38.35
C ILE A 376 20.70 -0.34 -39.68
N ASP A 377 21.92 -0.15 -40.19
CA ASP A 377 22.13 0.52 -41.49
C ASP A 377 21.22 -0.05 -42.60
N LEU A 378 21.02 -1.38 -42.60
CA LEU A 378 19.94 -2.00 -43.37
C LEU A 378 18.68 -1.74 -42.55
N SER A 379 18.13 -2.78 -41.92
CA SER A 379 16.96 -2.66 -41.04
C SER A 379 15.83 -1.75 -41.59
N ALA A 380 16.19 -0.52 -41.97
CA ALA A 380 15.25 0.44 -42.53
C ALA A 380 15.97 1.56 -43.28
N THR A 381 15.26 2.24 -44.19
CA THR A 381 15.78 3.49 -44.77
C THR A 381 14.71 4.58 -44.66
N GLY A 382 14.21 5.10 -45.77
CA GLY A 382 13.08 6.01 -45.73
C GLY A 382 13.23 7.27 -46.55
N SER A 383 12.78 8.37 -45.99
CA SER A 383 12.76 9.67 -46.66
C SER A 383 12.36 10.80 -45.68
N SER A 384 13.27 11.12 -44.74
CA SER A 384 13.03 12.15 -43.78
C SER A 384 14.30 12.53 -43.01
N LEU A 385 14.08 13.14 -41.86
CA LEU A 385 15.00 13.13 -40.72
C LEU A 385 15.67 11.78 -40.44
N LEU A 386 14.96 10.67 -40.67
CA LEU A 386 15.53 9.31 -40.57
C LEU A 386 16.88 9.14 -41.27
N GLU A 387 17.02 9.70 -42.47
CA GLU A 387 18.23 9.48 -43.22
C GLU A 387 19.45 10.12 -42.56
N THR A 388 19.25 11.17 -41.77
CA THR A 388 20.35 11.72 -40.97
C THR A 388 20.62 10.82 -39.77
N LEU A 389 19.56 10.24 -39.22
CA LEU A 389 19.70 9.23 -38.12
C LEU A 389 20.50 8.01 -38.55
N LYS A 390 20.17 7.47 -39.72
CA LYS A 390 20.83 6.28 -40.22
C LYS A 390 22.29 6.55 -40.45
N ALA A 391 22.63 7.80 -40.83
CA ALA A 391 24.00 8.19 -41.20
C ALA A 391 24.95 8.13 -40.02
N VAL A 392 24.35 8.20 -38.83
CA VAL A 392 25.09 8.29 -37.60
C VAL A 392 25.67 6.93 -37.17
N PHE A 393 24.93 5.86 -37.38
CA PHE A 393 25.28 4.59 -36.76
C PHE A 393 26.53 3.96 -37.31
N PRO A 394 26.70 4.01 -38.64
CA PRO A 394 27.96 3.51 -39.14
C PRO A 394 29.14 4.43 -38.81
N GLU A 395 28.87 5.70 -38.50
CA GLU A 395 29.93 6.70 -38.18
C GLU A 395 30.72 6.29 -36.95
N THR A 396 30.10 5.46 -36.14
CA THR A 396 30.58 5.11 -34.82
C THR A 396 31.30 3.74 -34.77
N LEU A 397 31.35 3.04 -35.90
CA LEU A 397 32.05 1.75 -35.97
C LEU A 397 33.53 1.82 -35.62
N PRO A 398 34.25 2.86 -36.10
CA PRO A 398 35.65 3.06 -35.69
C PRO A 398 35.89 3.00 -34.18
N VAL A 399 34.95 3.52 -33.40
CA VAL A 399 35.01 3.40 -31.94
C VAL A 399 34.78 1.95 -31.50
N ALA A 400 33.83 1.26 -32.12
CA ALA A 400 33.56 -0.12 -31.77
C ALA A 400 34.73 -1.04 -32.05
N GLU A 401 35.43 -0.81 -33.15
CA GLU A 401 36.54 -1.69 -33.56
C GLU A 401 37.66 -1.62 -32.56
N THR A 402 38.00 -0.41 -32.18
CA THR A 402 39.08 -0.21 -31.24
C THR A 402 38.74 -0.81 -29.89
N LEU A 403 37.46 -0.79 -29.54
CA LEU A 403 37.02 -1.44 -28.31
C LEU A 403 37.04 -2.96 -28.42
N LYS A 404 36.81 -3.47 -29.63
CA LYS A 404 36.84 -4.90 -29.84
C LYS A 404 38.24 -5.38 -29.69
N ALA A 405 39.20 -4.58 -30.15
CA ALA A 405 40.60 -4.97 -30.12
C ALA A 405 41.25 -4.77 -28.75
N ALA A 406 40.74 -3.84 -27.96
CA ALA A 406 41.41 -3.49 -26.71
C ALA A 406 40.81 -4.16 -25.48
N VAL A 407 39.53 -4.52 -25.55
CA VAL A 407 38.84 -5.09 -24.38
C VAL A 407 38.42 -6.54 -24.63
N MET A 408 38.55 -7.37 -23.60
CA MET A 408 38.11 -8.75 -23.70
C MET A 408 36.67 -8.83 -24.08
N PRO A 409 36.27 -9.93 -24.70
CA PRO A 409 34.86 -10.19 -24.86
C PRO A 409 34.12 -10.19 -23.54
N GLU A 410 34.73 -10.74 -22.49
CA GLU A 410 34.18 -10.56 -21.17
C GLU A 410 35.27 -10.16 -20.22
N PRO A 411 35.41 -8.86 -19.96
CA PRO A 411 36.44 -8.42 -18.99
C PRO A 411 36.05 -8.66 -17.52
N SER A 412 37.04 -8.71 -16.63
CA SER A 412 36.79 -8.83 -15.19
C SER A 412 36.16 -7.55 -14.69
N VAL A 413 35.54 -7.65 -13.52
CA VAL A 413 34.70 -6.56 -13.03
C VAL A 413 35.56 -5.38 -12.67
N TRP A 414 36.64 -5.63 -11.95
CA TRP A 414 37.52 -4.58 -11.48
C TRP A 414 38.78 -4.59 -12.29
N LEU A 415 39.18 -3.42 -12.79
CA LEU A 415 40.41 -3.29 -13.59
C LEU A 415 41.61 -3.73 -12.81
N LYS A 416 41.57 -3.58 -11.48
CA LYS A 416 42.71 -3.86 -10.62
C LYS A 416 43.07 -5.34 -10.68
N ASP A 417 42.12 -6.18 -11.11
CA ASP A 417 42.34 -7.63 -11.12
C ASP A 417 42.99 -8.11 -12.41
N GLY A 418 43.25 -7.23 -13.35
CA GLY A 418 43.69 -7.66 -14.67
C GLY A 418 42.61 -8.41 -15.46
N ASN A 419 43.04 -9.06 -16.53
CA ASN A 419 42.12 -9.68 -17.49
C ASN A 419 41.02 -8.79 -17.98
N VAL A 420 41.42 -7.60 -18.39
CA VAL A 420 40.51 -6.65 -19.00
C VAL A 420 40.95 -6.39 -20.42
N ILE A 421 42.21 -6.02 -20.58
CA ILE A 421 42.75 -5.80 -21.91
C ILE A 421 42.78 -7.12 -22.71
N ASN A 422 42.42 -7.04 -23.98
CA ASN A 422 42.29 -8.19 -24.83
C ASN A 422 43.61 -8.88 -25.15
N HIS A 423 43.52 -10.10 -25.66
CA HIS A 423 44.70 -10.83 -26.06
C HIS A 423 45.14 -10.30 -27.39
N GLY A 424 46.42 -9.96 -27.51
CA GLY A 424 46.95 -9.49 -28.78
C GLY A 424 46.96 -8.00 -28.96
N PHE A 425 46.28 -7.26 -28.09
CA PHE A 425 46.25 -5.80 -28.23
C PHE A 425 47.62 -5.25 -28.00
N HIS A 426 48.30 -5.80 -26.99
CA HIS A 426 49.67 -5.42 -26.70
C HIS A 426 50.49 -6.70 -26.58
N PRO A 427 51.59 -6.78 -27.36
CA PRO A 427 52.42 -7.99 -27.41
C PRO A 427 53.13 -8.23 -26.08
N GLU A 428 53.59 -7.16 -25.45
CA GLU A 428 54.27 -7.25 -24.17
C GLU A 428 53.34 -7.84 -23.13
N LEU A 429 52.10 -7.37 -23.08
CA LEU A 429 51.13 -7.86 -22.10
C LEU A 429 50.88 -9.35 -22.29
N ASP A 430 50.83 -9.81 -23.53
CA ASP A 430 50.58 -11.21 -23.80
C ASP A 430 51.72 -12.02 -23.25
N GLU A 431 52.94 -11.53 -23.49
CA GLU A 431 54.16 -12.18 -23.00
C GLU A 431 54.21 -12.23 -21.46
N LEU A 432 53.92 -11.09 -20.83
CA LEU A 432 53.86 -10.98 -19.37
C LEU A 432 52.83 -11.94 -18.86
N ARG A 433 51.72 -11.99 -19.57
CA ARG A 433 50.58 -12.79 -19.15
C ARG A 433 50.91 -14.25 -19.40
N ARG A 434 51.84 -14.50 -20.30
CA ARG A 434 52.21 -15.88 -20.66
C ARG A 434 52.88 -16.61 -19.53
N ILE A 435 53.64 -15.88 -18.71
CA ILE A 435 54.16 -16.44 -17.47
C ILE A 435 52.96 -16.73 -16.50
N GLN A 436 52.43 -17.94 -16.66
CA GLN A 436 51.24 -18.39 -15.96
C GLN A 436 51.13 -19.91 -16.12
N ASN A 437 51.36 -20.40 -17.33
CA ASN A 437 51.55 -21.82 -17.51
C ASN A 437 52.88 -22.20 -16.86
N HIS A 438 53.88 -21.33 -17.02
CA HIS A 438 55.14 -21.47 -16.31
C HIS A 438 54.85 -21.41 -14.81
N GLY A 439 53.65 -20.98 -14.44
CA GLY A 439 53.24 -20.96 -13.04
C GLY A 439 53.05 -22.39 -12.60
N ASP A 440 52.00 -23.01 -13.11
CA ASP A 440 51.59 -24.29 -12.60
C ASP A 440 52.50 -25.41 -13.08
N GLU A 441 53.01 -25.31 -14.30
CA GLU A 441 53.83 -26.40 -14.86
C GLU A 441 55.25 -26.46 -14.27
N PHE A 442 55.82 -25.32 -13.93
CA PHE A 442 57.12 -25.28 -13.28
C PHE A 442 56.99 -25.83 -11.86
N LEU A 443 55.81 -25.69 -11.25
CA LEU A 443 55.60 -26.20 -9.88
C LEU A 443 55.32 -27.69 -9.87
N LEU A 444 54.59 -28.19 -10.86
CA LEU A 444 54.43 -29.64 -11.01
C LEU A 444 55.80 -30.29 -11.28
N ASP A 445 56.60 -29.62 -12.13
CA ASP A 445 58.00 -30.04 -12.41
C ASP A 445 58.91 -29.85 -11.19
N LEU A 446 58.38 -29.33 -10.09
CA LEU A 446 59.19 -29.06 -8.92
C LEU A 446 58.73 -29.94 -7.75
N GLU A 447 57.42 -30.07 -7.54
CA GLU A 447 56.89 -31.01 -6.54
C GLU A 447 57.44 -32.42 -6.79
N ALA A 448 57.24 -32.94 -8.00
CA ALA A 448 57.72 -34.27 -8.38
C ALA A 448 59.22 -34.38 -8.23
N LYS A 449 59.93 -33.28 -8.47
CA LYS A 449 61.37 -33.24 -8.24
C LYS A 449 61.74 -33.03 -6.79
N GLU A 450 60.76 -33.08 -5.89
CA GLU A 450 61.04 -33.01 -4.47
C GLU A 450 60.41 -34.18 -3.72
N ARG A 451 59.38 -34.82 -4.30
CA ARG A 451 58.75 -36.02 -3.71
C ARG A 451 59.80 -37.12 -3.68
N GLU A 452 60.38 -37.42 -4.84
CA GLU A 452 61.42 -38.45 -4.94
C GLU A 452 62.72 -38.07 -4.23
N ARG A 453 62.94 -36.77 -4.09
CA ARG A 453 64.14 -36.26 -3.42
C ARG A 453 64.01 -36.31 -1.87
N THR A 454 62.79 -36.46 -1.36
CA THR A 454 62.55 -36.54 0.07
C THR A 454 61.82 -37.81 0.46
N GLY A 455 61.25 -38.53 -0.50
CA GLY A 455 60.46 -39.74 -0.20
C GLY A 455 59.14 -39.41 0.49
N LEU A 456 58.60 -38.22 0.24
CA LEU A 456 57.38 -37.75 0.90
C LEU A 456 56.36 -37.32 -0.15
N SER A 457 55.24 -38.04 -0.21
CA SER A 457 54.07 -37.61 -1.01
C SER A 457 53.19 -36.68 -0.17
N THR A 458 53.71 -36.29 1.00
CA THR A 458 53.07 -35.31 1.87
C THR A 458 53.87 -33.98 1.86
N LEU A 459 54.16 -33.50 0.65
CA LEU A 459 54.65 -32.15 0.42
C LEU A 459 54.12 -31.57 -0.91
N LYS A 460 53.62 -30.35 -0.84
CA LYS A 460 53.11 -29.63 -2.00
C LYS A 460 53.59 -28.20 -1.88
N VAL A 461 53.79 -27.54 -3.01
CA VAL A 461 54.19 -26.15 -2.99
C VAL A 461 52.98 -25.27 -2.66
N GLU A 462 53.04 -24.53 -1.56
CA GLU A 462 51.91 -23.70 -1.17
C GLU A 462 52.18 -22.19 -1.30
N PHE A 463 51.16 -21.38 -1.05
CA PHE A 463 51.34 -19.94 -1.15
C PHE A 463 50.48 -19.23 -0.16
N ASN A 464 50.99 -18.17 0.45
CA ASN A 464 50.12 -17.25 1.12
C ASN A 464 50.62 -15.82 0.94
N ARG A 465 49.73 -14.87 1.16
CA ARG A 465 49.98 -13.50 0.80
C ARG A 465 51.18 -12.94 1.57
N VAL A 466 51.34 -13.45 2.79
CA VAL A 466 52.30 -12.91 3.77
C VAL A 466 53.70 -13.43 3.51
N HIS A 467 53.82 -14.75 3.33
CA HIS A 467 55.11 -15.46 3.21
C HIS A 467 55.60 -15.67 1.77
N GLY A 468 54.67 -15.72 0.83
CA GLY A 468 54.97 -16.00 -0.57
C GLY A 468 54.97 -17.49 -0.77
N PHE A 469 55.74 -17.95 -1.74
CA PHE A 469 55.81 -19.38 -2.01
C PHE A 469 56.64 -20.06 -0.93
N TYR A 470 56.29 -21.30 -0.63
CA TYR A 470 56.98 -22.09 0.37
C TYR A 470 56.72 -23.57 0.20
N ILE A 471 57.47 -24.37 0.95
CA ILE A 471 57.21 -25.81 1.09
C ILE A 471 57.22 -26.19 2.56
N GLU A 472 56.18 -26.89 3.04
CA GLU A 472 56.06 -27.23 4.46
C GLU A 472 56.16 -28.74 4.73
N LEU A 473 56.76 -29.07 5.86
CA LEU A 473 56.96 -30.46 6.26
C LEU A 473 56.69 -30.60 7.74
N SER A 474 56.11 -31.73 8.14
CA SER A 474 55.77 -31.97 9.54
C SER A 474 57.02 -31.84 10.43
N LYS A 475 56.81 -31.53 11.71
CA LYS A 475 57.93 -31.39 12.64
C LYS A 475 58.78 -32.67 12.68
N THR A 476 58.11 -33.80 12.51
CA THR A 476 58.76 -35.10 12.36
C THR A 476 59.64 -35.06 11.11
N GLN A 477 59.09 -34.57 10.00
CA GLN A 477 59.80 -34.52 8.72
C GLN A 477 60.60 -33.25 8.53
N ALA A 478 60.44 -32.28 9.43
CA ALA A 478 61.22 -31.06 9.37
C ALA A 478 62.70 -31.41 9.50
N GLU A 479 62.97 -32.47 10.24
CA GLU A 479 64.34 -32.99 10.43
C GLU A 479 64.84 -33.70 9.18
N GLN A 480 63.92 -34.05 8.29
CA GLN A 480 64.28 -34.75 7.05
C GLN A 480 64.66 -33.77 5.94
N ALA A 481 64.55 -32.48 6.21
CA ALA A 481 64.75 -31.46 5.18
C ALA A 481 66.23 -31.12 4.95
N PRO A 482 66.63 -30.88 3.69
CA PRO A 482 68.01 -30.45 3.41
C PRO A 482 68.32 -29.03 3.90
N ALA A 483 69.60 -28.67 3.99
CA ALA A 483 70.04 -27.28 4.25
C ALA A 483 69.99 -26.45 2.97
N ASP A 484 69.64 -27.13 1.87
CA ASP A 484 69.17 -26.48 0.63
C ASP A 484 67.86 -25.68 0.88
N TYR A 485 67.04 -26.17 1.82
CA TYR A 485 65.86 -25.46 2.25
C TYR A 485 66.27 -24.33 3.21
N GLN A 486 65.47 -23.26 3.25
CA GLN A 486 65.85 -22.04 3.95
C GLN A 486 65.04 -21.76 5.23
N ARG A 487 63.77 -22.16 5.24
CA ARG A 487 62.93 -22.04 6.43
C ARG A 487 62.55 -20.57 6.72
N ARG A 488 61.45 -20.40 7.46
CA ARG A 488 61.20 -19.15 8.20
C ARG A 488 60.29 -19.38 9.47
N GLN A 489 58.98 -19.12 9.38
CA GLN A 489 58.08 -19.26 10.54
C GLN A 489 57.87 -20.72 11.01
N THR A 490 57.76 -20.91 12.33
CA THR A 490 57.50 -22.22 12.92
C THR A 490 56.01 -22.44 13.22
N LEU A 491 55.53 -23.65 12.99
CA LEU A 491 54.11 -23.96 13.15
C LEU A 491 53.86 -24.94 14.31
N LYS A 492 52.84 -25.78 14.20
CA LYS A 492 52.41 -26.68 15.27
C LYS A 492 52.55 -28.14 14.84
N ASN A 493 51.95 -28.48 13.70
CA ASN A 493 52.14 -29.80 13.12
C ASN A 493 53.32 -29.81 12.15
N ALA A 494 53.56 -28.70 11.46
CA ALA A 494 54.53 -28.66 10.38
C ALA A 494 55.64 -27.59 10.57
N GLU A 495 56.25 -27.20 9.44
CA GLU A 495 57.32 -26.18 9.39
C GLU A 495 57.66 -25.84 7.90
N ARG A 496 57.52 -24.56 7.50
CA ARG A 496 57.59 -24.15 6.07
C ARG A 496 58.93 -23.56 5.64
N PHE A 497 59.36 -23.88 4.43
CA PHE A 497 60.72 -23.59 3.95
C PHE A 497 60.71 -22.85 2.62
N ILE A 498 61.52 -21.81 2.54
CA ILE A 498 61.75 -21.11 1.29
C ILE A 498 62.92 -21.79 0.62
N THR A 499 63.01 -21.72 -0.71
CA THR A 499 64.23 -22.18 -1.39
C THR A 499 64.60 -21.21 -2.54
N PRO A 500 65.91 -20.90 -2.71
CA PRO A 500 66.32 -19.94 -3.75
C PRO A 500 65.98 -20.33 -5.20
N GLU A 501 65.66 -21.59 -5.48
CA GLU A 501 65.24 -21.95 -6.86
C GLU A 501 63.75 -21.71 -7.11
N LEU A 502 62.96 -21.52 -6.05
CA LEU A 502 61.59 -21.01 -6.19
C LEU A 502 61.54 -19.52 -5.86
N LYS A 503 62.51 -19.03 -5.08
CA LYS A 503 62.63 -17.59 -4.86
C LYS A 503 62.84 -16.92 -6.20
N ALA A 504 63.64 -17.55 -7.05
CA ALA A 504 63.87 -17.06 -8.40
C ALA A 504 62.61 -17.13 -9.19
N PHE A 505 61.81 -18.16 -8.94
CA PHE A 505 60.49 -18.29 -9.58
C PHE A 505 59.50 -17.30 -8.98
N GLU A 506 59.44 -17.21 -7.66
CA GLU A 506 58.58 -16.28 -6.97
C GLU A 506 58.86 -14.87 -7.44
N ASP A 507 60.13 -14.51 -7.59
CA ASP A 507 60.45 -13.13 -8.03
C ASP A 507 60.23 -12.92 -9.51
N LYS A 508 59.93 -14.00 -10.23
CA LYS A 508 59.67 -13.88 -11.64
C LYS A 508 58.18 -13.75 -11.92
N VAL A 509 57.34 -14.54 -11.25
CA VAL A 509 55.90 -14.54 -11.52
C VAL A 509 55.20 -13.39 -10.83
N LEU A 510 55.66 -13.05 -9.62
CA LEU A 510 55.07 -11.93 -8.91
C LEU A 510 55.46 -10.62 -9.56
N THR A 511 56.65 -10.56 -10.14
CA THR A 511 57.04 -9.36 -10.89
C THR A 511 56.25 -9.26 -12.17
N ALA A 512 56.04 -10.39 -12.82
CA ALA A 512 55.26 -10.44 -14.04
C ALA A 512 53.82 -10.07 -13.75
N GLN A 513 53.33 -10.45 -12.59
CA GLN A 513 51.99 -10.08 -12.19
C GLN A 513 51.89 -8.57 -12.05
N ASP A 514 52.88 -7.95 -11.42
CA ASP A 514 52.80 -6.53 -11.14
C ASP A 514 52.97 -5.73 -12.41
N GLN A 515 53.89 -6.12 -13.26
CA GLN A 515 54.12 -5.38 -14.50
C GLN A 515 52.94 -5.51 -15.47
N ALA A 516 52.27 -6.67 -15.44
CA ALA A 516 51.07 -6.89 -16.24
C ALA A 516 49.91 -6.09 -15.71
N LEU A 517 49.71 -6.11 -14.40
CA LEU A 517 48.65 -5.35 -13.81
C LEU A 517 48.88 -3.87 -14.08
N ALA A 518 50.15 -3.44 -14.04
CA ALA A 518 50.45 -2.04 -14.25
C ALA A 518 50.26 -1.67 -15.69
N LEU A 519 50.59 -2.61 -16.55
CA LEU A 519 50.44 -2.38 -17.97
C LEU A 519 48.97 -2.30 -18.39
N GLU A 520 48.12 -3.19 -17.88
CA GLU A 520 46.70 -3.13 -18.18
C GLU A 520 46.08 -1.81 -17.72
N LYS A 521 46.51 -1.33 -16.56
CA LYS A 521 46.00 -0.07 -16.08
C LYS A 521 46.36 1.05 -17.05
N GLN A 522 47.60 1.07 -17.50
CA GLN A 522 48.02 2.17 -18.35
C GLN A 522 47.42 2.08 -19.76
N LEU A 523 47.12 0.89 -20.22
CA LEU A 523 46.53 0.72 -21.53
C LEU A 523 45.04 0.98 -21.51
N PHE A 524 44.41 0.66 -20.38
CA PHE A 524 43.00 0.96 -20.16
C PHE A 524 42.77 2.46 -20.06
N ASP A 525 43.60 3.14 -19.29
CA ASP A 525 43.55 4.60 -19.19
C ASP A 525 43.86 5.25 -20.55
N GLY A 526 44.59 4.54 -21.39
CA GLY A 526 44.92 5.00 -22.70
C GLY A 526 43.72 4.96 -23.59
N VAL A 527 42.90 3.92 -23.51
CA VAL A 527 41.77 3.83 -24.42
C VAL A 527 40.65 4.71 -23.91
N LEU A 528 40.61 4.96 -22.61
CA LEU A 528 39.70 5.96 -22.04
C LEU A 528 40.06 7.36 -22.50
N LYS A 529 41.35 7.66 -22.62
CA LYS A 529 41.81 8.90 -23.22
C LYS A 529 41.23 9.06 -24.63
N ASN A 530 41.18 7.95 -25.36
CA ASN A 530 40.67 7.92 -26.72
C ASN A 530 39.17 8.00 -26.81
N LEU A 531 38.50 7.25 -25.95
CA LEU A 531 37.07 7.31 -25.91
C LEU A 531 36.57 8.69 -25.57
N ARG A 532 37.22 9.31 -24.59
CA ARG A 532 36.78 10.62 -24.14
C ARG A 532 36.96 11.67 -25.22
N THR A 533 37.93 11.50 -26.10
CA THR A 533 38.05 12.44 -27.21
C THR A 533 37.01 12.10 -28.28
N ALA A 534 36.61 10.83 -28.36
CA ALA A 534 35.59 10.40 -29.32
C ALA A 534 34.20 10.51 -28.74
N LEU A 535 34.08 11.30 -27.71
CA LEU A 535 32.80 11.50 -27.02
C LEU A 535 31.69 12.23 -27.85
N PRO A 536 32.07 13.18 -28.73
CA PRO A 536 31.08 13.68 -29.66
C PRO A 536 30.35 12.61 -30.46
N GLN A 537 31.09 11.69 -31.09
CA GLN A 537 30.43 10.69 -31.96
C GLN A 537 29.61 9.77 -31.13
N LEU A 538 30.04 9.55 -29.89
CA LEU A 538 29.31 8.68 -28.96
C LEU A 538 27.97 9.24 -28.51
N GLN A 539 27.97 10.51 -28.12
CA GLN A 539 26.75 11.22 -27.74
C GLN A 539 25.75 11.32 -28.91
N LYS A 540 26.24 11.48 -30.15
CA LYS A 540 25.40 11.48 -31.36
C LYS A 540 24.79 10.12 -31.53
N ALA A 541 25.57 9.11 -31.23
CA ALA A 541 25.07 7.75 -31.30
C ALA A 541 23.96 7.52 -30.26
N ALA A 542 24.16 8.02 -29.07
CA ALA A 542 23.17 7.85 -28.07
C ALA A 542 21.89 8.59 -28.46
N LYS A 543 22.01 9.82 -28.92
CA LYS A 543 20.82 10.64 -29.22
C LYS A 543 20.08 10.06 -30.43
N ALA A 544 20.82 9.53 -31.39
CA ALA A 544 20.23 8.96 -32.59
C ALA A 544 19.52 7.66 -32.27
N ALA A 545 20.15 6.83 -31.46
CA ALA A 545 19.51 5.62 -31.02
C ALA A 545 18.21 5.89 -30.22
N ALA A 546 18.24 6.89 -29.37
CA ALA A 546 17.07 7.10 -28.55
C ALA A 546 15.96 7.75 -29.35
N ALA A 547 16.32 8.61 -30.29
CA ALA A 547 15.32 9.29 -31.11
C ALA A 547 14.58 8.24 -31.87
N LEU A 548 15.34 7.41 -32.57
CA LEU A 548 14.79 6.37 -33.37
C LEU A 548 13.92 5.45 -32.53
N ASP A 549 14.27 5.24 -31.28
CA ASP A 549 13.47 4.37 -30.46
C ASP A 549 12.08 4.94 -30.17
N VAL A 550 12.01 6.24 -29.89
CA VAL A 550 10.75 6.91 -29.61
C VAL A 550 9.91 6.96 -30.90
N LEU A 551 10.53 7.32 -32.01
CA LEU A 551 9.81 7.38 -33.26
C LEU A 551 9.25 5.98 -33.62
N SER A 552 10.02 4.93 -33.33
CA SER A 552 9.58 3.56 -33.57
C SER A 552 8.39 3.20 -32.71
N THR A 553 8.38 3.74 -31.50
CA THR A 553 7.30 3.49 -30.59
C THR A 553 6.07 4.25 -31.07
N PHE A 554 6.27 5.49 -31.50
CA PHE A 554 5.17 6.25 -32.06
C PHE A 554 4.51 5.54 -33.24
N SER A 555 5.34 4.84 -34.01
CA SER A 555 4.88 4.14 -35.19
C SER A 555 4.01 3.00 -34.79
N ALA A 556 4.51 2.18 -33.87
CA ALA A 556 3.78 1.01 -33.40
C ALA A 556 2.47 1.39 -32.70
N LEU A 557 2.45 2.46 -31.91
CA LEU A 557 1.21 2.90 -31.26
C LEU A 557 0.13 3.20 -32.29
N ALA A 558 0.52 3.92 -33.35
CA ALA A 558 -0.44 4.39 -34.30
C ALA A 558 -0.98 3.19 -35.02
N LYS A 559 -0.10 2.28 -35.40
CA LYS A 559 -0.50 1.11 -36.16
C LYS A 559 -1.32 0.14 -35.32
N GLU A 560 -1.10 0.13 -34.00
CA GLU A 560 -1.72 -0.86 -33.10
C GLU A 560 -2.89 -0.34 -32.27
N ARG A 561 -3.12 0.97 -32.30
CA ARG A 561 -4.29 1.58 -31.63
C ARG A 561 -4.97 2.64 -32.53
N ASN A 562 -4.66 2.61 -33.82
CA ASN A 562 -5.40 3.42 -34.77
C ASN A 562 -5.24 4.93 -34.55
N PHE A 563 -4.00 5.39 -34.45
CA PHE A 563 -3.73 6.82 -34.37
C PHE A 563 -3.52 7.36 -35.77
N VAL A 564 -3.78 8.66 -35.93
CA VAL A 564 -3.76 9.29 -37.23
C VAL A 564 -2.88 10.51 -37.16
N ARG A 565 -2.12 10.74 -38.22
CA ARG A 565 -1.22 11.91 -38.30
C ARG A 565 -2.05 13.20 -38.34
N PRO A 566 -2.03 13.99 -37.27
CA PRO A 566 -2.76 15.22 -37.29
C PRO A 566 -2.19 16.24 -38.29
N GLU A 567 -3.08 17.10 -38.76
CA GLU A 567 -2.74 18.16 -39.69
C GLU A 567 -2.59 19.47 -38.91
N PHE A 568 -1.82 20.38 -39.47
CA PHE A 568 -1.70 21.70 -38.87
C PHE A 568 -2.24 22.82 -39.75
N ALA A 569 -2.82 23.84 -39.14
CA ALA A 569 -3.46 24.92 -39.88
C ALA A 569 -2.82 26.20 -39.44
N ASP A 570 -3.04 27.27 -40.21
CA ASP A 570 -2.51 28.58 -39.89
C ASP A 570 -3.52 29.50 -39.20
N TYR A 571 -4.78 29.12 -39.26
CA TYR A 571 -5.84 29.84 -38.56
C TYR A 571 -6.17 29.18 -37.24
N PRO A 572 -6.64 29.97 -36.26
CA PRO A 572 -7.17 29.43 -35.03
C PRO A 572 -8.20 28.35 -35.28
N VAL A 573 -7.88 27.08 -34.98
CA VAL A 573 -8.82 25.98 -35.18
C VAL A 573 -8.45 24.78 -34.33
N VAL A 574 -9.44 23.98 -33.92
CA VAL A 574 -9.22 22.68 -33.28
C VAL A 574 -10.29 21.69 -33.73
N HIS A 575 -10.04 21.00 -34.83
CA HIS A 575 -11.01 20.04 -35.37
C HIS A 575 -10.52 18.64 -35.12
N ILE A 576 -11.33 17.86 -34.40
CA ILE A 576 -10.97 16.49 -34.04
C ILE A 576 -12.09 15.54 -34.39
N GLU A 577 -11.89 14.74 -35.42
CA GLU A 577 -12.90 13.81 -35.87
C GLU A 577 -12.87 12.60 -34.94
N ASN A 578 -14.00 12.38 -34.26
CA ASN A 578 -14.14 11.46 -33.11
C ASN A 578 -12.84 10.98 -32.48
N GLY A 579 -12.33 11.84 -31.61
CA GLY A 579 -11.09 11.61 -30.89
C GLY A 579 -11.36 10.91 -29.57
N ARG A 580 -10.31 10.38 -28.97
CA ARG A 580 -10.47 9.59 -27.77
C ARG A 580 -9.37 9.99 -26.79
N HIS A 581 -9.62 9.72 -25.52
CA HIS A 581 -8.67 9.95 -24.45
C HIS A 581 -7.67 8.81 -24.41
N PRO A 582 -6.38 9.08 -24.63
CA PRO A 582 -5.40 8.02 -24.84
C PRO A 582 -5.12 7.14 -23.64
N VAL A 583 -5.37 7.64 -22.43
CA VAL A 583 -5.14 6.84 -21.23
C VAL A 583 -6.40 6.07 -20.85
N VAL A 584 -7.54 6.78 -20.75
CA VAL A 584 -8.84 6.15 -20.36
C VAL A 584 -9.29 5.09 -21.38
N GLU A 585 -8.77 5.17 -22.59
CA GLU A 585 -9.11 4.27 -23.64
C GLU A 585 -8.64 2.85 -23.35
N GLN A 586 -7.52 2.71 -22.63
CA GLN A 586 -7.10 1.36 -22.22
C GLN A 586 -7.50 1.10 -20.80
N GLN A 587 -8.72 1.43 -20.43
CA GLN A 587 -9.17 1.18 -19.06
C GLN A 587 -10.62 0.73 -18.97
N VAL A 588 -11.29 0.57 -20.11
CA VAL A 588 -12.76 0.54 -20.14
C VAL A 588 -13.41 -0.55 -21.02
N ARG A 589 -12.60 -1.36 -21.66
CA ARG A 589 -13.10 -2.34 -22.63
C ARG A 589 -13.85 -1.71 -23.78
N HIS A 590 -14.86 -0.86 -23.53
CA HIS A 590 -15.47 -0.06 -24.61
C HIS A 590 -15.48 1.45 -24.25
N PHE A 591 -14.92 2.28 -25.13
CA PHE A 591 -14.83 3.75 -24.92
C PHE A 591 -15.39 4.50 -26.11
N THR A 592 -16.35 5.38 -25.87
CA THR A 592 -17.08 5.99 -26.99
C THR A 592 -16.37 7.27 -27.45
N ALA A 593 -15.98 7.32 -28.74
CA ALA A 593 -15.27 8.49 -29.28
C ALA A 593 -16.19 9.69 -29.41
N ASN A 594 -15.63 10.89 -29.58
CA ASN A 594 -16.41 12.12 -29.65
C ASN A 594 -15.67 13.17 -30.44
N HIS A 595 -16.45 14.02 -31.09
CA HIS A 595 -15.94 15.05 -31.98
C HIS A 595 -15.57 16.27 -31.19
N THR A 596 -14.86 17.16 -31.87
CA THR A 596 -14.52 18.43 -31.29
C THR A 596 -14.31 19.41 -32.42
N ASP A 597 -15.23 20.36 -32.55
CA ASP A 597 -15.16 21.41 -33.57
C ASP A 597 -15.13 22.80 -32.96
N LEU A 598 -14.01 23.51 -33.13
CA LEU A 598 -13.89 24.89 -32.71
C LEU A 598 -13.08 25.70 -33.74
N ASP A 599 -13.46 26.97 -33.92
CA ASP A 599 -12.77 27.89 -34.82
C ASP A 599 -12.80 29.31 -34.25
N HIS A 600 -12.57 30.31 -35.11
CA HIS A 600 -12.61 31.69 -34.68
C HIS A 600 -13.98 32.09 -34.14
N LYS A 601 -15.06 31.61 -34.78
CA LYS A 601 -16.43 31.98 -34.43
C LYS A 601 -17.04 31.09 -33.37
N HIS A 602 -16.43 29.95 -33.11
CA HIS A 602 -16.89 29.02 -32.06
C HIS A 602 -15.73 28.72 -31.14
N ARG A 603 -15.58 29.52 -30.09
CA ARG A 603 -14.37 29.48 -29.25
C ARG A 603 -14.56 28.92 -27.84
N LEU A 604 -15.75 29.02 -27.30
CA LEU A 604 -15.93 28.57 -25.97
C LEU A 604 -17.04 27.56 -25.95
N MET A 605 -16.70 26.32 -25.59
CA MET A 605 -17.69 25.25 -25.48
C MET A 605 -18.08 25.15 -24.03
N LEU A 606 -19.36 25.33 -23.76
CA LEU A 606 -19.86 25.29 -22.40
C LEU A 606 -20.50 23.93 -22.18
N LEU A 607 -19.83 23.08 -21.41
CA LEU A 607 -20.36 21.77 -21.09
C LEU A 607 -21.19 21.85 -19.87
N THR A 608 -22.38 21.26 -19.97
CA THR A 608 -23.25 21.04 -18.81
C THR A 608 -23.57 19.56 -18.85
N GLY A 609 -23.94 19.01 -17.70
CA GLY A 609 -24.22 17.60 -17.70
C GLY A 609 -24.26 17.01 -16.32
N PRO A 610 -24.81 15.78 -16.23
CA PRO A 610 -24.74 15.01 -15.02
C PRO A 610 -23.30 14.73 -14.58
N ASN A 611 -23.18 14.05 -13.45
CA ASN A 611 -21.93 13.83 -12.79
C ASN A 611 -21.12 12.65 -13.33
N MET A 612 -21.73 11.61 -13.90
CA MET A 612 -20.90 10.56 -14.53
C MET A 612 -20.91 10.62 -16.06
N GLY A 613 -21.55 11.67 -16.61
CA GLY A 613 -21.45 12.02 -18.04
C GLY A 613 -20.03 12.49 -18.26
N GLY A 614 -19.41 12.06 -19.34
CA GLY A 614 -17.94 12.21 -19.47
C GLY A 614 -17.41 13.61 -19.80
N LYS A 615 -17.65 14.58 -18.93
CA LYS A 615 -17.24 15.97 -19.20
C LYS A 615 -15.73 16.10 -19.03
N SER A 616 -15.24 15.75 -17.84
CA SER A 616 -13.83 15.82 -17.54
C SER A 616 -13.03 15.03 -18.55
N THR A 617 -13.36 13.76 -18.71
CA THR A 617 -12.63 12.92 -19.62
C THR A 617 -12.58 13.57 -21.01
N TYR A 618 -13.69 14.15 -21.43
CA TYR A 618 -13.74 14.65 -22.78
C TYR A 618 -12.86 15.85 -22.90
N MET A 619 -12.90 16.73 -21.88
CA MET A 619 -12.05 17.92 -21.84
C MET A 619 -10.57 17.50 -21.86
N ARG A 620 -10.17 16.65 -20.91
CA ARG A 620 -8.79 16.22 -20.87
C ARG A 620 -8.39 15.56 -22.18
N GLN A 621 -9.34 14.92 -22.84
CA GLN A 621 -9.07 14.25 -24.15
C GLN A 621 -8.64 15.25 -25.21
N VAL A 622 -9.28 16.39 -25.22
CA VAL A 622 -8.96 17.43 -26.20
C VAL A 622 -7.52 17.95 -25.92
N ALA A 623 -7.27 18.35 -24.68
CA ALA A 623 -5.98 18.91 -24.31
C ALA A 623 -4.90 17.92 -24.61
N LEU A 624 -5.17 16.62 -24.43
CA LEU A 624 -4.16 15.55 -24.62
C LEU A 624 -3.88 15.32 -26.09
N ILE A 625 -4.91 15.49 -26.91
CA ILE A 625 -4.73 15.37 -28.34
C ILE A 625 -3.92 16.54 -28.90
N VAL A 626 -4.18 17.73 -28.38
CA VAL A 626 -3.41 18.88 -28.78
C VAL A 626 -1.98 18.74 -28.36
N LEU A 627 -1.75 18.23 -27.17
CA LEU A 627 -0.41 18.05 -26.64
C LEU A 627 0.31 17.02 -27.47
N LEU A 628 -0.28 15.85 -27.62
CA LEU A 628 0.35 14.83 -28.42
C LEU A 628 0.64 15.37 -29.81
N ALA A 629 -0.27 16.17 -30.37
CA ALA A 629 -0.16 16.58 -31.76
C ALA A 629 1.17 17.23 -32.03
N HIS A 630 1.66 18.00 -31.07
CA HIS A 630 2.86 18.81 -31.21
C HIS A 630 4.12 18.11 -30.70
N THR A 631 4.02 16.81 -30.52
CA THR A 631 5.19 16.02 -30.24
C THR A 631 5.66 15.20 -31.44
N GLY A 632 4.88 15.15 -32.50
CA GLY A 632 5.20 14.31 -33.65
C GLY A 632 4.50 12.96 -33.57
N CYS A 633 4.11 12.53 -32.38
CA CYS A 633 3.24 11.39 -32.27
C CYS A 633 1.90 11.62 -32.97
N PHE A 634 1.26 10.53 -33.38
CA PHE A 634 -0.07 10.60 -33.97
C PHE A 634 -1.12 10.56 -32.88
N VAL A 635 -2.23 11.22 -33.13
CA VAL A 635 -3.25 11.38 -32.10
C VAL A 635 -4.33 10.33 -32.21
N PRO A 636 -4.97 10.01 -31.10
CA PRO A 636 -6.02 9.03 -31.10
C PRO A 636 -7.33 9.61 -31.62
N ALA A 637 -7.50 9.55 -32.93
CA ALA A 637 -8.73 10.02 -33.54
C ALA A 637 -8.84 9.43 -34.93
N ASP A 638 -9.88 9.81 -35.65
CA ASP A 638 -9.95 9.44 -37.05
C ASP A 638 -9.33 10.50 -37.92
N ALA A 639 -9.37 11.75 -37.46
CA ALA A 639 -8.58 12.82 -38.08
C ALA A 639 -8.54 14.01 -37.12
N ALA A 640 -7.57 14.89 -37.30
CA ALA A 640 -7.47 16.06 -36.45
C ALA A 640 -6.67 17.15 -37.12
N THR A 641 -7.03 18.39 -36.80
CA THR A 641 -6.44 19.58 -37.41
C THR A 641 -6.37 20.66 -36.35
N ILE A 642 -5.16 21.11 -36.04
CA ILE A 642 -5.00 22.06 -34.95
C ILE A 642 -4.33 23.30 -35.45
N GLY A 643 -4.74 24.46 -34.96
CA GLY A 643 -4.14 25.70 -35.37
C GLY A 643 -2.91 25.97 -34.55
N PRO A 644 -2.30 27.13 -34.72
CA PRO A 644 -1.20 27.57 -33.89
C PRO A 644 -1.59 27.69 -32.43
N VAL A 645 -0.90 26.97 -31.56
CA VAL A 645 -1.17 27.00 -30.11
C VAL A 645 0.08 27.34 -29.33
N ASP A 646 -0.08 28.17 -28.29
CA ASP A 646 1.07 28.70 -27.57
C ASP A 646 1.21 28.14 -26.18
N GLN A 647 0.09 27.91 -25.51
CA GLN A 647 0.11 27.36 -24.16
C GLN A 647 -1.12 26.51 -23.95
N ILE A 648 -1.05 25.59 -23.01
CA ILE A 648 -2.21 24.86 -22.55
C ILE A 648 -2.40 25.07 -21.06
N PHE A 649 -3.60 25.56 -20.72
CA PHE A 649 -3.98 25.81 -19.32
C PHE A 649 -5.07 24.82 -18.92
N THR A 650 -4.99 24.29 -17.71
CA THR A 650 -6.06 23.48 -17.18
C THR A 650 -6.50 23.95 -15.80
N ARG A 651 -7.61 23.39 -15.34
CA ARG A 651 -8.15 23.70 -14.03
C ARG A 651 -9.21 22.63 -13.71
N ILE A 652 -8.79 21.49 -13.16
CA ILE A 652 -9.70 20.37 -12.92
C ILE A 652 -9.55 19.83 -11.51
N SER A 663 -6.49 22.09 -2.80
CA SER A 663 -7.86 21.57 -2.84
C SER A 663 -8.84 22.71 -3.17
N THR A 664 -8.81 23.79 -2.38
CA THR A 664 -9.69 24.96 -2.59
C THR A 664 -9.28 25.98 -1.55
N PHE A 665 -9.77 27.21 -1.65
CA PHE A 665 -10.46 27.73 -2.81
C PHE A 665 -9.66 28.87 -3.38
N MET A 666 -8.68 29.33 -2.62
CA MET A 666 -7.76 30.34 -3.11
C MET A 666 -6.82 29.74 -4.13
N VAL A 667 -6.57 28.44 -4.05
CA VAL A 667 -5.79 27.76 -5.09
C VAL A 667 -6.60 27.60 -6.36
N GLU A 668 -7.92 27.52 -6.28
CA GLU A 668 -8.75 27.63 -7.50
C GLU A 668 -8.59 28.99 -8.13
N MET A 669 -8.64 30.01 -7.28
CA MET A 669 -8.60 31.41 -7.71
C MET A 669 -7.15 31.81 -8.13
N SER A 670 -6.14 31.22 -7.49
CA SER A 670 -4.75 31.45 -7.89
C SER A 670 -4.52 30.94 -9.30
N GLU A 671 -4.94 29.69 -9.58
CA GLU A 671 -4.65 29.07 -10.87
C GLU A 671 -5.41 29.79 -11.97
N THR A 672 -6.63 30.25 -11.67
CA THR A 672 -7.43 31.02 -12.66
C THR A 672 -6.91 32.45 -12.86
N ALA A 673 -6.35 33.05 -11.82
CA ALA A 673 -5.72 34.36 -11.99
C ALA A 673 -4.67 34.28 -13.04
N TYR A 674 -3.74 33.35 -12.85
CA TYR A 674 -2.68 33.08 -13.83
C TYR A 674 -3.27 32.88 -15.22
N ILE A 675 -4.34 32.12 -15.34
CA ILE A 675 -4.93 31.81 -16.66
C ILE A 675 -5.46 33.03 -17.34
N LEU A 676 -6.10 33.89 -16.55
CA LEU A 676 -6.85 35.01 -17.11
C LEU A 676 -5.92 36.04 -17.74
N HIS A 677 -4.77 36.29 -17.11
CA HIS A 677 -3.82 37.20 -17.72
C HIS A 677 -2.56 36.53 -18.16
N HIS A 678 -2.72 35.43 -18.89
CA HIS A 678 -1.62 34.86 -19.65
C HIS A 678 -2.13 34.17 -20.92
N ALA A 679 -3.38 33.70 -20.92
CA ALA A 679 -3.92 33.00 -22.08
C ALA A 679 -4.09 33.98 -23.22
N THR A 680 -4.06 33.50 -24.44
CA THR A 680 -4.13 34.35 -25.62
C THR A 680 -5.07 33.77 -26.66
N GLU A 681 -5.05 34.34 -27.86
CA GLU A 681 -5.82 33.80 -28.98
C GLU A 681 -5.39 32.39 -29.40
N GLN A 682 -4.17 32.02 -29.06
CA GLN A 682 -3.65 30.75 -29.46
C GLN A 682 -3.63 29.76 -28.32
N SER A 683 -4.01 30.19 -27.12
CA SER A 683 -4.01 29.28 -25.98
C SER A 683 -5.21 28.38 -26.02
N ILE A 684 -5.13 27.30 -25.27
CA ILE A 684 -6.26 26.39 -25.10
C ILE A 684 -6.53 26.21 -23.62
N VAL A 685 -7.67 26.71 -23.16
CA VAL A 685 -7.98 26.72 -21.75
C VAL A 685 -8.97 25.64 -21.41
N LEU A 686 -8.78 24.98 -20.28
CA LEU A 686 -9.70 24.00 -19.78
C LEU A 686 -10.09 24.34 -18.38
N MET A 687 -11.39 24.40 -18.13
CA MET A 687 -11.92 24.72 -16.82
C MET A 687 -13.05 23.79 -16.44
N ASP A 688 -12.90 23.11 -15.29
CA ASP A 688 -13.82 22.09 -14.86
C ASP A 688 -14.50 22.54 -13.58
N GLU A 689 -15.78 22.89 -13.69
CA GLU A 689 -16.63 23.18 -12.54
C GLU A 689 -16.00 24.21 -11.62
N VAL A 690 -15.65 25.37 -12.17
CA VAL A 690 -15.15 26.48 -11.35
C VAL A 690 -16.30 27.16 -10.63
N GLY A 691 -16.15 27.30 -9.31
CA GLY A 691 -17.20 27.86 -8.48
C GLY A 691 -17.52 27.01 -7.28
N ARG A 692 -17.30 25.68 -7.36
CA ARG A 692 -17.45 24.79 -6.21
C ARG A 692 -16.65 25.34 -4.99
N GLY A 693 -17.37 25.65 -3.92
CA GLY A 693 -16.80 26.45 -2.84
C GLY A 693 -17.60 27.73 -2.66
N THR A 694 -17.44 28.33 -1.48
CA THR A 694 -18.18 29.54 -1.07
C THR A 694 -19.72 29.41 -1.16
N SER A 695 -20.28 29.62 -2.35
CA SER A 695 -21.74 29.65 -2.49
C SER A 695 -22.13 29.41 -3.92
N THR A 696 -23.40 29.65 -4.20
CA THR A 696 -23.88 29.73 -5.57
C THR A 696 -24.15 31.16 -5.95
N PHE A 697 -24.00 32.08 -5.00
CA PHE A 697 -24.13 33.51 -5.33
C PHE A 697 -22.83 34.03 -5.87
N ASP A 698 -21.85 34.12 -4.99
CA ASP A 698 -20.54 34.60 -5.36
C ASP A 698 -19.87 33.65 -6.35
N GLY A 699 -20.05 32.34 -6.17
CA GLY A 699 -19.51 31.36 -7.12
C GLY A 699 -19.98 31.59 -8.56
N LEU A 700 -21.29 31.77 -8.72
CA LEU A 700 -21.87 31.98 -10.05
C LEU A 700 -21.44 33.29 -10.64
N ALA A 701 -21.28 34.29 -9.77
CA ALA A 701 -20.83 35.63 -10.19
C ALA A 701 -19.43 35.57 -10.78
N LEU A 702 -18.54 34.83 -10.12
CA LEU A 702 -17.16 34.62 -10.56
C LEU A 702 -17.14 33.79 -11.85
N ALA A 703 -17.85 32.67 -11.86
CA ALA A 703 -17.84 31.80 -13.03
C ALA A 703 -18.42 32.55 -14.21
N HIS A 704 -19.29 33.52 -13.91
CA HIS A 704 -19.87 34.40 -14.94
C HIS A 704 -18.79 35.30 -15.53
N ALA A 705 -17.96 35.88 -14.66
CA ALA A 705 -16.88 36.79 -15.06
C ALA A 705 -15.75 36.08 -15.83
N ILE A 706 -15.37 34.89 -15.35
CA ILE A 706 -14.25 34.19 -15.93
C ILE A 706 -14.59 33.82 -17.38
N ALA A 707 -15.83 33.41 -17.61
CA ALA A 707 -16.27 33.17 -18.97
C ALA A 707 -16.26 34.49 -19.73
N GLU A 708 -16.69 35.56 -19.07
CA GLU A 708 -16.67 36.91 -19.63
C GLU A 708 -15.25 37.47 -19.69
N HIS A 709 -14.36 36.72 -20.30
CA HIS A 709 -12.96 37.10 -20.32
C HIS A 709 -12.28 36.27 -21.39
N LEU A 710 -12.45 34.95 -21.29
CA LEU A 710 -11.95 34.02 -22.32
C LEU A 710 -12.54 34.33 -23.71
N LEU A 711 -13.79 34.83 -23.72
CA LEU A 711 -14.49 35.16 -24.95
C LEU A 711 -13.98 36.48 -25.48
N GLN A 712 -13.89 37.45 -24.59
CA GLN A 712 -13.54 38.83 -24.98
C GLN A 712 -12.04 39.12 -24.88
N LYS A 713 -11.57 39.33 -23.65
CA LYS A 713 -10.25 39.88 -23.40
C LYS A 713 -9.07 38.89 -23.46
N ASN A 714 -9.29 37.67 -23.94
CA ASN A 714 -8.17 36.82 -24.41
C ASN A 714 -8.65 35.69 -25.25
N LYS A 715 -9.03 36.01 -26.47
CA LYS A 715 -9.80 35.09 -27.32
C LYS A 715 -9.30 33.65 -27.42
N SER A 716 -9.39 32.91 -26.33
CA SER A 716 -8.82 31.58 -26.24
C SER A 716 -9.87 30.53 -26.50
N PHE A 717 -9.46 29.47 -27.17
CA PHE A 717 -10.32 28.30 -27.37
C PHE A 717 -10.46 27.63 -26.04
N SER A 718 -11.66 27.67 -25.48
CA SER A 718 -11.85 27.20 -24.12
C SER A 718 -12.94 26.14 -23.99
N LEU A 719 -12.70 25.14 -23.15
CA LEU A 719 -13.78 24.23 -22.73
C LEU A 719 -14.13 24.54 -21.27
N PHE A 720 -15.38 24.92 -21.05
CA PHE A 720 -15.82 25.44 -19.77
C PHE A 720 -16.95 24.55 -19.29
N ALA A 721 -16.67 23.64 -18.37
CA ALA A 721 -17.72 22.78 -17.77
C ALA A 721 -18.16 23.41 -16.47
N THR A 722 -19.46 23.27 -16.20
CA THR A 722 -20.09 23.94 -15.05
C THR A 722 -21.48 23.41 -14.75
N HIS A 723 -21.81 23.42 -13.46
CA HIS A 723 -23.13 23.01 -13.03
C HIS A 723 -24.09 24.22 -12.99
N TYR A 724 -23.53 25.42 -13.06
CA TYR A 724 -24.31 26.66 -13.06
C TYR A 724 -25.12 26.75 -14.33
N PHE A 725 -26.39 26.33 -14.27
CA PHE A 725 -27.25 26.33 -15.46
C PHE A 725 -27.46 27.77 -15.93
N GLU A 726 -27.27 28.70 -15.00
CA GLU A 726 -27.44 30.13 -15.29
C GLU A 726 -26.46 30.61 -16.33
N LEU A 727 -25.50 29.78 -16.71
CA LEU A 727 -24.47 30.14 -17.71
C LEU A 727 -24.83 29.58 -19.07
N THR A 728 -25.96 28.90 -19.14
CA THR A 728 -26.42 28.33 -20.40
C THR A 728 -26.69 29.45 -21.39
N TYR A 729 -27.08 30.62 -20.88
CA TYR A 729 -27.51 31.75 -21.70
C TYR A 729 -26.40 32.46 -22.53
N LEU A 730 -25.19 31.93 -22.54
CA LEU A 730 -24.06 32.66 -23.16
C LEU A 730 -24.06 32.61 -24.67
N PRO A 731 -24.41 31.47 -25.28
CA PRO A 731 -24.46 31.49 -26.73
C PRO A 731 -25.46 32.50 -27.27
N GLU A 732 -26.40 32.91 -26.43
CA GLU A 732 -27.38 33.94 -26.78
C GLU A 732 -26.93 35.28 -26.18
N ALA A 733 -25.67 35.60 -26.33
CA ALA A 733 -25.09 36.82 -25.78
C ALA A 733 -23.67 37.05 -26.36
N HIS A 734 -23.07 35.98 -26.90
CA HIS A 734 -21.79 36.05 -27.59
C HIS A 734 -21.79 35.08 -28.76
N ALA A 735 -21.17 35.48 -29.86
CA ALA A 735 -21.12 34.64 -31.06
C ALA A 735 -20.29 33.40 -30.83
N ALA A 736 -19.23 33.56 -30.04
CA ALA A 736 -18.21 32.53 -29.85
C ALA A 736 -18.65 31.40 -28.92
N ALA A 737 -19.59 31.66 -28.02
CA ALA A 737 -20.06 30.63 -27.11
C ALA A 737 -20.87 29.53 -27.82
N VAL A 738 -20.82 28.33 -27.26
CA VAL A 738 -21.55 27.19 -27.77
C VAL A 738 -22.04 26.37 -26.55
N ASN A 739 -23.27 25.87 -26.60
CA ASN A 739 -23.71 24.97 -25.56
C ASN A 739 -23.61 23.54 -26.02
N MET A 740 -22.87 22.71 -25.28
CA MET A 740 -22.88 21.27 -25.49
C MET A 740 -23.16 20.59 -24.16
N HIS A 741 -23.59 19.34 -24.21
CA HIS A 741 -23.86 18.59 -22.99
C HIS A 741 -23.55 17.10 -23.16
N LEU A 742 -23.70 16.34 -22.08
CA LEU A 742 -23.46 14.91 -22.14
C LEU A 742 -24.69 14.07 -21.81
N SER A 743 -24.77 12.95 -22.54
CA SER A 743 -25.95 12.13 -22.59
C SER A 743 -26.14 11.29 -21.33
N ALA A 744 -27.41 11.14 -20.97
CA ALA A 744 -27.85 10.15 -19.99
C ALA A 744 -29.16 9.50 -20.50
N LEU A 745 -29.20 8.17 -20.58
CA LEU A 745 -30.32 7.42 -21.17
C LEU A 745 -31.00 6.52 -20.13
N GLU A 746 -32.31 6.27 -20.31
CA GLU A 746 -33.05 5.31 -19.47
C GLU A 746 -33.14 3.91 -20.08
N GLN A 747 -32.71 2.90 -19.31
CA GLN A 747 -32.61 1.52 -19.79
C GLN A 747 -33.64 0.60 -19.14
N GLY A 748 -33.70 0.59 -17.81
CA GLY A 748 -34.63 -0.27 -17.08
C GLY A 748 -34.76 0.13 -15.62
N ARG A 749 -35.40 1.28 -15.38
CA ARG A 749 -35.48 1.87 -14.04
C ARG A 749 -34.09 2.38 -13.59
N ASP A 750 -33.07 2.12 -14.40
CA ASP A 750 -31.67 2.34 -14.04
C ASP A 750 -31.03 3.26 -15.06
N ILE A 751 -30.41 4.36 -14.62
CA ILE A 751 -29.81 5.33 -15.54
C ILE A 751 -28.47 4.84 -16.07
N VAL A 752 -28.14 5.25 -17.29
CA VAL A 752 -26.84 4.95 -17.88
C VAL A 752 -26.32 6.18 -18.63
N PHE A 753 -25.03 6.15 -18.95
CA PHE A 753 -24.39 7.26 -19.62
C PHE A 753 -23.63 6.73 -20.84
N LEU A 754 -24.11 7.04 -22.03
CA LEU A 754 -23.48 6.54 -23.23
C LEU A 754 -22.24 7.36 -23.55
N HIS A 755 -22.06 8.45 -22.80
CA HIS A 755 -20.90 9.34 -22.93
C HIS A 755 -20.76 9.84 -24.35
N GLN A 756 -21.67 10.72 -24.74
CA GLN A 756 -21.68 11.30 -26.09
C GLN A 756 -21.99 12.79 -26.02
N ILE A 757 -21.13 13.58 -26.66
CA ILE A 757 -21.37 15.01 -26.78
C ILE A 757 -22.65 15.19 -27.58
N GLN A 758 -23.44 16.16 -27.14
CA GLN A 758 -24.69 16.52 -27.82
C GLN A 758 -24.84 18.03 -27.72
N PRO A 759 -25.23 18.68 -28.83
CA PRO A 759 -25.48 20.13 -28.77
C PRO A 759 -26.63 20.49 -27.82
N GLY A 760 -26.52 21.62 -27.12
CA GLY A 760 -27.55 22.06 -26.18
C GLY A 760 -27.18 21.77 -24.75
N PRO A 761 -28.03 22.18 -23.80
CA PRO A 761 -27.68 22.10 -22.40
C PRO A 761 -28.43 21.07 -21.51
N ALA A 762 -28.66 19.86 -22.01
CA ALA A 762 -29.13 18.73 -21.17
C ALA A 762 -30.52 18.81 -20.47
N GLY A 763 -31.23 19.94 -20.61
CA GLY A 763 -32.54 20.16 -19.94
C GLY A 763 -32.45 19.97 -18.42
N LYS A 764 -33.60 19.79 -17.77
CA LYS A 764 -33.64 19.53 -16.32
C LYS A 764 -34.31 18.19 -16.01
N SER A 765 -33.50 17.25 -15.59
CA SER A 765 -33.95 15.92 -15.33
C SER A 765 -33.25 15.44 -14.07
N TYR A 766 -33.16 16.28 -13.06
CA TYR A 766 -32.81 15.78 -11.74
C TYR A 766 -34.07 15.27 -11.02
N GLY A 767 -35.19 15.94 -11.31
CA GLY A 767 -36.53 15.49 -10.90
C GLY A 767 -36.90 14.20 -11.62
N ILE A 768 -36.18 13.89 -12.69
CA ILE A 768 -36.23 12.55 -13.25
C ILE A 768 -35.64 11.52 -12.34
N ALA A 769 -34.76 11.91 -11.39
CA ALA A 769 -34.33 10.95 -10.39
C ALA A 769 -35.44 10.73 -9.32
N VAL A 770 -36.69 10.80 -9.76
CA VAL A 770 -37.83 10.16 -9.09
C VAL A 770 -37.86 8.63 -9.35
N ALA A 771 -36.89 8.11 -10.09
CA ALA A 771 -36.79 6.68 -10.36
C ALA A 771 -36.66 5.90 -9.05
N LYS A 772 -36.27 6.57 -7.96
CA LYS A 772 -36.49 6.06 -6.61
C LYS A 772 -36.53 7.32 -5.75
N LEU A 773 -37.73 7.88 -5.56
CA LEU A 773 -37.93 9.05 -4.68
C LEU A 773 -39.23 8.92 -3.91
N ALA A 774 -39.78 10.02 -3.38
CA ALA A 774 -40.88 9.90 -2.40
C ALA A 774 -41.49 11.20 -1.87
N GLY A 775 -42.54 11.65 -2.52
CA GLY A 775 -43.01 12.98 -2.22
C GLY A 775 -44.27 13.44 -3.08
N LEU A 776 -44.81 14.68 -3.03
CA LEU A 776 -44.24 15.90 -2.40
C LEU A 776 -42.90 16.34 -3.10
N PRO A 777 -42.63 15.68 -4.24
CA PRO A 777 -41.53 15.98 -5.16
C PRO A 777 -42.06 17.01 -6.14
N VAL A 778 -43.34 17.36 -6.00
CA VAL A 778 -43.95 18.41 -6.81
C VAL A 778 -43.44 19.75 -6.32
N ARG A 779 -43.21 19.84 -5.01
CA ARG A 779 -42.66 21.02 -4.34
C ARG A 779 -41.32 21.40 -4.95
N ALA A 780 -40.61 20.36 -5.39
CA ALA A 780 -39.38 20.53 -6.16
C ALA A 780 -39.77 20.98 -7.56
N LEU A 781 -40.67 20.23 -8.20
CA LEU A 781 -41.10 20.53 -9.57
C LEU A 781 -41.80 21.89 -9.66
N LYS A 782 -42.08 22.49 -8.49
CA LYS A 782 -42.70 23.82 -8.39
C LYS A 782 -41.66 24.91 -8.19
N ALA A 783 -40.50 24.57 -7.62
CA ALA A 783 -39.40 25.53 -7.47
C ALA A 783 -38.65 25.71 -8.79
N ALA A 784 -38.49 24.61 -9.53
CA ALA A 784 -38.16 24.62 -10.96
C ALA A 784 -39.32 23.88 -11.61
N GLN A 785 -40.19 24.50 -12.41
CA GLN A 785 -40.02 25.75 -13.16
C GLN A 785 -39.57 26.98 -12.37
N LYS A 786 -38.39 27.49 -12.73
CA LYS A 786 -37.85 28.76 -12.24
C LYS A 786 -37.48 29.62 -13.44
N HIS A 787 -38.30 30.60 -13.77
CA HIS A 787 -38.10 31.42 -14.97
C HIS A 787 -37.40 32.75 -14.64
N GLN B 1 -24.96 -45.39 -17.35
CA GLN B 1 -24.00 -45.03 -16.26
C GLN B 1 -23.51 -46.22 -15.44
N SER B 2 -22.83 -47.17 -16.08
CA SER B 2 -22.16 -48.28 -15.38
C SER B 2 -20.87 -47.75 -14.77
N MET B 3 -20.25 -48.52 -13.86
CA MET B 3 -19.09 -48.02 -13.14
C MET B 3 -17.87 -48.94 -13.24
N SER B 4 -17.06 -48.92 -12.19
CA SER B 4 -15.93 -49.82 -12.09
C SER B 4 -16.47 -51.10 -11.48
N LYS B 5 -16.20 -51.31 -10.20
CA LYS B 5 -15.32 -50.42 -9.45
C LYS B 5 -13.85 -50.82 -9.58
N SER B 6 -13.47 -51.37 -10.73
CA SER B 6 -12.06 -51.71 -10.96
C SER B 6 -11.36 -50.59 -11.70
N ALA B 7 -12.13 -49.60 -12.15
CA ALA B 7 -11.61 -48.42 -12.83
C ALA B 7 -11.21 -47.30 -11.84
N VAL B 8 -11.39 -47.58 -10.54
CA VAL B 8 -11.13 -46.60 -9.51
C VAL B 8 -10.60 -47.31 -8.26
N SER B 9 -9.62 -46.73 -7.59
CA SER B 9 -9.00 -47.36 -6.44
C SER B 9 -9.85 -47.28 -5.20
N PRO B 10 -9.69 -48.25 -4.29
CA PRO B 10 -10.57 -48.14 -3.13
C PRO B 10 -10.25 -46.93 -2.26
N MET B 11 -9.06 -46.38 -2.39
CA MET B 11 -8.76 -45.17 -1.61
C MET B 11 -9.48 -43.98 -2.20
N MET B 12 -9.72 -44.05 -3.50
CA MET B 12 -10.47 -43.00 -4.16
C MET B 12 -11.99 -43.22 -4.09
N GLN B 13 -12.39 -44.50 -4.11
CA GLN B 13 -13.79 -44.86 -3.99
C GLN B 13 -14.35 -44.37 -2.67
N GLN B 14 -13.54 -44.47 -1.61
CA GLN B 14 -13.94 -44.01 -0.29
C GLN B 14 -14.01 -42.50 -0.20
N TYR B 15 -13.20 -41.82 -1.00
CA TYR B 15 -13.31 -40.38 -1.10
C TYR B 15 -14.61 -39.93 -1.72
N LEU B 16 -14.99 -40.59 -2.82
CA LEU B 16 -16.22 -40.24 -3.53
C LEU B 16 -17.42 -40.48 -2.62
N GLY B 17 -17.31 -41.41 -1.66
CA GLY B 17 -18.37 -41.65 -0.69
C GLY B 17 -18.61 -40.45 0.20
N ILE B 18 -17.52 -39.77 0.55
CA ILE B 18 -17.58 -38.55 1.36
C ILE B 18 -17.90 -37.36 0.48
N LYS B 19 -17.26 -37.29 -0.68
CA LYS B 19 -17.42 -36.13 -1.55
C LYS B 19 -18.84 -35.96 -2.03
N ALA B 20 -19.54 -37.08 -2.22
CA ALA B 20 -20.94 -37.10 -2.69
C ALA B 20 -21.90 -36.39 -1.74
N GLN B 21 -21.64 -36.45 -0.44
CA GLN B 21 -22.48 -35.75 0.53
C GLN B 21 -22.20 -34.24 0.64
N HIS B 22 -21.07 -33.79 0.08
CA HIS B 22 -20.65 -32.39 0.17
C HIS B 22 -20.26 -31.90 -1.19
N THR B 23 -21.23 -31.97 -2.09
CA THR B 23 -21.01 -31.63 -3.47
C THR B 23 -20.82 -30.12 -3.65
N ASP B 24 -21.26 -29.33 -2.68
CA ASP B 24 -21.16 -27.88 -2.80
C ASP B 24 -19.92 -27.31 -2.12
N LYS B 25 -19.29 -28.07 -1.22
CA LYS B 25 -18.16 -27.54 -0.47
C LYS B 25 -16.85 -28.17 -0.90
N LEU B 26 -15.76 -27.49 -0.57
CA LEU B 26 -14.44 -28.09 -0.71
C LEU B 26 -14.28 -29.14 0.40
N VAL B 27 -13.61 -30.25 0.07
CA VAL B 27 -13.36 -31.29 1.04
C VAL B 27 -11.88 -31.51 1.22
N PHE B 28 -11.37 -31.12 2.38
CA PHE B 28 -10.02 -31.46 2.84
C PHE B 28 -10.00 -32.91 3.30
N TYR B 29 -9.50 -33.77 2.42
CA TYR B 29 -9.39 -35.17 2.71
C TYR B 29 -8.02 -35.37 3.28
N ARG B 30 -7.94 -35.68 4.57
CA ARG B 30 -6.65 -35.88 5.21
C ARG B 30 -5.96 -37.03 4.51
N MET B 31 -4.78 -36.77 3.95
CA MET B 31 -4.01 -37.81 3.31
C MET B 31 -2.60 -37.81 3.91
N GLY B 32 -2.42 -38.58 4.98
CA GLY B 32 -1.15 -38.65 5.69
C GLY B 32 -0.86 -37.36 6.45
N ASP B 33 0.27 -36.73 6.16
CA ASP B 33 0.63 -35.47 6.80
C ASP B 33 0.17 -34.30 5.94
N PHE B 34 -0.88 -34.52 5.16
CA PHE B 34 -1.46 -33.49 4.29
C PHE B 34 -2.97 -33.57 4.22
N TYR B 35 -3.59 -32.44 3.93
CA TYR B 35 -4.96 -32.44 3.50
C TYR B 35 -4.89 -32.21 2.00
N GLU B 36 -5.45 -33.14 1.25
CA GLU B 36 -5.45 -33.06 -0.20
C GLU B 36 -6.88 -32.79 -0.67
N LEU B 37 -7.00 -32.22 -1.88
CA LEU B 37 -8.29 -32.07 -2.57
C LEU B 37 -8.20 -32.69 -3.95
N PHE B 38 -9.29 -33.29 -4.40
CA PHE B 38 -9.31 -34.04 -5.67
C PHE B 38 -10.33 -33.48 -6.68
N LEU B 39 -10.13 -33.83 -7.94
CA LEU B 39 -11.06 -33.50 -9.03
C LEU B 39 -11.29 -31.99 -9.14
N ASP B 40 -12.53 -31.55 -9.18
CA ASP B 40 -12.79 -30.13 -9.37
C ASP B 40 -12.41 -29.32 -8.14
N ASP B 41 -12.47 -29.94 -6.98
CA ASP B 41 -11.98 -29.30 -5.76
C ASP B 41 -10.53 -28.90 -5.94
N ALA B 42 -9.76 -29.77 -6.59
CA ALA B 42 -8.33 -29.56 -6.76
C ALA B 42 -8.09 -28.34 -7.66
N VAL B 43 -8.83 -28.30 -8.74
CA VAL B 43 -8.65 -27.23 -9.70
C VAL B 43 -9.04 -25.91 -9.03
N GLU B 44 -10.07 -25.95 -8.21
CA GLU B 44 -10.55 -24.78 -7.49
C GLU B 44 -9.54 -24.28 -6.49
N ALA B 45 -9.06 -25.19 -5.65
CA ALA B 45 -8.14 -24.86 -4.61
C ALA B 45 -6.79 -24.45 -5.17
N ALA B 46 -6.41 -25.02 -6.31
CA ALA B 46 -5.11 -24.65 -6.90
C ALA B 46 -5.14 -23.19 -7.35
N LYS B 47 -6.28 -22.75 -7.88
CA LYS B 47 -6.45 -21.36 -8.30
C LYS B 47 -6.47 -20.39 -7.11
N LEU B 48 -7.27 -20.74 -6.10
CA LEU B 48 -7.54 -19.84 -4.97
C LEU B 48 -6.36 -19.65 -4.04
N LEU B 49 -5.56 -20.69 -3.87
CA LEU B 49 -4.54 -20.69 -2.84
C LEU B 49 -3.12 -20.47 -3.38
N ASP B 50 -2.98 -20.40 -4.70
CA ASP B 50 -1.68 -20.33 -5.33
C ASP B 50 -0.81 -21.50 -4.87
N ILE B 51 -1.42 -22.70 -4.87
CA ILE B 51 -0.69 -23.94 -4.61
C ILE B 51 -0.62 -24.76 -5.90
N THR B 52 0.41 -25.61 -6.01
CA THR B 52 0.66 -26.34 -7.24
C THR B 52 -0.43 -27.41 -7.46
N LEU B 53 -0.96 -27.46 -8.68
CA LEU B 53 -1.92 -28.49 -9.07
C LEU B 53 -1.20 -29.67 -9.73
N THR B 54 -1.64 -30.89 -9.43
CA THR B 54 -0.92 -32.08 -9.90
C THR B 54 -1.89 -33.23 -10.18
N THR B 55 -1.39 -34.47 -10.07
CA THR B 55 -2.15 -35.68 -10.38
C THR B 55 -1.84 -36.83 -9.41
N ARG B 56 -2.84 -37.59 -9.02
CA ARG B 56 -2.58 -38.86 -8.37
C ARG B 56 -3.55 -39.90 -8.89
N GLY B 57 -3.02 -40.91 -9.58
CA GLY B 57 -3.82 -42.07 -9.94
C GLY B 57 -4.78 -41.85 -11.09
N GLN B 58 -5.59 -42.87 -11.34
CA GLN B 58 -6.52 -42.88 -12.46
C GLN B 58 -7.95 -43.22 -12.04
N MET B 59 -8.90 -42.52 -12.64
CA MET B 59 -10.31 -42.80 -12.42
C MET B 59 -11.00 -42.88 -13.77
N ASP B 60 -11.48 -44.08 -14.09
CA ASP B 60 -12.06 -44.37 -15.39
C ASP B 60 -11.09 -44.01 -16.50
N GLY B 61 -9.82 -44.36 -16.31
CA GLY B 61 -8.78 -44.12 -17.32
C GLY B 61 -8.11 -42.75 -17.27
N VAL B 62 -8.77 -41.77 -16.65
CA VAL B 62 -8.30 -40.39 -16.63
C VAL B 62 -7.47 -40.09 -15.39
N PRO B 63 -6.35 -39.34 -15.57
CA PRO B 63 -5.57 -38.96 -14.40
C PRO B 63 -6.38 -38.09 -13.48
N ILE B 64 -6.34 -38.42 -12.20
CA ILE B 64 -7.10 -37.70 -11.19
C ILE B 64 -6.33 -36.44 -10.79
N LYS B 65 -6.97 -35.29 -10.91
CA LYS B 65 -6.35 -34.04 -10.51
C LYS B 65 -6.29 -33.88 -9.00
N MET B 66 -5.22 -33.29 -8.50
CA MET B 66 -4.99 -33.23 -7.06
C MET B 66 -4.28 -31.94 -6.67
N ALA B 67 -4.55 -31.47 -5.46
CA ALA B 67 -3.78 -30.41 -4.84
C ALA B 67 -3.87 -30.52 -3.33
N GLY B 68 -2.85 -30.09 -2.61
CA GLY B 68 -2.83 -30.26 -1.17
C GLY B 68 -2.11 -29.19 -0.37
N VAL B 69 -2.21 -29.32 0.95
CA VAL B 69 -1.55 -28.43 1.88
C VAL B 69 -1.09 -29.25 3.07
N PRO B 70 -0.04 -28.77 3.75
CA PRO B 70 0.44 -29.50 4.93
C PRO B 70 -0.45 -29.27 6.15
N PHE B 71 -0.55 -30.28 7.00
CA PHE B 71 -1.35 -30.20 8.21
C PHE B 71 -0.93 -29.02 9.08
N HIS B 72 0.38 -28.77 9.17
CA HIS B 72 0.91 -27.72 10.06
C HIS B 72 0.50 -26.31 9.65
N ALA B 73 0.05 -26.14 8.41
CA ALA B 73 -0.40 -24.84 7.92
C ALA B 73 -1.84 -24.89 7.40
N ALA B 74 -2.62 -25.84 7.91
CA ALA B 74 -3.95 -26.04 7.38
C ALA B 74 -4.84 -24.90 7.82
N GLU B 75 -4.72 -24.47 9.07
CA GLU B 75 -5.58 -23.43 9.60
C GLU B 75 -5.32 -22.13 8.84
N GLN B 76 -4.09 -21.98 8.34
CA GLN B 76 -3.73 -20.78 7.61
C GLN B 76 -4.44 -20.72 6.27
N TYR B 77 -4.45 -21.82 5.52
CA TYR B 77 -5.17 -21.87 4.25
C TYR B 77 -6.68 -21.87 4.45
N LEU B 78 -7.16 -22.49 5.52
CA LEU B 78 -8.58 -22.47 5.81
C LEU B 78 -9.01 -21.04 6.05
N ALA B 79 -8.16 -20.28 6.73
CA ALA B 79 -8.43 -18.88 7.00
C ALA B 79 -8.60 -18.14 5.70
N ARG B 80 -7.74 -18.44 4.72
CA ARG B 80 -7.86 -17.82 3.42
C ARG B 80 -9.20 -18.18 2.81
N LEU B 81 -9.55 -19.46 2.88
CA LEU B 81 -10.69 -19.96 2.14
C LEU B 81 -12.00 -19.33 2.61
N VAL B 82 -12.16 -19.16 3.92
CA VAL B 82 -13.38 -18.53 4.45
C VAL B 82 -13.39 -17.01 4.30
N LYS B 83 -12.22 -16.39 4.13
CA LYS B 83 -12.12 -14.98 3.72
C LYS B 83 -12.77 -14.76 2.35
N LEU B 84 -12.67 -15.79 1.48
CA LEU B 84 -13.22 -15.78 0.12
C LEU B 84 -14.59 -16.48 0.12
N GLY B 85 -15.19 -16.60 1.30
CA GLY B 85 -16.55 -17.11 1.45
C GLY B 85 -16.82 -18.56 1.10
N LYS B 86 -15.80 -19.42 1.14
CA LYS B 86 -15.96 -20.85 0.81
C LYS B 86 -16.17 -21.71 2.06
N SER B 87 -16.84 -22.86 1.91
CA SER B 87 -16.98 -23.86 3.00
C SER B 87 -16.15 -25.10 2.79
N VAL B 88 -15.54 -25.57 3.86
CA VAL B 88 -14.64 -26.70 3.77
C VAL B 88 -15.04 -27.76 4.76
N ALA B 89 -15.17 -28.98 4.27
CA ALA B 89 -15.42 -30.13 5.11
C ALA B 89 -14.11 -30.83 5.37
N ILE B 90 -13.81 -31.10 6.62
CA ILE B 90 -12.55 -31.73 6.95
C ILE B 90 -12.76 -33.23 7.11
N CYS B 91 -12.35 -34.00 6.12
CA CYS B 91 -12.52 -35.43 6.22
C CYS B 91 -11.34 -36.10 6.82
N GLU B 92 -11.48 -36.51 8.07
CA GLU B 92 -10.45 -37.27 8.76
C GLU B 92 -10.84 -38.75 8.79
N GLN B 93 -9.99 -39.57 9.38
CA GLN B 93 -10.43 -40.90 9.73
C GLN B 93 -10.54 -41.13 11.25
N VAL B 94 -11.65 -41.75 11.67
CA VAL B 94 -11.96 -41.94 13.07
C VAL B 94 -12.16 -43.42 13.32
N GLY B 95 -12.21 -43.83 14.60
CA GLY B 95 -12.59 -45.19 14.93
C GLY B 95 -12.59 -45.62 16.39
N GLU B 96 -11.79 -46.65 16.70
CA GLU B 96 -11.79 -47.29 18.02
C GLU B 96 -11.14 -46.41 19.08
N PRO B 103 -11.00 -50.87 12.01
CA PRO B 103 -11.21 -49.94 13.08
C PRO B 103 -11.11 -48.49 12.65
N VAL B 104 -11.35 -48.25 11.36
CA VAL B 104 -11.24 -46.91 10.81
C VAL B 104 -12.26 -46.54 9.75
N GLU B 105 -12.94 -45.42 9.96
CA GLU B 105 -13.97 -44.96 9.05
C GLU B 105 -13.65 -43.54 8.64
N ARG B 106 -14.01 -43.22 7.41
CA ARG B 106 -13.83 -41.90 6.91
C ARG B 106 -14.99 -41.01 7.37
N LYS B 107 -14.71 -39.96 8.11
CA LYS B 107 -15.78 -39.10 8.63
C LYS B 107 -15.50 -37.63 8.34
N VAL B 108 -16.48 -36.77 8.53
CA VAL B 108 -16.32 -35.35 8.20
C VAL B 108 -16.07 -34.48 9.43
N VAL B 109 -16.43 -34.98 10.60
CA VAL B 109 -16.01 -34.36 11.88
C VAL B 109 -16.35 -32.86 12.04
N ARG B 110 -16.10 -32.06 11.01
CA ARG B 110 -16.23 -30.62 11.13
C ARG B 110 -16.39 -29.97 9.76
N ILE B 111 -17.25 -28.97 9.69
CA ILE B 111 -17.42 -28.18 8.49
C ILE B 111 -17.22 -26.72 8.82
N VAL B 112 -16.15 -26.16 8.27
CA VAL B 112 -15.78 -24.78 8.51
C VAL B 112 -16.52 -23.88 7.52
N THR B 113 -17.35 -23.00 8.05
CA THR B 113 -18.11 -22.06 7.24
C THR B 113 -17.87 -20.64 7.73
N PRO B 114 -18.00 -19.65 6.83
CA PRO B 114 -17.63 -18.29 7.19
C PRO B 114 -18.37 -17.73 8.39
N GLY B 115 -19.52 -18.29 8.71
CA GLY B 115 -20.37 -17.75 9.78
C GLY B 115 -20.51 -18.57 11.07
N THR B 116 -19.66 -19.57 11.21
CA THR B 116 -19.72 -20.40 12.38
C THR B 116 -18.34 -20.57 12.98
N LEU B 117 -17.51 -19.54 12.88
CA LEU B 117 -16.13 -19.64 13.31
C LEU B 117 -16.00 -19.44 14.82
N THR B 118 -15.19 -20.31 15.44
CA THR B 118 -14.84 -20.21 16.86
C THR B 118 -13.34 -20.35 17.12
N ASP B 119 -12.59 -20.79 16.12
CA ASP B 119 -11.14 -20.98 16.27
C ASP B 119 -10.43 -19.65 16.25
N SER B 120 -9.49 -19.48 17.19
CA SER B 120 -8.78 -18.23 17.30
C SER B 120 -7.93 -18.04 16.07
N ALA B 121 -7.60 -19.16 15.41
CA ALA B 121 -6.75 -19.19 14.24
C ALA B 121 -7.49 -18.79 12.95
N LEU B 122 -8.83 -18.76 12.98
CA LEU B 122 -9.62 -18.35 11.82
C LEU B 122 -10.29 -16.99 12.00
N LEU B 123 -10.08 -16.37 13.15
CA LEU B 123 -10.76 -15.12 13.50
C LEU B 123 -9.77 -14.02 13.86
N GLU B 124 -10.05 -12.80 13.40
CA GLU B 124 -9.32 -11.62 13.84
C GLU B 124 -9.67 -11.41 15.31
N ASP B 125 -8.82 -10.72 16.05
CA ASP B 125 -9.01 -10.57 17.49
C ASP B 125 -10.29 -9.83 17.83
N LYS B 126 -10.67 -8.87 17.01
CA LYS B 126 -11.85 -8.06 17.29
C LYS B 126 -12.94 -8.34 16.30
N GLU B 127 -12.86 -9.49 15.63
CA GLU B 127 -13.79 -9.82 14.57
C GLU B 127 -15.08 -10.31 15.19
N THR B 128 -16.20 -9.71 14.82
CA THR B 128 -17.51 -10.23 15.22
C THR B 128 -18.06 -11.11 14.10
N ASN B 129 -18.54 -12.31 14.43
CA ASN B 129 -18.83 -13.33 13.41
C ASN B 129 -20.25 -13.86 13.55
N ARG B 130 -21.11 -13.43 12.65
CA ARG B 130 -22.50 -13.76 12.75
C ARG B 130 -22.97 -14.53 11.55
N ILE B 131 -23.92 -15.42 11.81
CA ILE B 131 -24.64 -16.15 10.78
C ILE B 131 -26.09 -15.72 10.93
N VAL B 132 -26.65 -15.17 9.86
CA VAL B 132 -28.04 -14.73 9.83
C VAL B 132 -28.83 -15.56 8.82
N ALA B 133 -30.05 -15.92 9.18
CA ALA B 133 -30.92 -16.68 8.29
C ALA B 133 -32.19 -15.89 8.04
N VAL B 134 -32.53 -15.71 6.76
CA VAL B 134 -33.71 -14.95 6.39
C VAL B 134 -34.71 -15.90 5.79
N SER B 135 -35.92 -15.85 6.31
CA SER B 135 -36.99 -16.65 5.80
C SER B 135 -38.00 -15.67 5.30
N PRO B 136 -38.15 -15.60 3.97
CA PRO B 136 -39.04 -14.60 3.42
C PRO B 136 -40.47 -15.11 3.26
N ASP B 137 -41.40 -14.35 3.80
CA ASP B 137 -42.80 -14.51 3.50
C ASP B 137 -42.97 -13.82 2.16
N LYS B 138 -43.28 -12.52 2.21
CA LYS B 138 -43.16 -11.58 1.09
C LYS B 138 -43.58 -10.22 1.60
N LYS B 139 -44.59 -10.21 2.48
CA LYS B 139 -44.96 -9.02 3.26
C LYS B 139 -43.96 -8.89 4.40
N TYR B 140 -43.85 -9.94 5.20
CA TYR B 140 -42.88 -9.95 6.28
C TYR B 140 -41.65 -10.75 5.88
N ILE B 141 -40.58 -10.61 6.66
CA ILE B 141 -39.37 -11.39 6.47
C ILE B 141 -38.89 -11.81 7.85
N GLY B 142 -38.74 -13.11 8.08
CA GLY B 142 -38.21 -13.60 9.34
C GLY B 142 -36.69 -13.51 9.35
N LEU B 143 -36.13 -12.66 10.18
CA LEU B 143 -34.69 -12.65 10.41
C LEU B 143 -34.39 -13.46 11.67
N ALA B 144 -33.28 -14.21 11.63
CA ALA B 144 -32.77 -14.86 12.83
C ALA B 144 -31.28 -14.96 12.68
N TRP B 145 -30.55 -14.57 13.70
CA TRP B 145 -29.09 -14.64 13.63
C TRP B 145 -28.50 -15.19 14.89
N ALA B 146 -27.24 -15.62 14.79
CA ALA B 146 -26.52 -16.16 15.94
C ALA B 146 -25.03 -15.97 15.75
N SER B 147 -24.33 -15.84 16.85
CA SER B 147 -22.90 -15.82 16.79
C SER B 147 -22.48 -16.98 17.66
N LEU B 148 -21.81 -17.94 17.04
CA LEU B 148 -21.23 -19.04 17.82
C LEU B 148 -20.17 -18.57 18.82
N GLN B 149 -19.37 -17.58 18.46
CA GLN B 149 -18.33 -17.16 19.39
C GLN B 149 -18.91 -16.42 20.62
N SER B 150 -20.08 -15.80 20.51
CA SER B 150 -20.58 -14.92 21.60
C SER B 150 -21.89 -15.41 22.24
N GLY B 151 -22.45 -16.47 21.67
CA GLY B 151 -23.69 -17.04 22.18
C GLY B 151 -24.93 -16.30 21.74
N GLU B 152 -24.76 -15.07 21.29
CA GLU B 152 -25.85 -14.29 20.76
C GLU B 152 -26.76 -15.18 19.90
N PHE B 153 -28.06 -15.05 20.14
CA PHE B 153 -29.05 -15.76 19.31
C PHE B 153 -30.37 -15.02 19.37
N LYS B 154 -30.72 -14.36 18.28
CA LYS B 154 -31.87 -13.47 18.25
C LYS B 154 -32.67 -13.66 17.01
N THR B 155 -33.92 -13.27 17.09
CA THR B 155 -34.78 -13.26 15.94
C THR B 155 -35.51 -11.91 15.82
N LYS B 156 -35.86 -11.52 14.59
CA LYS B 156 -36.57 -10.28 14.37
C LYS B 156 -37.50 -10.38 13.20
N LEU B 157 -38.62 -9.69 13.28
CA LEU B 157 -39.55 -9.62 12.17
C LEU B 157 -39.28 -8.29 11.44
N THR B 158 -39.28 -8.31 10.12
CA THR B 158 -38.94 -7.11 9.35
C THR B 158 -39.64 -7.14 7.97
N THR B 159 -39.40 -6.12 7.16
CA THR B 159 -40.02 -6.00 5.85
C THR B 159 -39.00 -6.24 4.76
N ALA B 160 -39.46 -6.32 3.52
CA ALA B 160 -38.59 -6.62 2.39
C ALA B 160 -37.63 -5.46 2.07
N ASP B 161 -38.11 -4.23 2.13
CA ASP B 161 -37.23 -3.11 1.80
C ASP B 161 -36.34 -2.71 2.96
N LYS B 162 -36.81 -2.92 4.18
CA LYS B 162 -35.98 -2.64 5.36
C LYS B 162 -34.92 -3.72 5.60
N LEU B 163 -34.62 -4.53 4.58
CA LEU B 163 -33.81 -5.72 4.79
C LEU B 163 -32.34 -5.40 4.71
N ASN B 164 -31.93 -4.64 3.71
CA ASN B 164 -30.50 -4.38 3.53
C ASN B 164 -29.94 -3.50 4.63
N ASP B 165 -30.84 -2.78 5.31
CA ASP B 165 -30.45 -2.02 6.50
C ASP B 165 -30.09 -2.95 7.62
N GLU B 166 -30.91 -3.97 7.82
CA GLU B 166 -30.66 -4.93 8.89
C GLU B 166 -29.45 -5.80 8.59
N LEU B 167 -29.27 -6.18 7.33
CA LEU B 167 -28.13 -7.01 6.98
C LEU B 167 -26.85 -6.30 7.29
N ALA B 168 -26.77 -5.02 6.90
CA ALA B 168 -25.56 -4.22 7.11
C ALA B 168 -25.33 -3.98 8.60
N ARG B 169 -26.42 -3.87 9.38
CA ARG B 169 -26.30 -3.70 10.83
C ARG B 169 -25.71 -4.94 11.51
N LEU B 170 -26.15 -6.10 11.07
CA LEU B 170 -25.70 -7.37 11.63
C LEU B 170 -24.34 -7.80 11.10
N GLN B 171 -23.88 -7.21 9.99
CA GLN B 171 -22.54 -7.47 9.47
C GLN B 171 -22.35 -8.97 9.33
N ALA B 172 -23.32 -9.61 8.70
CA ALA B 172 -23.30 -11.07 8.68
C ALA B 172 -22.13 -11.63 7.90
N ALA B 173 -21.49 -12.67 8.43
CA ALA B 173 -20.40 -13.32 7.72
C ALA B 173 -20.91 -14.35 6.79
N GLU B 174 -22.19 -14.66 6.91
CA GLU B 174 -22.78 -15.70 6.11
C GLU B 174 -24.29 -15.62 6.24
N ILE B 175 -25.00 -15.93 5.15
CA ILE B 175 -26.45 -15.78 5.13
C ILE B 175 -27.08 -17.10 4.76
N LEU B 176 -28.17 -17.46 5.41
CA LEU B 176 -28.93 -18.68 5.06
C LEU B 176 -30.23 -18.33 4.35
N LEU B 177 -30.36 -18.76 3.11
CA LEU B 177 -31.53 -18.50 2.32
C LEU B 177 -32.23 -19.82 1.99
N PRO B 178 -33.55 -19.77 1.84
CA PRO B 178 -34.28 -20.90 1.31
C PRO B 178 -33.97 -21.11 -0.15
N ASP B 179 -33.99 -22.36 -0.59
CA ASP B 179 -33.69 -22.68 -1.97
C ASP B 179 -34.82 -22.27 -2.88
N SER B 180 -35.93 -21.85 -2.28
CA SER B 180 -37.12 -21.40 -3.01
C SER B 180 -36.87 -20.37 -4.13
N LYS B 181 -37.74 -20.38 -5.14
CA LYS B 181 -37.66 -19.42 -6.26
C LYS B 181 -38.05 -18.00 -5.83
N ASN B 182 -38.69 -17.88 -4.66
CA ASN B 182 -38.98 -16.58 -4.04
C ASN B 182 -37.94 -16.20 -2.96
N ALA B 183 -36.69 -16.61 -3.16
CA ALA B 183 -35.63 -16.11 -2.32
C ALA B 183 -35.40 -14.63 -2.64
N PRO B 184 -35.23 -13.78 -1.61
CA PRO B 184 -35.04 -12.35 -1.83
C PRO B 184 -33.81 -12.00 -2.66
N GLN B 185 -34.02 -11.19 -3.70
CA GLN B 185 -32.92 -10.61 -4.47
C GLN B 185 -32.12 -9.69 -3.56
N LEU B 186 -30.81 -9.74 -3.70
CA LEU B 186 -29.92 -9.22 -2.69
C LEU B 186 -28.54 -9.10 -3.30
N GLN B 187 -27.61 -8.48 -2.59
CA GLN B 187 -26.21 -8.50 -3.03
C GLN B 187 -25.58 -9.88 -2.75
N THR B 188 -24.33 -10.11 -3.15
CA THR B 188 -23.59 -11.31 -2.71
C THR B 188 -22.09 -11.02 -2.68
N ALA B 189 -21.52 -10.42 -1.61
CA ALA B 189 -22.12 -10.00 -0.30
C ALA B 189 -21.16 -10.47 0.78
N SER B 190 -21.58 -11.52 1.47
CA SER B 190 -20.65 -12.42 2.09
C SER B 190 -20.85 -13.77 1.37
N GLY B 191 -20.63 -14.88 2.07
CA GLY B 191 -21.05 -16.18 1.56
C GLY B 191 -22.54 -16.37 1.79
N VAL B 192 -23.27 -16.60 0.71
CA VAL B 192 -24.69 -16.92 0.84
C VAL B 192 -24.86 -18.41 0.65
N THR B 193 -25.58 -19.02 1.57
CA THR B 193 -25.72 -20.46 1.63
C THR B 193 -27.20 -20.85 1.57
N ARG B 194 -27.59 -21.56 0.51
CA ARG B 194 -29.00 -21.88 0.28
C ARG B 194 -29.37 -23.18 0.96
N LEU B 195 -30.52 -23.17 1.63
CA LEU B 195 -30.94 -24.28 2.46
C LEU B 195 -32.31 -24.81 2.08
N ASN B 196 -32.36 -25.62 1.04
CA ASN B 196 -33.37 -26.63 0.95
C ASN B 196 -34.65 -26.32 1.81
N ALA B 197 -35.29 -25.22 1.47
CA ALA B 197 -36.73 -24.95 1.75
C ALA B 197 -37.27 -25.31 3.14
N TRP B 198 -37.50 -26.60 3.40
CA TRP B 198 -38.26 -27.02 4.60
C TRP B 198 -37.54 -26.80 5.93
N GLN B 199 -36.28 -26.40 5.89
CA GLN B 199 -35.52 -26.18 7.11
C GLN B 199 -36.03 -24.93 7.81
N PHE B 200 -36.64 -24.04 7.02
CA PHE B 200 -37.22 -22.80 7.53
C PHE B 200 -38.68 -22.97 7.94
N ALA B 201 -39.13 -24.22 8.05
CA ALA B 201 -40.48 -24.55 8.51
C ALA B 201 -40.73 -24.03 9.92
N ALA B 202 -41.84 -23.34 10.09
CA ALA B 202 -42.19 -22.72 11.36
C ALA B 202 -42.56 -23.77 12.41
N ASP B 203 -43.42 -24.70 12.04
CA ASP B 203 -43.79 -25.78 12.95
C ASP B 203 -42.60 -26.66 13.33
N ALA B 204 -41.78 -27.05 12.36
CA ALA B 204 -40.60 -27.86 12.62
C ALA B 204 -39.56 -27.04 13.31
N GLY B 205 -39.54 -25.74 13.01
CA GLY B 205 -38.67 -24.83 13.74
C GLY B 205 -39.04 -24.75 15.22
N GLU B 206 -40.33 -24.79 15.52
CA GLU B 206 -40.77 -24.65 16.89
C GLU B 206 -40.45 -25.88 17.74
N LYS B 207 -40.53 -27.06 17.14
CA LYS B 207 -40.10 -28.28 17.82
C LYS B 207 -38.62 -28.22 18.15
N LEU B 208 -37.83 -27.77 17.19
CA LEU B 208 -36.40 -27.70 17.39
C LEU B 208 -36.07 -26.74 18.52
N LEU B 209 -36.69 -25.56 18.50
CA LEU B 209 -36.41 -24.53 19.48
C LEU B 209 -36.83 -24.91 20.87
N THR B 210 -38.04 -25.45 20.99
CA THR B 210 -38.56 -25.87 22.31
C THR B 210 -37.76 -27.01 22.92
N GLU B 211 -37.25 -27.91 22.09
CA GLU B 211 -36.41 -28.99 22.57
C GLU B 211 -35.03 -28.51 22.92
N TYR B 212 -34.50 -27.56 22.16
CA TYR B 212 -33.17 -26.98 22.49
C TYR B 212 -33.17 -26.31 23.86
N PHE B 213 -34.17 -25.49 24.14
CA PHE B 213 -34.21 -24.77 25.41
C PHE B 213 -34.93 -25.56 26.50
N GLY B 214 -35.66 -26.60 26.09
CA GLY B 214 -36.36 -27.46 27.02
C GLY B 214 -37.43 -26.69 27.78
N CYS B 215 -38.24 -25.97 27.02
CA CYS B 215 -39.35 -25.19 27.54
C CYS B 215 -40.61 -25.54 26.75
N GLN B 216 -41.77 -25.21 27.30
CA GLN B 216 -43.04 -25.71 26.76
C GLN B 216 -43.38 -25.13 25.37
N ASP B 217 -43.35 -23.81 25.23
CA ASP B 217 -43.61 -23.12 23.97
C ASP B 217 -42.64 -21.95 23.87
N LEU B 218 -42.92 -20.96 23.01
CA LEU B 218 -42.00 -19.83 22.85
C LEU B 218 -42.56 -18.49 23.33
N ARG B 219 -43.59 -18.52 24.18
CA ARG B 219 -44.20 -17.28 24.67
C ARG B 219 -43.27 -16.48 25.58
N GLY B 220 -42.51 -17.16 26.43
CA GLY B 220 -41.56 -16.48 27.30
C GLY B 220 -40.52 -15.66 26.54
N PHE B 221 -40.22 -16.07 25.31
CA PHE B 221 -39.32 -15.32 24.46
C PHE B 221 -40.06 -14.24 23.67
N GLY B 222 -41.37 -14.38 23.60
CA GLY B 222 -42.22 -13.36 23.01
C GLY B 222 -42.53 -13.66 21.57
N LEU B 223 -42.87 -14.92 21.28
CA LEU B 223 -43.14 -15.32 19.92
C LEU B 223 -44.55 -15.94 19.77
N ASP B 224 -44.61 -17.26 19.80
CA ASP B 224 -45.82 -18.01 19.37
C ASP B 224 -46.12 -17.82 17.88
N SER B 225 -46.55 -18.91 17.24
CA SER B 225 -46.52 -18.96 15.78
C SER B 225 -47.53 -18.07 15.08
N LYS B 226 -48.03 -17.06 15.77
CA LYS B 226 -49.01 -16.15 15.19
C LYS B 226 -48.38 -15.38 14.02
N GLU B 227 -47.80 -14.21 14.29
CA GLU B 227 -47.14 -13.46 13.21
C GLU B 227 -45.65 -13.80 13.16
N HIS B 228 -45.15 -14.33 14.26
CA HIS B 228 -43.73 -14.68 14.37
C HIS B 228 -43.36 -16.04 13.80
N ALA B 229 -44.30 -16.67 13.10
CA ALA B 229 -44.04 -17.97 12.51
C ALA B 229 -42.87 -17.90 11.56
N VAL B 230 -42.84 -16.87 10.71
CA VAL B 230 -41.81 -16.79 9.68
C VAL B 230 -40.41 -16.61 10.30
N SER B 231 -40.37 -16.03 11.50
CA SER B 231 -39.09 -15.80 12.15
C SER B 231 -38.74 -16.98 13.07
N ILE B 232 -39.73 -17.76 13.47
CA ILE B 232 -39.45 -18.96 14.25
C ILE B 232 -38.76 -20.02 13.42
N GLY B 233 -39.28 -20.23 12.21
CA GLY B 233 -38.66 -21.13 11.24
C GLY B 233 -37.26 -20.69 10.87
N ALA B 234 -37.03 -19.37 10.80
CA ALA B 234 -35.70 -18.86 10.46
C ALA B 234 -34.72 -19.27 11.52
N ALA B 235 -35.15 -19.16 12.79
CA ALA B 235 -34.35 -19.58 13.93
C ALA B 235 -34.08 -21.10 13.92
N GLY B 236 -35.08 -21.86 13.50
CA GLY B 236 -34.93 -23.28 13.34
C GLY B 236 -33.86 -23.63 12.32
N ALA B 237 -33.92 -23.00 11.15
CA ALA B 237 -32.96 -23.31 10.09
C ALA B 237 -31.55 -23.03 10.59
N LEU B 238 -31.41 -21.91 11.32
CA LEU B 238 -30.13 -21.51 11.89
C LEU B 238 -29.64 -22.61 12.82
N LEU B 239 -30.53 -23.06 13.69
CA LEU B 239 -30.21 -24.06 14.69
C LEU B 239 -29.77 -25.34 14.06
N ASN B 240 -30.35 -25.65 12.90
CA ASN B 240 -29.99 -26.86 12.17
C ASN B 240 -28.63 -26.74 11.54
N TYR B 241 -28.37 -25.61 10.91
CA TYR B 241 -27.10 -25.41 10.21
C TYR B 241 -25.97 -25.48 11.20
N ILE B 242 -26.22 -24.99 12.39
CA ILE B 242 -25.26 -25.08 13.46
C ILE B 242 -24.97 -26.52 13.77
N ARG B 243 -26.03 -27.32 13.82
CA ARG B 243 -25.91 -28.73 14.13
C ARG B 243 -25.18 -29.50 13.02
N LEU B 244 -25.43 -29.18 11.76
CA LEU B 244 -24.80 -29.89 10.65
C LEU B 244 -23.31 -29.60 10.56
N THR B 245 -22.93 -28.40 10.99
CA THR B 245 -21.57 -27.92 10.81
C THR B 245 -20.68 -28.13 12.04
N GLN B 246 -21.27 -28.07 13.24
CA GLN B 246 -20.49 -28.11 14.46
C GLN B 246 -20.28 -29.51 14.92
N ASN B 247 -19.11 -29.74 15.52
CA ASN B 247 -18.71 -31.06 15.96
C ASN B 247 -19.64 -31.59 17.04
N LEU B 248 -19.79 -30.80 18.08
CA LEU B 248 -20.73 -31.08 19.15
C LEU B 248 -21.82 -30.04 19.05
N MET B 249 -23.08 -30.41 19.19
CA MET B 249 -24.13 -29.40 19.13
C MET B 249 -24.06 -28.48 20.34
N PRO B 250 -23.70 -27.21 20.12
CA PRO B 250 -23.42 -26.31 21.23
C PRO B 250 -24.63 -26.00 22.09
N GLN B 251 -24.39 -25.86 23.39
CA GLN B 251 -25.44 -25.63 24.35
C GLN B 251 -25.26 -24.30 25.09
N HIS B 252 -24.58 -23.37 24.45
CA HIS B 252 -24.27 -22.07 25.07
C HIS B 252 -25.09 -20.93 24.51
N LEU B 253 -25.92 -21.21 23.50
CA LEU B 253 -26.70 -20.18 22.85
C LEU B 253 -27.60 -19.53 23.86
N ASP B 254 -27.29 -18.28 24.16
CA ASP B 254 -27.99 -17.55 25.19
C ASP B 254 -29.44 -17.33 24.76
N GLY B 255 -30.37 -17.56 25.68
CA GLY B 255 -31.81 -17.27 25.52
C GLY B 255 -32.26 -17.29 24.10
N LEU B 256 -33.21 -16.40 23.76
CA LEU B 256 -33.67 -16.15 22.37
C LEU B 256 -34.62 -14.98 22.40
N SER B 257 -34.08 -13.79 22.25
CA SER B 257 -34.88 -12.58 22.35
C SER B 257 -35.48 -12.22 20.99
N LEU B 258 -36.66 -11.60 21.03
CA LEU B 258 -37.27 -10.97 19.88
C LEU B 258 -36.86 -9.50 19.85
N GLU B 259 -36.16 -9.09 18.80
CA GLU B 259 -35.76 -7.72 18.66
C GLU B 259 -36.92 -6.94 18.04
N THR B 260 -37.31 -5.86 18.69
CA THR B 260 -38.31 -4.92 18.17
C THR B 260 -37.57 -3.68 17.72
N ASP B 261 -38.23 -2.86 16.92
CA ASP B 261 -37.58 -1.68 16.35
C ASP B 261 -37.47 -0.57 17.37
N SER B 262 -38.16 -0.70 18.50
CA SER B 262 -38.21 0.36 19.49
C SER B 262 -37.10 0.31 20.54
N GLN B 263 -36.24 -0.69 20.50
CA GLN B 263 -35.21 -0.87 21.52
C GLN B 263 -34.05 0.05 21.24
N TYR B 264 -33.70 0.16 19.94
CA TYR B 264 -32.51 0.88 19.50
C TYR B 264 -32.83 2.00 18.52
N ILE B 265 -31.95 2.99 18.54
CA ILE B 265 -31.99 4.07 17.59
C ILE B 265 -31.59 3.48 16.25
N GLY B 266 -32.55 3.48 15.34
CA GLY B 266 -32.33 2.96 14.01
C GLY B 266 -31.46 3.85 13.14
N MET B 267 -30.58 3.21 12.38
CA MET B 267 -29.75 3.89 11.44
C MET B 267 -29.73 2.97 10.23
N ASP B 268 -29.95 3.55 9.07
CA ASP B 268 -29.85 2.80 7.82
C ASP B 268 -28.42 2.43 7.49
N ALA B 269 -28.25 1.66 6.42
CA ALA B 269 -26.94 1.15 6.01
C ALA B 269 -25.97 2.24 5.67
N ALA B 270 -26.43 3.22 4.90
CA ALA B 270 -25.59 4.36 4.50
C ALA B 270 -25.17 5.20 5.72
N THR B 271 -26.07 5.37 6.70
CA THR B 271 -25.75 6.14 7.88
C THR B 271 -24.63 5.50 8.70
N ARG B 272 -24.62 4.18 8.77
CA ARG B 272 -23.57 3.46 9.48
C ARG B 272 -22.21 3.54 8.79
N ARG B 273 -22.24 3.71 7.47
CA ARG B 273 -21.04 3.90 6.68
C ARG B 273 -20.53 5.34 6.75
N ASN B 274 -21.45 6.27 6.57
CA ASN B 274 -21.11 7.68 6.50
C ASN B 274 -20.54 8.20 7.81
N LEU B 275 -21.09 7.73 8.93
CA LEU B 275 -20.62 8.19 10.23
C LEU B 275 -19.31 7.51 10.59
N GLU B 276 -18.90 6.53 9.81
CA GLU B 276 -17.65 5.83 10.02
C GLU B 276 -17.59 5.22 11.42
N ILE B 277 -18.63 4.47 11.77
CA ILE B 277 -18.76 3.90 13.10
C ILE B 277 -17.71 2.85 13.36
N THR B 278 -17.69 1.80 12.53
CA THR B 278 -16.64 0.79 12.61
C THR B 278 -15.94 0.52 11.28
N GLN B 279 -16.01 1.47 10.35
CA GLN B 279 -15.41 1.26 9.04
C GLN B 279 -15.44 2.54 8.22
N THR B 280 -14.34 2.83 7.53
CA THR B 280 -14.22 4.11 6.83
C THR B 280 -14.99 4.08 5.54
N LEU B 281 -14.99 5.19 4.82
CA LEU B 281 -15.64 5.25 3.52
C LEU B 281 -14.76 4.58 2.44
N SER B 282 -13.46 4.45 2.73
CA SER B 282 -12.54 3.64 1.94
C SER B 282 -12.31 2.26 2.58
N GLY B 283 -13.13 1.94 3.57
CA GLY B 283 -13.23 0.59 4.16
C GLY B 283 -12.03 0.09 4.95
N LYS B 284 -11.66 0.78 6.03
CA LYS B 284 -10.47 0.42 6.83
C LYS B 284 -10.70 0.71 8.31
N LYS B 285 -9.62 0.73 9.10
CA LYS B 285 -9.64 1.19 10.50
C LYS B 285 -8.85 2.51 10.69
N THR B 286 -8.63 3.20 9.58
CA THR B 286 -8.09 4.55 9.58
C THR B 286 -9.10 5.48 10.29
N PRO B 287 -8.70 6.06 11.43
CA PRO B 287 -9.60 6.72 12.37
C PRO B 287 -11.11 6.53 12.18
N THR B 288 -11.68 5.61 12.94
CA THR B 288 -13.14 5.44 13.01
C THR B 288 -13.62 5.71 14.42
N LEU B 289 -14.93 5.78 14.60
CA LEU B 289 -15.47 6.13 15.88
C LEU B 289 -15.12 5.05 16.88
N PHE B 290 -14.98 3.84 16.36
CA PHE B 290 -14.66 2.68 17.17
C PHE B 290 -13.18 2.62 17.50
N SER B 291 -12.33 2.89 16.52
CA SER B 291 -10.89 2.85 16.76
C SER B 291 -10.48 3.96 17.77
N ILE B 292 -11.16 5.10 17.70
CA ILE B 292 -10.84 6.24 18.55
C ILE B 292 -11.27 6.01 19.99
N LEU B 293 -12.20 5.11 20.21
CA LEU B 293 -12.65 4.84 21.55
C LEU B 293 -12.10 3.53 22.06
N ASP B 294 -11.41 2.77 21.23
CA ASP B 294 -11.14 1.39 21.59
C ASP B 294 -9.91 1.31 22.47
N GLY B 295 -10.12 1.49 23.77
CA GLY B 295 -9.08 1.32 24.77
C GLY B 295 -9.41 0.15 25.70
N CYS B 296 -9.93 -0.91 25.12
CA CYS B 296 -10.34 -2.08 25.88
C CYS B 296 -9.16 -2.99 26.14
N ALA B 297 -9.14 -3.55 27.34
CA ALA B 297 -8.04 -4.38 27.77
C ALA B 297 -8.16 -5.79 27.21
N THR B 298 -9.39 -6.16 26.88
CA THR B 298 -9.70 -7.48 26.36
C THR B 298 -10.23 -7.40 24.92
N HIS B 299 -10.10 -8.51 24.22
CA HIS B 299 -10.63 -8.66 22.89
C HIS B 299 -12.14 -8.66 22.91
N MET B 300 -12.71 -9.42 23.86
CA MET B 300 -14.17 -9.49 24.05
C MET B 300 -14.78 -8.15 24.46
N GLY B 301 -13.99 -7.32 25.12
CA GLY B 301 -14.43 -5.97 25.45
C GLY B 301 -14.50 -5.14 24.20
N SER B 302 -13.50 -5.28 23.34
CA SER B 302 -13.48 -4.53 22.10
C SER B 302 -14.69 -4.86 21.24
N ARG B 303 -14.98 -6.16 21.12
CA ARG B 303 -16.10 -6.59 20.29
C ARG B 303 -17.44 -6.04 20.80
N LEU B 304 -17.59 -6.01 22.12
CA LEU B 304 -18.79 -5.50 22.75
C LEU B 304 -18.95 -4.00 22.49
N LEU B 305 -17.84 -3.27 22.51
CA LEU B 305 -17.89 -1.84 22.19
C LEU B 305 -18.47 -1.61 20.81
N ALA B 306 -18.08 -2.48 19.88
CA ALA B 306 -18.54 -2.41 18.48
C ALA B 306 -20.03 -2.61 18.50
N LEU B 307 -20.46 -3.53 19.33
CA LEU B 307 -21.85 -3.84 19.40
C LEU B 307 -22.67 -2.65 19.87
N TRP B 308 -22.18 -1.92 20.86
CA TRP B 308 -22.98 -0.85 21.41
C TRP B 308 -22.95 0.37 20.50
N LEU B 309 -21.87 0.53 19.76
CA LEU B 309 -21.76 1.68 18.86
C LEU B 309 -22.78 1.57 17.76
N HIS B 310 -23.10 0.34 17.38
CA HIS B 310 -24.11 0.09 16.37
C HIS B 310 -25.51 -0.04 16.95
N HIS B 311 -25.63 -0.16 18.27
CA HIS B 311 -26.93 -0.31 18.95
C HIS B 311 -27.10 0.68 20.11
N PRO B 312 -27.31 1.97 19.77
CA PRO B 312 -27.62 2.94 20.78
C PRO B 312 -29.00 2.66 21.31
N LEU B 313 -29.13 2.65 22.63
CA LEU B 313 -30.38 2.26 23.26
C LEU B 313 -31.39 3.40 23.14
N ARG B 314 -32.67 3.06 22.99
CA ARG B 314 -33.74 4.05 23.20
C ARG B 314 -34.14 4.08 24.69
N ASN B 315 -34.21 2.93 25.36
CA ASN B 315 -34.62 2.89 26.78
C ASN B 315 -33.69 3.73 27.64
N ARG B 316 -34.21 4.82 28.21
CA ARG B 316 -33.31 5.77 28.90
C ARG B 316 -32.89 5.27 30.29
N ALA B 317 -33.59 4.26 30.79
CA ALA B 317 -33.22 3.62 32.05
C ALA B 317 -31.96 2.78 31.91
N HIS B 318 -31.87 1.97 30.86
CA HIS B 318 -30.66 1.19 30.62
C HIS B 318 -29.49 2.09 30.34
N ILE B 319 -29.76 3.24 29.73
CA ILE B 319 -28.69 4.20 29.44
C ILE B 319 -28.14 4.76 30.74
N ARG B 320 -29.04 5.14 31.64
CA ARG B 320 -28.63 5.67 32.93
C ARG B 320 -27.93 4.61 33.80
N ALA B 321 -28.36 3.37 33.68
CA ALA B 321 -27.70 2.25 34.34
C ALA B 321 -26.22 2.19 33.93
N ARG B 322 -25.97 2.32 32.62
CA ARG B 322 -24.61 2.29 32.11
C ARG B 322 -23.88 3.55 32.56
N GLN B 323 -24.57 4.68 32.54
CA GLN B 323 -23.99 5.94 32.95
C GLN B 323 -23.64 5.98 34.44
N GLU B 324 -24.45 5.30 35.26
CA GLU B 324 -24.13 5.21 36.68
C GLU B 324 -22.89 4.36 36.93
N ALA B 325 -22.64 3.38 36.06
CA ALA B 325 -21.48 2.52 36.23
C ALA B 325 -20.20 3.23 35.82
N VAL B 326 -20.27 4.06 34.80
CA VAL B 326 -19.07 4.73 34.30
C VAL B 326 -18.61 5.83 35.25
N THR B 327 -19.55 6.55 35.86
CA THR B 327 -19.18 7.55 36.86
C THR B 327 -18.50 6.88 38.05
N ALA B 328 -19.09 5.80 38.56
CA ALA B 328 -18.56 5.09 39.72
C ALA B 328 -17.20 4.46 39.48
N LEU B 329 -16.85 4.25 38.21
CA LEU B 329 -15.56 3.68 37.83
C LEU B 329 -14.49 4.73 37.61
N GLU B 330 -14.86 6.00 37.74
CA GLU B 330 -13.95 7.11 37.46
C GLU B 330 -12.76 7.07 38.42
N SER B 331 -13.00 6.55 39.60
CA SER B 331 -11.98 6.51 40.65
C SER B 331 -11.25 5.16 40.76
N GLN B 332 -11.53 4.22 39.88
CA GLN B 332 -11.04 2.85 40.09
C GLN B 332 -10.79 2.08 38.80
N TYR B 333 -10.51 2.78 37.70
CA TYR B 333 -10.33 2.10 36.43
C TYR B 333 -8.89 1.66 36.15
N GLU B 334 -7.90 2.28 36.77
CA GLU B 334 -6.52 1.87 36.51
C GLU B 334 -6.15 0.50 37.11
N PRO B 335 -6.73 0.15 38.28
CA PRO B 335 -6.52 -1.21 38.78
C PRO B 335 -7.32 -2.24 38.02
N LEU B 336 -8.48 -1.81 37.51
CA LEU B 336 -9.35 -2.70 36.75
C LEU B 336 -8.71 -3.17 35.44
N GLN B 337 -8.22 -2.22 34.67
CA GLN B 337 -7.72 -2.50 33.32
C GLN B 337 -6.36 -3.22 33.32
N CYS B 338 -5.75 -3.38 34.49
CA CYS B 338 -4.53 -4.16 34.62
C CYS B 338 -4.85 -5.64 34.77
N HIS B 339 -5.92 -5.92 35.52
CA HIS B 339 -6.44 -7.28 35.65
C HIS B 339 -6.98 -7.79 34.32
N LEU B 340 -7.87 -7.01 33.72
CA LEU B 340 -8.52 -7.39 32.47
C LEU B 340 -7.49 -7.54 31.34
N LYS B 341 -6.39 -6.82 31.42
CA LYS B 341 -5.38 -6.85 30.37
C LYS B 341 -4.68 -8.22 30.32
N SER B 342 -4.72 -8.95 31.43
CA SER B 342 -4.00 -10.20 31.54
C SER B 342 -4.90 -11.43 31.44
N ILE B 343 -6.19 -11.23 31.21
CA ILE B 343 -7.08 -12.38 30.99
C ILE B 343 -7.11 -12.71 29.49
N ALA B 344 -7.47 -13.94 29.13
CA ALA B 344 -7.55 -14.35 27.72
C ALA B 344 -8.97 -14.16 27.15
N ASP B 345 -9.20 -14.65 25.94
CA ASP B 345 -10.51 -14.48 25.33
C ASP B 345 -11.46 -15.56 25.82
N ILE B 346 -12.03 -15.36 27.01
CA ILE B 346 -12.85 -16.43 27.60
C ILE B 346 -14.25 -16.60 26.94
N GLU B 347 -14.67 -15.58 26.20
CA GLU B 347 -15.94 -15.66 25.50
C GLU B 347 -15.83 -16.67 24.38
N ARG B 348 -14.71 -16.64 23.67
CA ARG B 348 -14.45 -17.61 22.61
C ARG B 348 -14.14 -18.96 23.19
N ILE B 349 -13.42 -18.99 24.30
CA ILE B 349 -13.03 -20.28 24.88
C ILE B 349 -14.27 -21.04 25.30
N ALA B 350 -15.24 -20.33 25.83
CA ALA B 350 -16.54 -20.92 26.17
C ALA B 350 -17.23 -21.45 24.93
N ALA B 351 -17.05 -20.75 23.81
CA ALA B 351 -17.62 -21.16 22.55
C ALA B 351 -16.97 -22.46 22.05
N ARG B 352 -15.64 -22.50 22.02
CA ARG B 352 -14.92 -23.71 21.58
C ARG B 352 -15.21 -24.94 22.45
N ILE B 353 -15.51 -24.70 23.72
CA ILE B 353 -15.91 -25.78 24.60
C ILE B 353 -17.30 -26.29 24.24
N ALA B 354 -18.20 -25.35 23.90
CA ALA B 354 -19.58 -25.66 23.58
C ALA B 354 -19.67 -26.51 22.34
N VAL B 355 -18.81 -26.21 21.35
CA VAL B 355 -18.83 -26.93 20.06
C VAL B 355 -17.85 -28.11 20.00
N GLY B 356 -17.32 -28.52 21.15
CA GLY B 356 -16.43 -29.68 21.21
C GLY B 356 -15.14 -29.46 20.45
N ASN B 357 -14.62 -28.24 20.55
CA ASN B 357 -13.51 -27.81 19.72
C ASN B 357 -12.35 -27.33 20.58
N ALA B 358 -12.48 -27.44 21.89
CA ALA B 358 -11.48 -26.90 22.80
C ALA B 358 -10.29 -27.82 22.90
N ARG B 359 -9.10 -27.24 23.01
CA ARG B 359 -7.85 -28.00 23.12
C ARG B 359 -7.19 -27.61 24.43
N PRO B 360 -6.35 -28.51 24.97
CA PRO B 360 -5.83 -28.40 26.34
C PRO B 360 -5.49 -26.98 26.83
N ARG B 361 -4.69 -26.25 26.08
CA ARG B 361 -4.23 -24.95 26.57
C ARG B 361 -5.33 -23.92 26.71
N ASP B 362 -6.48 -24.16 26.12
CA ASP B 362 -7.65 -23.29 26.30
C ASP B 362 -8.20 -23.41 27.71
N LEU B 363 -8.18 -24.61 28.26
CA LEU B 363 -8.61 -24.78 29.63
C LEU B 363 -7.60 -24.15 30.58
N ALA B 364 -6.33 -24.17 30.21
CA ALA B 364 -5.32 -23.51 31.00
C ALA B 364 -5.61 -22.02 31.05
N SER B 365 -5.80 -21.41 29.88
CA SER B 365 -6.03 -19.96 29.82
C SER B 365 -7.30 -19.56 30.53
N LEU B 366 -8.33 -20.38 30.38
CA LEU B 366 -9.60 -20.09 31.02
C LEU B 366 -9.47 -20.14 32.52
N ARG B 367 -8.77 -21.17 33.01
CA ARG B 367 -8.60 -21.37 34.43
C ARG B 367 -7.92 -20.16 35.06
N ASP B 368 -6.80 -19.75 34.46
CA ASP B 368 -5.97 -18.71 35.03
C ASP B 368 -6.71 -17.38 35.01
N SER B 369 -7.48 -17.15 33.96
CA SER B 369 -8.18 -15.88 33.83
C SER B 369 -9.43 -15.84 34.70
N LEU B 370 -10.10 -16.98 34.89
CA LEU B 370 -11.22 -17.06 35.86
C LEU B 370 -10.78 -16.83 37.31
N PHE B 371 -9.53 -17.23 37.61
CA PHE B 371 -8.91 -16.89 38.87
C PHE B 371 -8.62 -15.40 38.92
N GLU B 372 -8.08 -14.87 37.84
CA GLU B 372 -7.75 -13.45 37.77
C GLU B 372 -9.04 -12.61 37.82
N LEU B 373 -10.15 -13.16 37.30
CA LEU B 373 -11.43 -12.44 37.39
C LEU B 373 -11.98 -12.47 38.80
N ALA B 374 -11.67 -13.52 39.56
CA ALA B 374 -12.15 -13.64 40.92
C ALA B 374 -11.53 -12.58 41.81
N GLN B 375 -10.33 -12.12 41.44
CA GLN B 375 -9.57 -11.13 42.22
C GLN B 375 -10.04 -9.69 42.01
N ILE B 376 -11.12 -9.52 41.26
CA ILE B 376 -11.69 -8.18 41.05
C ILE B 376 -12.74 -7.88 42.12
N ASP B 377 -13.05 -8.87 42.96
CA ASP B 377 -14.03 -8.71 44.05
C ASP B 377 -13.66 -7.53 44.97
N LEU B 378 -12.37 -7.34 45.23
CA LEU B 378 -11.89 -6.10 45.81
C LEU B 378 -11.83 -5.10 44.65
N SER B 379 -10.64 -4.77 44.17
CA SER B 379 -10.46 -3.88 43.00
C SER B 379 -11.39 -2.66 42.97
N ALA B 380 -12.70 -2.91 43.00
CA ALA B 380 -13.72 -1.85 42.97
C ALA B 380 -15.06 -2.37 43.51
N THR B 381 -15.95 -1.46 43.90
CA THR B 381 -17.34 -1.82 44.20
C THR B 381 -18.27 -0.86 43.46
N GLY B 382 -18.88 0.09 44.16
CA GLY B 382 -19.62 1.16 43.51
C GLY B 382 -21.06 1.14 43.91
N SER B 383 -21.96 1.48 42.99
CA SER B 383 -23.38 1.63 43.32
C SER B 383 -24.26 1.73 42.07
N SER B 384 -24.54 0.59 41.43
CA SER B 384 -25.38 0.60 40.26
C SER B 384 -25.70 -0.82 39.72
N LEU B 385 -25.83 -0.89 38.41
CA LEU B 385 -25.57 -2.08 37.61
C LEU B 385 -24.23 -2.78 37.97
N LEU B 386 -23.22 -2.00 38.36
CA LEU B 386 -21.92 -2.54 38.78
C LEU B 386 -22.03 -3.65 39.82
N GLU B 387 -22.95 -3.51 40.77
CA GLU B 387 -22.96 -4.47 41.87
C GLU B 387 -23.46 -5.84 41.45
N THR B 388 -24.28 -5.90 40.42
CA THR B 388 -24.63 -7.19 39.86
C THR B 388 -23.44 -7.77 39.11
N LEU B 389 -22.64 -6.92 38.46
CA LEU B 389 -21.41 -7.37 37.78
C LEU B 389 -20.40 -7.98 38.76
N LYS B 390 -20.25 -7.33 39.90
CA LYS B 390 -19.30 -7.80 40.91
C LYS B 390 -19.70 -9.15 41.46
N ALA B 391 -21.00 -9.39 41.54
CA ALA B 391 -21.53 -10.62 42.08
C ALA B 391 -21.26 -11.85 41.20
N VAL B 392 -20.92 -11.62 39.94
CA VAL B 392 -20.75 -12.71 38.98
C VAL B 392 -19.37 -13.38 39.05
N PHE B 393 -18.34 -12.61 39.38
CA PHE B 393 -16.98 -13.12 39.29
C PHE B 393 -16.64 -14.18 40.35
N PRO B 394 -17.09 -13.98 41.60
CA PRO B 394 -16.84 -15.04 42.58
C PRO B 394 -17.73 -16.25 42.37
N GLU B 395 -18.83 -16.09 41.63
CA GLU B 395 -19.74 -17.19 41.32
C GLU B 395 -19.02 -18.28 40.52
N THR B 396 -17.97 -17.88 39.79
CA THR B 396 -17.28 -18.75 38.82
C THR B 396 -16.02 -19.45 39.38
N LEU B 397 -15.72 -19.24 40.65
CA LEU B 397 -14.54 -19.85 41.27
C LEU B 397 -14.58 -21.37 41.31
N PRO B 398 -15.73 -21.95 41.71
CA PRO B 398 -15.90 -23.42 41.66
C PRO B 398 -15.40 -24.06 40.36
N VAL B 399 -15.63 -23.39 39.23
CA VAL B 399 -15.13 -23.83 37.94
C VAL B 399 -13.60 -23.69 37.85
N ALA B 400 -13.06 -22.60 38.39
CA ALA B 400 -11.62 -22.40 38.37
C ALA B 400 -10.90 -23.42 39.24
N GLU B 401 -11.54 -23.79 40.34
CA GLU B 401 -10.92 -24.71 41.27
C GLU B 401 -10.78 -26.07 40.63
N THR B 402 -11.87 -26.52 40.02
CA THR B 402 -11.89 -27.83 39.41
C THR B 402 -10.87 -27.87 38.28
N LEU B 403 -10.73 -26.75 37.57
CA LEU B 403 -9.75 -26.67 36.49
C LEU B 403 -8.32 -26.70 36.99
N LYS B 404 -8.09 -26.09 38.16
CA LYS B 404 -6.77 -26.06 38.74
C LYS B 404 -6.34 -27.46 39.13
N ALA B 405 -7.28 -28.23 39.66
CA ALA B 405 -7.00 -29.59 40.13
C ALA B 405 -6.88 -30.60 39.00
N ALA B 406 -7.55 -30.34 37.87
CA ALA B 406 -7.61 -31.33 36.81
C ALA B 406 -6.54 -31.10 35.73
N VAL B 407 -6.20 -29.85 35.47
CA VAL B 407 -5.29 -29.55 34.37
C VAL B 407 -3.94 -29.05 34.88
N MET B 408 -2.89 -29.45 34.16
CA MET B 408 -1.52 -29.00 34.44
C MET B 408 -1.45 -27.47 34.49
N PRO B 409 -0.50 -26.92 35.26
CA PRO B 409 -0.19 -25.50 35.13
C PRO B 409 0.20 -25.15 33.69
N GLU B 410 0.95 -26.04 33.03
CA GLU B 410 1.16 -25.93 31.60
C GLU B 410 0.99 -27.27 30.94
N PRO B 411 -0.12 -27.45 30.21
CA PRO B 411 -0.34 -28.72 29.53
C PRO B 411 0.32 -28.78 28.15
N SER B 412 0.48 -29.99 27.62
CA SER B 412 0.99 -30.18 26.27
C SER B 412 -0.03 -29.60 25.31
N VAL B 413 0.40 -29.37 24.08
CA VAL B 413 -0.47 -28.72 23.10
C VAL B 413 -1.60 -29.62 22.66
N TRP B 414 -1.28 -30.90 22.42
CA TRP B 414 -2.27 -31.87 21.94
C TRP B 414 -2.58 -32.83 23.05
N LEU B 415 -3.86 -33.19 23.18
CA LEU B 415 -4.29 -34.16 24.19
C LEU B 415 -3.71 -35.55 23.91
N LYS B 416 -3.37 -35.83 22.66
CA LYS B 416 -2.91 -37.14 22.27
C LYS B 416 -1.49 -37.44 22.73
N ASP B 417 -0.79 -36.39 23.19
CA ASP B 417 0.57 -36.53 23.69
C ASP B 417 0.68 -36.73 25.19
N GLY B 418 -0.45 -36.65 25.88
CA GLY B 418 -0.47 -36.74 27.32
C GLY B 418 0.13 -35.50 27.98
N ASN B 419 0.35 -35.65 29.27
CA ASN B 419 0.77 -34.57 30.12
C ASN B 419 -0.15 -33.35 30.05
N VAL B 420 -1.44 -33.63 30.19
CA VAL B 420 -2.44 -32.60 30.24
C VAL B 420 -3.15 -32.65 31.59
N ILE B 421 -3.56 -33.84 32.01
CA ILE B 421 -4.22 -34.00 33.30
C ILE B 421 -3.19 -33.76 34.40
N ASN B 422 -3.58 -32.99 35.41
CA ASN B 422 -2.66 -32.62 36.46
C ASN B 422 -2.26 -33.82 37.30
N HIS B 423 -1.21 -33.65 38.10
CA HIS B 423 -0.77 -34.68 39.01
C HIS B 423 -1.67 -34.69 40.24
N GLY B 424 -2.08 -35.89 40.67
CA GLY B 424 -2.89 -36.02 41.89
C GLY B 424 -4.40 -35.90 41.68
N PHE B 425 -4.82 -35.60 40.45
CA PHE B 425 -6.25 -35.56 40.11
C PHE B 425 -6.85 -36.96 40.06
N HIS B 426 -6.11 -37.89 39.48
CA HIS B 426 -6.51 -39.27 39.48
C HIS B 426 -5.35 -40.09 40.00
N PRO B 427 -5.60 -40.95 41.01
CA PRO B 427 -4.50 -41.72 41.59
C PRO B 427 -3.95 -42.76 40.62
N GLU B 428 -4.83 -43.39 39.84
CA GLU B 428 -4.41 -44.40 38.88
C GLU B 428 -3.49 -43.83 37.79
N LEU B 429 -3.79 -42.63 37.33
CA LEU B 429 -2.96 -41.97 36.33
C LEU B 429 -1.55 -41.69 36.84
N ASP B 430 -1.43 -41.23 38.08
CA ASP B 430 -0.11 -40.97 38.67
C ASP B 430 0.69 -42.26 38.72
N GLU B 431 0.04 -43.36 39.09
CA GLU B 431 0.67 -44.68 39.17
C GLU B 431 1.08 -45.19 37.78
N LEU B 432 0.17 -45.06 36.82
CA LEU B 432 0.47 -45.36 35.41
C LEU B 432 1.59 -44.48 34.87
N ARG B 433 1.55 -43.22 35.26
CA ARG B 433 2.54 -42.26 34.83
C ARG B 433 3.86 -42.55 35.51
N ARG B 434 3.80 -43.05 36.74
CA ARG B 434 5.00 -43.30 37.57
C ARG B 434 5.95 -44.29 36.91
N ILE B 435 5.40 -45.24 36.15
CA ILE B 435 6.23 -46.14 35.36
C ILE B 435 6.88 -45.34 34.23
N GLN B 436 7.99 -44.71 34.58
CA GLN B 436 8.73 -43.79 33.71
C GLN B 436 10.18 -43.65 34.23
N ASN B 437 10.34 -43.54 35.56
CA ASN B 437 11.64 -43.66 36.18
C ASN B 437 12.07 -45.12 36.08
N HIS B 438 11.11 -46.05 36.21
CA HIS B 438 11.33 -47.48 35.93
C HIS B 438 11.69 -47.68 34.46
N GLY B 439 11.55 -46.62 33.68
CA GLY B 439 11.93 -46.63 32.28
C GLY B 439 13.43 -46.47 32.13
N ASP B 440 13.94 -45.35 32.61
CA ASP B 440 15.35 -45.05 32.44
C ASP B 440 16.24 -45.80 33.42
N GLU B 441 15.79 -45.95 34.66
CA GLU B 441 16.62 -46.60 35.69
C GLU B 441 16.72 -48.14 35.55
N PHE B 442 15.66 -48.77 35.06
CA PHE B 442 15.67 -50.22 34.79
C PHE B 442 16.60 -50.53 33.61
N LEU B 443 16.71 -49.60 32.69
CA LEU B 443 17.59 -49.77 31.53
C LEU B 443 19.06 -49.49 31.87
N LEU B 444 19.30 -48.49 32.71
CA LEU B 444 20.65 -48.28 33.27
C LEU B 444 21.04 -49.48 34.13
N ASP B 445 20.07 -50.02 34.87
CA ASP B 445 20.22 -51.29 35.58
C ASP B 445 20.28 -52.52 34.65
N LEU B 446 20.14 -52.31 33.33
CA LEU B 446 20.20 -53.44 32.40
C LEU B 446 21.39 -53.35 31.46
N GLU B 447 21.71 -52.14 30.99
CA GLU B 447 22.93 -51.90 30.20
C GLU B 447 24.18 -52.33 30.97
N ALA B 448 24.37 -51.77 32.16
CA ALA B 448 25.50 -52.12 33.01
C ALA B 448 25.52 -53.62 33.28
N LYS B 449 24.34 -54.24 33.35
CA LYS B 449 24.26 -55.69 33.53
C LYS B 449 24.41 -56.47 32.23
N GLU B 450 24.74 -55.75 31.15
CA GLU B 450 25.08 -56.38 29.89
C GLU B 450 26.45 -55.92 29.33
N ARG B 451 27.01 -54.84 29.89
CA ARG B 451 28.38 -54.42 29.51
C ARG B 451 29.38 -55.47 30.02
N GLU B 452 29.34 -55.71 31.33
CA GLU B 452 30.25 -56.66 31.98
C GLU B 452 29.99 -58.10 31.58
N ARG B 453 28.77 -58.38 31.14
CA ARG B 453 28.36 -59.74 30.77
C ARG B 453 28.80 -60.12 29.35
N THR B 454 29.20 -59.11 28.57
CA THR B 454 29.69 -59.33 27.20
C THR B 454 31.08 -58.71 26.97
N GLY B 455 31.54 -57.89 27.92
CA GLY B 455 32.82 -57.17 27.78
C GLY B 455 32.81 -56.12 26.69
N LEU B 456 31.64 -55.52 26.43
CA LEU B 456 31.48 -54.53 25.37
C LEU B 456 30.88 -53.24 25.92
N SER B 457 31.64 -52.15 25.87
CA SER B 457 31.12 -50.81 26.19
C SER B 457 30.50 -50.19 24.93
N THR B 458 30.37 -51.01 23.90
CA THR B 458 29.73 -50.63 22.65
C THR B 458 28.39 -51.40 22.50
N LEU B 459 27.56 -51.32 23.54
CA LEU B 459 26.16 -51.74 23.47
C LEU B 459 25.30 -50.80 24.32
N LYS B 460 24.19 -50.34 23.73
CA LYS B 460 23.23 -49.48 24.42
C LYS B 460 21.82 -49.88 24.02
N VAL B 461 20.91 -49.91 24.99
CA VAL B 461 19.52 -50.31 24.75
C VAL B 461 18.87 -49.20 23.92
N GLU B 462 18.37 -49.54 22.74
CA GLU B 462 17.77 -48.55 21.86
C GLU B 462 16.28 -48.79 21.63
N PHE B 463 15.68 -47.94 20.82
CA PHE B 463 14.26 -47.99 20.52
C PHE B 463 13.98 -47.37 19.17
N ASN B 464 13.16 -48.02 18.35
CA ASN B 464 12.58 -47.36 17.19
C ASN B 464 11.15 -47.80 17.03
N ARG B 465 10.39 -47.04 16.26
CA ARG B 465 8.94 -47.25 16.22
C ARG B 465 8.54 -48.58 15.58
N VAL B 466 9.44 -49.14 14.79
CA VAL B 466 9.15 -50.39 14.12
C VAL B 466 9.41 -51.64 14.98
N HIS B 467 10.54 -51.67 15.68
CA HIS B 467 11.00 -52.87 16.38
C HIS B 467 10.72 -52.93 17.88
N GLY B 468 10.48 -51.77 18.48
CA GLY B 468 10.33 -51.68 19.92
C GLY B 468 11.71 -51.59 20.51
N PHE B 469 11.85 -52.11 21.73
CA PHE B 469 13.14 -52.11 22.38
C PHE B 469 14.02 -53.22 21.80
N TYR B 470 15.34 -52.98 21.80
CA TYR B 470 16.30 -53.95 21.29
C TYR B 470 17.72 -53.66 21.77
N ILE B 471 18.63 -54.61 21.53
CA ILE B 471 20.06 -54.38 21.77
C ILE B 471 20.82 -54.82 20.52
N GLU B 472 21.67 -53.94 19.99
CA GLU B 472 22.39 -54.24 18.76
C GLU B 472 23.89 -54.35 18.97
N LEU B 473 24.50 -55.23 18.19
CA LEU B 473 25.92 -55.51 18.27
C LEU B 473 26.48 -55.63 16.85
N SER B 474 27.72 -55.22 16.65
CA SER B 474 28.39 -55.31 15.34
C SER B 474 28.41 -56.77 14.84
N LYS B 475 28.58 -56.96 13.52
CA LYS B 475 28.63 -58.32 12.95
C LYS B 475 29.84 -59.12 13.45
N THR B 476 30.88 -58.39 13.85
CA THR B 476 32.03 -59.00 14.51
C THR B 476 31.65 -59.48 15.91
N GLN B 477 30.83 -58.70 16.61
CA GLN B 477 30.38 -59.04 17.97
C GLN B 477 29.00 -59.73 18.02
N ALA B 478 28.32 -59.84 16.88
CA ALA B 478 27.06 -60.61 16.80
C ALA B 478 27.34 -62.08 17.13
N GLU B 479 28.57 -62.51 16.87
CA GLU B 479 29.04 -63.86 17.24
C GLU B 479 29.37 -63.93 18.75
N GLN B 480 29.46 -62.78 19.41
CA GLN B 480 29.71 -62.73 20.86
C GLN B 480 28.42 -62.68 21.69
N ALA B 481 27.25 -62.72 21.03
CA ALA B 481 25.96 -62.64 21.73
C ALA B 481 25.45 -63.99 22.22
N PRO B 482 24.84 -64.03 23.41
CA PRO B 482 24.29 -65.31 23.90
C PRO B 482 23.07 -65.78 23.11
N ALA B 483 22.65 -67.03 23.31
CA ALA B 483 21.38 -67.54 22.78
C ALA B 483 20.22 -67.04 23.66
N ASP B 484 20.57 -66.49 24.82
CA ASP B 484 19.63 -65.75 25.67
C ASP B 484 19.03 -64.57 24.88
N TYR B 485 19.81 -64.06 23.93
CA TYR B 485 19.35 -63.04 23.01
C TYR B 485 18.51 -63.72 21.95
N GLN B 486 17.56 -62.97 21.39
CA GLN B 486 16.55 -63.55 20.51
C GLN B 486 16.73 -63.16 19.03
N ARG B 487 17.19 -61.93 18.79
CA ARG B 487 17.50 -61.46 17.43
C ARG B 487 16.24 -61.22 16.60
N ARG B 488 16.34 -60.34 15.59
CA ARG B 488 15.34 -60.31 14.50
C ARG B 488 15.94 -59.78 13.15
N GLN B 489 15.78 -58.51 12.81
CA GLN B 489 16.30 -58.00 11.53
C GLN B 489 17.83 -57.89 11.47
N THR B 490 18.38 -58.17 10.29
CA THR B 490 19.82 -58.08 10.03
C THR B 490 20.17 -56.72 9.43
N LEU B 491 21.32 -56.18 9.82
CA LEU B 491 21.74 -54.84 9.36
C LEU B 491 22.97 -54.92 8.45
N LYS B 492 23.89 -53.97 8.57
CA LYS B 492 25.08 -53.88 7.71
C LYS B 492 26.37 -53.94 8.53
N ASN B 493 26.51 -53.03 9.49
CA ASN B 493 27.61 -53.05 10.46
C ASN B 493 27.25 -53.87 11.70
N ALA B 494 25.96 -53.90 12.07
CA ALA B 494 25.49 -54.52 13.32
C ALA B 494 24.35 -55.55 13.14
N GLU B 495 23.70 -55.89 14.25
CA GLU B 495 22.65 -56.91 14.31
C GLU B 495 21.94 -56.77 15.66
N ARG B 496 20.64 -56.50 15.63
CA ARG B 496 19.88 -56.18 16.85
C ARG B 496 19.16 -57.41 17.42
N PHE B 497 19.05 -57.46 18.75
CA PHE B 497 18.49 -58.59 19.46
C PHE B 497 17.37 -58.18 20.43
N ILE B 498 16.30 -58.98 20.48
CA ILE B 498 15.27 -58.87 21.51
C ILE B 498 15.64 -59.82 22.65
N THR B 499 15.19 -59.53 23.86
CA THR B 499 15.34 -60.48 24.95
C THR B 499 14.06 -60.50 25.76
N PRO B 500 13.65 -61.69 26.22
CA PRO B 500 12.42 -61.79 27.03
C PRO B 500 12.42 -61.01 28.36
N GLU B 501 13.58 -60.57 28.87
CA GLU B 501 13.60 -59.77 30.11
C GLU B 501 13.46 -58.26 29.86
N LEU B 502 13.58 -57.82 28.60
CA LEU B 502 13.13 -56.47 28.19
C LEU B 502 11.81 -56.49 27.41
N LYS B 503 11.45 -57.65 26.88
CA LYS B 503 10.10 -57.88 26.35
C LYS B 503 9.06 -57.71 27.45
N ALA B 504 9.35 -58.26 28.62
CA ALA B 504 8.50 -58.08 29.80
C ALA B 504 8.44 -56.60 30.18
N PHE B 505 9.56 -55.90 29.95
CA PHE B 505 9.66 -54.47 30.20
C PHE B 505 9.01 -53.65 29.09
N GLU B 506 9.25 -54.05 27.86
CA GLU B 506 8.58 -53.42 26.73
C GLU B 506 7.06 -53.52 26.83
N ASP B 507 6.58 -54.68 27.23
CA ASP B 507 5.13 -54.88 27.38
C ASP B 507 4.57 -54.24 28.65
N LYS B 508 5.43 -53.76 29.54
CA LYS B 508 4.98 -53.10 30.76
C LYS B 508 4.86 -51.59 30.55
N VAL B 509 5.86 -50.97 29.91
CA VAL B 509 5.90 -49.50 29.76
C VAL B 509 5.04 -49.00 28.59
N LEU B 510 4.94 -49.78 27.52
CA LEU B 510 4.09 -49.44 26.37
C LEU B 510 2.62 -49.64 26.71
N THR B 511 2.30 -50.66 27.51
CA THR B 511 0.95 -50.85 28.02
C THR B 511 0.56 -49.72 28.97
N ALA B 512 1.52 -49.32 29.80
CA ALA B 512 1.34 -48.21 30.74
C ALA B 512 1.17 -46.87 29.99
N GLN B 513 1.87 -46.73 28.87
CA GLN B 513 1.72 -45.54 28.02
C GLN B 513 0.32 -45.43 27.42
N ASP B 514 -0.16 -46.56 26.88
CA ASP B 514 -1.45 -46.61 26.25
C ASP B 514 -2.57 -46.44 27.28
N GLN B 515 -2.48 -47.14 28.41
CA GLN B 515 -3.49 -47.01 29.45
C GLN B 515 -3.54 -45.59 30.03
N ALA B 516 -2.39 -44.90 30.06
CA ALA B 516 -2.30 -43.51 30.57
C ALA B 516 -2.81 -42.49 29.56
N LEU B 517 -2.46 -42.66 28.29
CA LEU B 517 -2.97 -41.78 27.25
C LEU B 517 -4.47 -41.91 27.11
N ALA B 518 -4.97 -43.14 27.23
CA ALA B 518 -6.40 -43.44 27.16
C ALA B 518 -7.11 -42.86 28.37
N LEU B 519 -6.46 -42.95 29.52
CA LEU B 519 -7.04 -42.48 30.78
C LEU B 519 -7.15 -40.96 30.78
N GLU B 520 -6.11 -40.28 30.28
CA GLU B 520 -6.13 -38.83 30.16
C GLU B 520 -7.26 -38.37 29.25
N LYS B 521 -7.43 -39.11 28.16
CA LYS B 521 -8.46 -38.82 27.19
C LYS B 521 -9.86 -38.91 27.80
N GLN B 522 -10.13 -39.98 28.56
CA GLN B 522 -11.45 -40.15 29.16
C GLN B 522 -11.68 -39.14 30.29
N LEU B 523 -10.62 -38.71 30.98
CA LEU B 523 -10.77 -37.78 32.12
C LEU B 523 -10.90 -36.38 31.59
N PHE B 524 -10.18 -36.10 30.51
CA PHE B 524 -10.29 -34.81 29.86
C PHE B 524 -11.71 -34.64 29.30
N ASP B 525 -12.23 -35.66 28.65
CA ASP B 525 -13.61 -35.63 28.17
C ASP B 525 -14.55 -35.49 29.36
N GLY B 526 -14.14 -36.04 30.50
CA GLY B 526 -14.93 -36.00 31.71
C GLY B 526 -15.06 -34.60 32.27
N VAL B 527 -13.98 -33.83 32.21
CA VAL B 527 -14.05 -32.46 32.74
C VAL B 527 -14.63 -31.52 31.71
N LEU B 528 -14.57 -31.92 30.43
CA LEU B 528 -15.27 -31.19 29.38
C LEU B 528 -16.78 -31.38 29.54
N LYS B 529 -17.17 -32.58 29.99
CA LYS B 529 -18.56 -32.86 30.34
C LYS B 529 -19.03 -31.94 31.47
N ASN B 530 -18.14 -31.66 32.41
CA ASN B 530 -18.49 -30.80 33.53
C ASN B 530 -18.60 -29.35 33.15
N LEU B 531 -17.61 -28.91 32.37
CA LEU B 531 -17.54 -27.54 31.89
C LEU B 531 -18.77 -27.19 31.09
N ARG B 532 -19.15 -28.08 30.17
CA ARG B 532 -20.25 -27.83 29.24
C ARG B 532 -21.56 -27.70 29.98
N THR B 533 -21.66 -28.34 31.15
CA THR B 533 -22.84 -28.21 32.00
C THR B 533 -22.74 -26.98 32.92
N ALA B 534 -21.52 -26.47 33.09
CA ALA B 534 -21.28 -25.20 33.79
C ALA B 534 -21.14 -24.03 32.82
N LEU B 535 -21.72 -24.19 31.64
CA LEU B 535 -21.59 -23.21 30.56
C LEU B 535 -22.33 -21.89 30.89
N PRO B 536 -23.51 -21.97 31.51
CA PRO B 536 -24.24 -20.76 31.90
C PRO B 536 -23.47 -19.83 32.81
N GLN B 537 -22.72 -20.37 33.75
CA GLN B 537 -21.90 -19.51 34.62
C GLN B 537 -20.78 -18.91 33.81
N LEU B 538 -20.22 -19.70 32.89
CA LEU B 538 -19.11 -19.25 32.06
C LEU B 538 -19.50 -18.12 31.12
N GLN B 539 -20.64 -18.27 30.47
CA GLN B 539 -21.14 -17.26 29.55
C GLN B 539 -21.43 -15.94 30.27
N LYS B 540 -21.90 -16.05 31.52
CA LYS B 540 -22.17 -14.88 32.37
C LYS B 540 -20.89 -14.23 32.80
N ALA B 541 -19.86 -15.06 33.03
CA ALA B 541 -18.51 -14.56 33.35
C ALA B 541 -17.91 -13.77 32.17
N ALA B 542 -18.07 -14.31 30.96
CA ALA B 542 -17.58 -13.63 29.81
C ALA B 542 -18.31 -12.32 29.62
N LYS B 543 -19.64 -12.32 29.75
CA LYS B 543 -20.43 -11.09 29.51
C LYS B 543 -20.17 -10.03 30.58
N ALA B 544 -19.96 -10.46 31.82
CA ALA B 544 -19.67 -9.55 32.90
C ALA B 544 -18.26 -8.99 32.80
N ALA B 545 -17.31 -9.81 32.38
CA ALA B 545 -15.94 -9.29 32.19
C ALA B 545 -15.90 -8.26 31.08
N ALA B 546 -16.61 -8.53 29.98
CA ALA B 546 -16.53 -7.65 28.85
C ALA B 546 -17.28 -6.36 29.11
N ALA B 547 -18.42 -6.45 29.79
CA ALA B 547 -19.24 -5.26 30.04
C ALA B 547 -18.46 -4.27 30.86
N LEU B 548 -17.86 -4.78 31.92
CA LEU B 548 -17.06 -3.97 32.78
C LEU B 548 -15.90 -3.33 32.02
N ASP B 549 -15.31 -4.05 31.05
CA ASP B 549 -14.16 -3.56 30.29
C ASP B 549 -14.52 -2.34 29.44
N VAL B 550 -15.71 -2.40 28.83
CA VAL B 550 -16.25 -1.31 28.03
C VAL B 550 -16.65 -0.11 28.90
N LEU B 551 -17.25 -0.37 30.06
CA LEU B 551 -17.59 0.71 30.98
C LEU B 551 -16.33 1.36 31.61
N SER B 552 -15.30 0.55 31.88
CA SER B 552 -14.02 1.07 32.35
C SER B 552 -13.40 1.97 31.31
N THR B 553 -13.48 1.54 30.05
CA THR B 553 -12.95 2.32 28.96
C THR B 553 -13.71 3.62 28.87
N PHE B 554 -15.02 3.57 28.99
CA PHE B 554 -15.83 4.78 28.97
C PHE B 554 -15.45 5.72 30.10
N SER B 555 -15.02 5.16 31.22
CA SER B 555 -14.58 5.95 32.37
C SER B 555 -13.22 6.59 32.13
N ALA B 556 -12.30 5.87 31.51
CA ALA B 556 -11.00 6.41 31.18
C ALA B 556 -11.11 7.51 30.11
N LEU B 557 -11.95 7.31 29.11
CA LEU B 557 -12.11 8.31 28.04
C LEU B 557 -12.66 9.62 28.57
N ALA B 558 -13.61 9.53 29.49
CA ALA B 558 -14.26 10.73 30.03
C ALA B 558 -13.32 11.51 30.93
N LYS B 559 -12.49 10.80 31.69
CA LYS B 559 -11.52 11.43 32.57
C LYS B 559 -10.28 11.96 31.85
N GLU B 560 -9.93 11.37 30.70
CA GLU B 560 -8.70 11.70 29.99
C GLU B 560 -8.93 12.56 28.75
N ARG B 561 -10.19 12.79 28.36
CA ARG B 561 -10.51 13.66 27.20
C ARG B 561 -11.70 14.56 27.47
N ASN B 562 -11.97 14.77 28.76
CA ASN B 562 -12.97 15.75 29.17
C ASN B 562 -14.33 15.53 28.52
N PHE B 563 -14.85 14.31 28.70
CA PHE B 563 -16.22 14.00 28.29
C PHE B 563 -17.14 14.21 29.49
N VAL B 564 -18.39 14.56 29.22
CA VAL B 564 -19.36 14.85 30.25
C VAL B 564 -20.59 13.96 30.11
N ARG B 565 -21.17 13.61 31.25
CA ARG B 565 -22.36 12.76 31.28
C ARG B 565 -23.56 13.51 30.72
N PRO B 566 -24.07 13.07 29.57
CA PRO B 566 -25.19 13.81 29.00
C PRO B 566 -26.46 13.59 29.78
N GLU B 567 -27.32 14.61 29.75
CA GLU B 567 -28.62 14.56 30.39
C GLU B 567 -29.62 14.20 29.32
N PHE B 568 -30.79 13.73 29.75
CA PHE B 568 -31.85 13.41 28.81
C PHE B 568 -33.07 14.25 29.14
N ALA B 569 -33.87 14.53 28.13
CA ALA B 569 -35.10 15.28 28.33
C ALA B 569 -36.24 14.53 27.69
N ASP B 570 -37.46 14.87 28.09
CA ASP B 570 -38.66 14.22 27.58
C ASP B 570 -39.30 15.00 26.42
N TYR B 571 -38.86 16.23 26.24
CA TYR B 571 -39.35 17.08 25.17
C TYR B 571 -38.32 17.05 24.05
N PRO B 572 -38.75 17.30 22.79
CA PRO B 572 -37.81 17.37 21.65
C PRO B 572 -36.73 18.42 21.86
N VAL B 573 -35.49 18.00 22.04
CA VAL B 573 -34.40 18.95 22.29
C VAL B 573 -33.02 18.37 21.98
N VAL B 574 -32.14 19.21 21.45
CA VAL B 574 -30.74 18.86 21.26
C VAL B 574 -29.86 20.06 21.64
N HIS B 575 -29.46 20.11 22.90
CA HIS B 575 -28.59 21.18 23.41
C HIS B 575 -27.18 20.60 23.65
N ILE B 576 -26.17 21.20 23.04
CA ILE B 576 -24.80 20.74 23.22
C ILE B 576 -23.86 21.90 23.46
N GLU B 577 -23.41 22.04 24.71
CA GLU B 577 -22.54 23.12 25.12
C GLU B 577 -21.12 22.86 24.62
N ASN B 578 -20.68 23.77 23.75
CA ASN B 578 -19.49 23.60 22.93
C ASN B 578 -18.94 22.15 22.83
N GLY B 579 -19.60 21.40 21.97
CA GLY B 579 -19.24 20.02 21.72
C GLY B 579 -18.14 19.93 20.70
N ARG B 580 -17.58 18.75 20.55
CA ARG B 580 -16.45 18.52 19.66
C ARG B 580 -16.63 17.17 18.97
N HIS B 581 -16.02 17.03 17.81
CA HIS B 581 -16.05 15.77 17.05
C HIS B 581 -15.03 14.76 17.64
N PRO B 582 -15.49 13.60 18.10
CA PRO B 582 -14.61 12.69 18.85
C PRO B 582 -13.51 12.05 18.05
N VAL B 583 -13.64 12.00 16.73
CA VAL B 583 -12.59 11.48 15.87
C VAL B 583 -11.67 12.58 15.37
N VAL B 584 -12.24 13.65 14.83
CA VAL B 584 -11.43 14.75 14.30
C VAL B 584 -10.65 15.43 15.42
N GLU B 585 -11.13 15.31 16.64
CA GLU B 585 -10.49 15.94 17.78
C GLU B 585 -9.11 15.37 18.09
N GLN B 586 -8.79 14.18 17.59
CA GLN B 586 -7.43 13.68 17.73
C GLN B 586 -6.76 13.59 16.38
N GLN B 587 -6.89 14.65 15.59
CA GLN B 587 -6.20 14.71 14.31
C GLN B 587 -5.59 16.10 14.02
N VAL B 588 -5.74 17.05 14.94
CA VAL B 588 -5.60 18.48 14.60
C VAL B 588 -4.79 19.32 15.59
N ARG B 589 -4.28 18.72 16.66
CA ARG B 589 -3.58 19.47 17.69
C ARG B 589 -4.51 20.49 18.38
N HIS B 590 -5.09 21.44 17.63
CA HIS B 590 -6.09 22.38 18.17
C HIS B 590 -7.39 22.30 17.37
N PHE B 591 -8.49 22.01 18.06
CA PHE B 591 -9.84 21.89 17.46
C PHE B 591 -10.79 22.79 18.22
N THR B 592 -11.56 23.60 17.49
CA THR B 592 -12.39 24.62 18.12
C THR B 592 -13.80 24.08 18.35
N ALA B 593 -14.22 24.02 19.62
CA ALA B 593 -15.53 23.49 19.99
C ALA B 593 -16.64 24.40 19.53
N ASN B 594 -17.85 23.87 19.39
CA ASN B 594 -18.98 24.65 18.91
C ASN B 594 -20.26 24.24 19.61
N HIS B 595 -21.14 25.20 19.77
CA HIS B 595 -22.41 24.96 20.44
C HIS B 595 -23.38 24.32 19.48
N THR B 596 -24.49 23.86 20.03
CA THR B 596 -25.57 23.34 19.23
C THR B 596 -26.84 23.50 20.02
N ASP B 597 -27.73 24.37 19.56
CA ASP B 597 -29.01 24.60 20.22
C ASP B 597 -30.19 24.41 19.26
N LEU B 598 -31.05 23.45 19.58
CA LEU B 598 -32.29 23.18 18.84
C LEU B 598 -33.40 22.70 19.78
N ASP B 599 -34.64 23.11 19.50
CA ASP B 599 -35.81 22.72 20.29
C ASP B 599 -37.04 22.56 19.38
N HIS B 600 -38.23 22.60 19.97
CA HIS B 600 -39.46 22.51 19.18
C HIS B 600 -39.67 23.69 18.24
N LYS B 601 -39.20 24.88 18.63
CA LYS B 601 -39.37 26.11 17.84
C LYS B 601 -38.16 26.42 16.94
N HIS B 602 -37.03 25.74 17.18
CA HIS B 602 -35.82 25.88 16.35
C HIS B 602 -35.32 24.49 15.88
N ARG B 603 -35.80 24.04 14.72
CA ARG B 603 -35.65 22.64 14.33
C ARG B 603 -34.66 22.39 13.21
N LEU B 604 -34.58 23.32 12.26
CA LEU B 604 -33.71 23.12 11.08
C LEU B 604 -32.63 24.17 11.00
N MET B 605 -31.39 23.71 11.12
CA MET B 605 -30.24 24.57 11.03
C MET B 605 -29.70 24.55 9.61
N LEU B 606 -29.75 25.70 8.95
CA LEU B 606 -29.32 25.83 7.58
C LEU B 606 -27.93 26.41 7.55
N LEU B 607 -26.96 25.54 7.34
CA LEU B 607 -25.57 25.95 7.25
C LEU B 607 -25.22 26.41 5.86
N THR B 608 -24.63 27.59 5.78
CA THR B 608 -24.03 28.08 4.57
C THR B 608 -22.62 28.38 4.97
N GLY B 609 -21.73 28.43 4.02
CA GLY B 609 -20.36 28.68 4.36
C GLY B 609 -19.41 28.31 3.25
N PRO B 610 -18.18 28.83 3.35
CA PRO B 610 -17.12 28.46 2.45
C PRO B 610 -16.82 26.97 2.54
N ASN B 611 -15.91 26.51 1.68
CA ASN B 611 -15.60 25.10 1.59
C ASN B 611 -14.87 24.59 2.84
N MET B 612 -13.69 25.09 3.15
CA MET B 612 -12.95 24.47 4.26
C MET B 612 -13.44 24.94 5.62
N GLY B 613 -14.54 25.70 5.64
CA GLY B 613 -15.27 25.96 6.89
C GLY B 613 -15.81 24.64 7.39
N GLY B 614 -15.64 24.38 8.68
CA GLY B 614 -15.91 23.03 9.19
C GLY B 614 -17.38 22.64 9.23
N LYS B 615 -18.07 22.67 8.06
CA LYS B 615 -19.49 22.35 8.01
C LYS B 615 -19.73 20.86 8.26
N SER B 616 -19.14 20.03 7.41
CA SER B 616 -19.30 18.60 7.53
C SER B 616 -18.90 18.10 8.90
N THR B 617 -17.71 18.45 9.30
CA THR B 617 -17.20 18.05 10.59
C THR B 617 -18.11 18.45 11.75
N TYR B 618 -18.65 19.67 11.74
CA TYR B 618 -19.58 20.10 12.79
C TYR B 618 -20.86 19.22 12.77
N MET B 619 -21.37 18.95 11.56
CA MET B 619 -22.58 18.18 11.40
C MET B 619 -22.38 16.80 11.98
N ARG B 620 -21.36 16.12 11.48
CA ARG B 620 -21.05 14.76 11.95
C ARG B 620 -20.77 14.75 13.46
N GLN B 621 -20.26 15.86 13.99
CA GLN B 621 -20.04 16.00 15.45
C GLN B 621 -21.35 15.89 16.22
N VAL B 622 -22.40 16.53 15.73
CA VAL B 622 -23.70 16.50 16.39
C VAL B 622 -24.26 15.08 16.36
N ALA B 623 -24.27 14.46 15.19
CA ALA B 623 -24.78 13.10 15.05
C ALA B 623 -24.02 12.13 15.90
N LEU B 624 -22.70 12.28 15.97
CA LEU B 624 -21.89 11.39 16.76
C LEU B 624 -22.09 11.56 18.25
N ILE B 625 -22.36 12.79 18.70
CA ILE B 625 -22.62 13.06 20.10
C ILE B 625 -23.94 12.41 20.47
N VAL B 626 -24.93 12.55 19.61
CA VAL B 626 -26.22 11.98 19.89
C VAL B 626 -26.10 10.46 19.98
N LEU B 627 -25.30 9.88 19.10
CA LEU B 627 -25.12 8.44 19.07
C LEU B 627 -24.44 8.00 20.36
N LEU B 628 -23.33 8.65 20.68
CA LEU B 628 -22.59 8.30 21.88
C LEU B 628 -23.42 8.48 23.14
N ALA B 629 -24.29 9.48 23.14
CA ALA B 629 -25.11 9.76 24.32
C ALA B 629 -26.00 8.57 24.70
N HIS B 630 -26.40 7.80 23.69
CA HIS B 630 -27.29 6.68 23.89
C HIS B 630 -26.56 5.36 24.06
N THR B 631 -25.24 5.42 24.17
CA THR B 631 -24.50 4.21 24.49
C THR B 631 -24.05 4.19 25.95
N GLY B 632 -24.39 5.23 26.69
CA GLY B 632 -23.93 5.33 28.07
C GLY B 632 -22.62 6.08 28.20
N CYS B 633 -21.80 6.01 27.14
CA CYS B 633 -20.53 6.74 27.15
C CYS B 633 -20.79 8.22 27.25
N PHE B 634 -19.83 8.94 27.82
CA PHE B 634 -19.95 10.39 27.94
C PHE B 634 -19.58 11.00 26.61
N VAL B 635 -20.19 12.15 26.31
CA VAL B 635 -20.00 12.80 25.05
C VAL B 635 -18.93 13.86 25.15
N PRO B 636 -18.23 14.12 24.04
CA PRO B 636 -17.20 15.17 24.02
C PRO B 636 -17.80 16.57 24.01
N ALA B 637 -18.10 17.09 25.21
CA ALA B 637 -18.61 18.45 25.36
C ALA B 637 -18.39 18.96 26.77
N ASP B 638 -18.92 20.14 27.06
CA ASP B 638 -18.95 20.62 28.44
C ASP B 638 -20.27 20.22 29.10
N ALA B 639 -21.34 20.18 28.33
CA ALA B 639 -22.62 19.65 28.78
C ALA B 639 -23.52 19.37 27.59
N ALA B 640 -24.45 18.43 27.74
CA ALA B 640 -25.32 18.07 26.64
C ALA B 640 -26.64 17.51 27.13
N THR B 641 -27.71 17.88 26.42
CA THR B 641 -29.08 17.49 26.76
C THR B 641 -29.86 17.11 25.50
N ILE B 642 -30.25 15.84 25.41
CA ILE B 642 -30.89 15.31 24.21
C ILE B 642 -32.26 14.76 24.55
N GLY B 643 -33.22 15.03 23.67
CA GLY B 643 -34.58 14.57 23.86
C GLY B 643 -34.73 13.18 23.34
N PRO B 644 -35.96 12.69 23.30
CA PRO B 644 -36.23 11.36 22.76
C PRO B 644 -35.92 11.30 21.27
N VAL B 645 -35.06 10.36 20.88
CA VAL B 645 -34.66 10.21 19.48
C VAL B 645 -34.94 8.79 19.02
N ASP B 646 -35.39 8.65 17.78
CA ASP B 646 -35.75 7.34 17.26
C ASP B 646 -34.81 6.88 16.18
N GLN B 647 -34.43 7.78 15.27
CA GLN B 647 -33.55 7.41 14.17
C GLN B 647 -32.55 8.52 13.87
N ILE B 648 -31.42 8.13 13.29
CA ILE B 648 -30.45 9.08 12.82
C ILE B 648 -30.20 8.81 11.35
N PHE B 649 -30.55 9.79 10.51
CA PHE B 649 -30.28 9.71 9.07
C PHE B 649 -29.15 10.65 8.64
N THR B 650 -28.29 10.18 7.73
CA THR B 650 -27.20 11.03 7.20
C THR B 650 -27.14 10.98 5.68
N ARG B 651 -26.52 12.00 5.11
CA ARG B 651 -26.46 12.16 3.67
C ARG B 651 -25.27 13.08 3.36
N ILE B 652 -24.06 12.52 3.39
CA ILE B 652 -22.85 13.33 3.19
C ILE B 652 -22.00 12.83 2.04
N SER B 663 -21.86 7.20 -5.84
CA SER B 663 -21.36 8.57 -5.90
C SER B 663 -22.51 9.54 -6.15
N THR B 664 -23.23 9.35 -7.23
CA THR B 664 -24.34 10.23 -7.61
C THR B 664 -25.08 9.57 -8.75
N PHE B 665 -26.27 10.10 -9.07
CA PHE B 665 -26.98 11.13 -8.30
C PHE B 665 -28.29 10.53 -7.85
N MET B 666 -28.64 9.39 -8.43
CA MET B 666 -29.83 8.68 -8.01
C MET B 666 -29.63 8.08 -6.63
N VAL B 667 -28.37 7.84 -6.29
CA VAL B 667 -28.07 7.39 -4.93
C VAL B 667 -28.20 8.54 -3.91
N GLU B 668 -27.97 9.77 -4.36
CA GLU B 668 -28.38 10.93 -3.55
C GLU B 668 -29.89 10.93 -3.37
N MET B 669 -30.60 10.74 -4.48
CA MET B 669 -32.05 10.79 -4.48
C MET B 669 -32.65 9.53 -3.86
N SER B 670 -31.96 8.39 -3.89
CA SER B 670 -32.47 7.19 -3.23
C SER B 670 -32.42 7.32 -1.71
N GLU B 671 -31.27 7.77 -1.20
CA GLU B 671 -31.05 7.88 0.25
C GLU B 671 -31.97 8.94 0.86
N THR B 672 -32.24 10.00 0.11
CA THR B 672 -33.13 11.09 0.57
C THR B 672 -34.62 10.72 0.49
N ALA B 673 -35.00 9.88 -0.48
CA ALA B 673 -36.32 9.32 -0.52
C ALA B 673 -36.58 8.61 0.79
N TYR B 674 -35.65 7.73 1.15
CA TYR B 674 -35.72 6.96 2.37
C TYR B 674 -35.89 7.91 3.55
N ILE B 675 -35.13 8.99 3.56
CA ILE B 675 -35.18 9.90 4.67
C ILE B 675 -36.50 10.62 4.75
N LEU B 676 -37.02 11.00 3.59
CA LEU B 676 -38.17 11.88 3.56
C LEU B 676 -39.43 11.22 4.08
N HIS B 677 -39.60 9.92 3.82
CA HIS B 677 -40.71 9.18 4.42
C HIS B 677 -40.28 8.09 5.38
N HIS B 678 -39.42 8.45 6.32
CA HIS B 678 -39.18 7.61 7.48
C HIS B 678 -38.80 8.45 8.70
N ALA B 679 -38.37 9.69 8.46
CA ALA B 679 -38.01 10.58 9.55
C ALA B 679 -39.28 11.05 10.30
N THR B 680 -39.13 11.26 11.60
CA THR B 680 -40.23 11.66 12.45
C THR B 680 -39.85 12.89 13.27
N GLU B 681 -40.69 13.25 14.23
CA GLU B 681 -40.40 14.36 15.17
C GLU B 681 -39.13 14.08 16.00
N GLN B 682 -38.84 12.79 16.20
CA GLN B 682 -37.78 12.36 17.08
C GLN B 682 -36.53 12.05 16.30
N SER B 683 -36.60 12.07 14.97
CA SER B 683 -35.45 11.72 14.17
C SER B 683 -34.48 12.88 14.16
N ILE B 684 -33.22 12.57 13.91
CA ILE B 684 -32.20 13.57 13.65
C ILE B 684 -31.61 13.36 12.25
N VAL B 685 -31.82 14.32 11.36
CA VAL B 685 -31.43 14.20 9.95
C VAL B 685 -30.21 15.06 9.63
N LEU B 686 -29.29 14.54 8.82
CA LEU B 686 -28.10 15.30 8.41
C LEU B 686 -27.93 15.25 6.90
N MET B 687 -27.80 16.42 6.30
CA MET B 687 -27.78 16.49 4.86
C MET B 687 -26.70 17.44 4.47
N ASP B 688 -25.81 16.97 3.63
CA ASP B 688 -24.65 17.74 3.24
C ASP B 688 -24.69 18.02 1.75
N GLU B 689 -24.87 19.30 1.41
CA GLU B 689 -24.81 19.77 0.06
C GLU B 689 -25.62 18.85 -0.87
N VAL B 690 -26.89 18.67 -0.54
CA VAL B 690 -27.78 18.03 -1.47
C VAL B 690 -28.04 18.99 -2.65
N GLY B 691 -27.89 18.48 -3.86
CA GLY B 691 -28.15 19.27 -5.05
C GLY B 691 -27.01 19.20 -6.03
N ARG B 692 -25.80 18.97 -5.54
CA ARG B 692 -24.60 18.85 -6.38
C ARG B 692 -24.81 17.75 -7.41
N GLY B 693 -24.80 18.11 -8.68
CA GLY B 693 -25.29 17.24 -9.75
C GLY B 693 -26.36 18.00 -10.53
N THR B 694 -26.66 17.45 -11.70
CA THR B 694 -27.63 18.06 -12.62
C THR B 694 -27.36 19.55 -12.93
N SER B 695 -27.82 20.45 -12.07
CA SER B 695 -27.76 21.87 -12.39
C SER B 695 -27.81 22.66 -11.12
N THR B 696 -28.08 23.95 -11.27
CA THR B 696 -28.51 24.76 -10.14
C THR B 696 -30.01 25.08 -10.22
N PHE B 697 -30.69 24.71 -11.31
CA PHE B 697 -32.12 24.95 -11.41
C PHE B 697 -32.82 23.81 -10.70
N ASP B 698 -32.75 22.63 -11.31
CA ASP B 698 -33.41 21.48 -10.72
C ASP B 698 -32.76 21.07 -9.39
N GLY B 699 -31.47 21.34 -9.24
CA GLY B 699 -30.79 21.10 -7.97
C GLY B 699 -31.34 21.95 -6.84
N LEU B 700 -31.51 23.25 -7.07
CA LEU B 700 -32.08 24.19 -6.09
C LEU B 700 -33.54 23.90 -5.82
N ALA B 701 -34.26 23.49 -6.87
CA ALA B 701 -35.65 23.13 -6.71
C ALA B 701 -35.81 21.94 -5.77
N LEU B 702 -34.94 20.93 -5.92
CA LEU B 702 -34.98 19.74 -5.07
C LEU B 702 -34.54 19.99 -3.63
N ALA B 703 -33.46 20.72 -3.46
CA ALA B 703 -33.07 21.15 -2.14
C ALA B 703 -34.14 22.04 -1.47
N HIS B 704 -34.91 22.79 -2.27
CA HIS B 704 -36.02 23.63 -1.75
C HIS B 704 -37.12 22.73 -1.22
N ALA B 705 -37.45 21.68 -1.98
CA ALA B 705 -38.52 20.78 -1.59
C ALA B 705 -38.13 19.96 -0.38
N ILE B 706 -36.88 19.53 -0.33
CA ILE B 706 -36.46 18.63 0.73
C ILE B 706 -36.45 19.36 2.07
N ALA B 707 -36.06 20.62 2.07
CA ALA B 707 -36.22 21.44 3.27
C ALA B 707 -37.70 21.66 3.58
N GLU B 708 -38.51 21.90 2.54
CA GLU B 708 -39.97 21.99 2.68
C GLU B 708 -40.59 20.59 2.94
N HIS B 709 -40.09 19.91 3.95
CA HIS B 709 -40.55 18.59 4.27
C HIS B 709 -40.07 18.30 5.68
N LEU B 710 -38.78 18.51 5.92
CA LEU B 710 -38.23 18.34 7.26
C LEU B 710 -38.85 19.28 8.31
N LEU B 711 -39.26 20.46 7.86
CA LEU B 711 -39.91 21.41 8.74
C LEU B 711 -41.38 21.03 8.94
N GLN B 712 -42.05 20.70 7.84
CA GLN B 712 -43.48 20.48 7.86
C GLN B 712 -43.86 19.03 8.06
N LYS B 713 -43.74 18.23 7.00
CA LYS B 713 -44.33 16.89 6.98
C LYS B 713 -43.49 15.81 7.64
N ASN B 714 -42.43 16.22 8.35
CA ASN B 714 -41.82 15.36 9.35
C ASN B 714 -40.92 16.15 10.26
N LYS B 715 -41.51 16.82 11.23
CA LYS B 715 -40.82 17.76 12.12
C LYS B 715 -39.53 17.21 12.72
N SER B 716 -38.53 16.94 11.89
CA SER B 716 -37.29 16.34 12.36
C SER B 716 -36.25 17.39 12.64
N PHE B 717 -35.42 17.11 13.63
CA PHE B 717 -34.29 17.95 13.95
C PHE B 717 -33.24 17.71 12.89
N SER B 718 -33.04 18.68 12.01
CA SER B 718 -32.22 18.52 10.81
C SER B 718 -31.11 19.54 10.70
N LEU B 719 -29.94 19.11 10.26
CA LEU B 719 -28.86 20.05 9.89
C LEU B 719 -28.63 20.00 8.38
N PHE B 720 -28.90 21.11 7.72
CA PHE B 720 -28.97 21.15 6.28
C PHE B 720 -27.92 22.13 5.78
N ALA B 721 -26.79 21.58 5.32
CA ALA B 721 -25.74 22.39 4.71
C ALA B 721 -25.89 22.37 3.22
N THR B 722 -25.65 23.53 2.62
CA THR B 722 -25.90 23.74 1.22
C THR B 722 -25.09 24.92 0.76
N HIS B 723 -24.83 24.95 -0.53
CA HIS B 723 -24.21 26.12 -1.12
C HIS B 723 -25.22 27.07 -1.73
N TYR B 724 -26.46 26.60 -1.90
CA TYR B 724 -27.53 27.42 -2.47
C TYR B 724 -27.85 28.59 -1.54
N PHE B 725 -27.41 29.80 -1.90
CA PHE B 725 -27.70 30.98 -1.08
C PHE B 725 -29.20 31.29 -1.14
N GLU B 726 -29.86 30.79 -2.17
CA GLU B 726 -31.29 30.95 -2.33
C GLU B 726 -32.11 30.31 -1.21
N LEU B 727 -31.45 29.57 -0.35
CA LEU B 727 -32.13 28.89 0.72
C LEU B 727 -31.93 29.60 2.06
N THR B 728 -31.21 30.70 2.02
CA THR B 728 -31.09 31.53 3.20
C THR B 728 -32.44 32.12 3.63
N TYR B 729 -33.36 32.35 2.68
CA TYR B 729 -34.67 32.99 2.99
C TYR B 729 -35.65 32.16 3.87
N LEU B 730 -35.23 31.02 4.38
CA LEU B 730 -36.16 30.12 5.05
C LEU B 730 -36.58 30.55 6.46
N PRO B 731 -35.63 31.03 7.28
CA PRO B 731 -36.06 31.53 8.60
C PRO B 731 -37.11 32.65 8.52
N GLU B 732 -37.21 33.31 7.36
CA GLU B 732 -38.24 34.31 7.11
C GLU B 732 -39.34 33.69 6.26
N ALA B 733 -39.83 32.55 6.71
CA ALA B 733 -40.93 31.82 6.06
C ALA B 733 -41.44 30.71 6.99
N HIS B 734 -40.57 30.20 7.86
CA HIS B 734 -40.92 29.18 8.84
C HIS B 734 -40.31 29.53 10.18
N ALA B 735 -41.05 29.27 11.26
CA ALA B 735 -40.57 29.52 12.61
C ALA B 735 -39.36 28.63 12.93
N ALA B 736 -39.43 27.38 12.48
CA ALA B 736 -38.48 26.37 12.92
C ALA B 736 -37.10 26.51 12.28
N ALA B 737 -37.04 27.21 11.14
CA ALA B 737 -35.77 27.37 10.41
C ALA B 737 -34.83 28.34 11.09
N VAL B 738 -33.52 28.12 10.93
CA VAL B 738 -32.49 28.97 11.54
C VAL B 738 -31.34 29.07 10.54
N ASN B 739 -30.77 30.25 10.36
CA ASN B 739 -29.57 30.37 9.54
C ASN B 739 -28.35 30.42 10.45
N MET B 740 -27.44 29.50 10.24
CA MET B 740 -26.12 29.60 10.83
C MET B 740 -25.10 29.47 9.71
N HIS B 741 -23.86 29.88 9.98
CA HIS B 741 -22.79 29.77 9.01
C HIS B 741 -21.45 29.54 9.71
N LEU B 742 -20.38 29.40 8.94
CA LEU B 742 -19.05 29.16 9.49
C LEU B 742 -18.06 30.21 9.05
N SER B 743 -17.19 30.54 10.00
CA SER B 743 -16.34 31.71 9.89
C SER B 743 -15.18 31.55 8.89
N ALA B 744 -14.81 32.68 8.29
CA ALA B 744 -13.57 32.83 7.53
C ALA B 744 -13.01 34.23 7.82
N LEU B 745 -11.74 34.30 8.24
CA LEU B 745 -11.10 35.55 8.67
C LEU B 745 -9.87 35.90 7.79
N GLU B 746 -9.58 37.19 7.65
CA GLU B 746 -8.39 37.66 6.93
C GLU B 746 -7.22 37.88 7.88
N GLN B 747 -6.07 37.32 7.55
CA GLN B 747 -4.89 37.41 8.41
C GLN B 747 -3.75 38.24 7.77
N GLY B 748 -3.33 37.84 6.58
CA GLY B 748 -2.23 38.51 5.91
C GLY B 748 -2.20 38.21 4.42
N ARG B 749 -3.16 38.76 3.70
CA ARG B 749 -3.35 38.45 2.28
C ARG B 749 -3.84 37.02 2.11
N ASP B 750 -3.95 36.31 3.23
CA ASP B 750 -4.19 34.88 3.26
C ASP B 750 -5.41 34.55 4.15
N ILE B 751 -6.41 33.88 3.57
CA ILE B 751 -7.63 33.56 4.32
C ILE B 751 -7.38 32.40 5.29
N VAL B 752 -8.13 32.39 6.40
CA VAL B 752 -8.07 31.28 7.35
C VAL B 752 -9.46 30.95 7.86
N PHE B 753 -9.59 29.80 8.50
CA PHE B 753 -10.86 29.31 9.02
C PHE B 753 -10.71 28.98 10.50
N LEU B 754 -11.30 29.82 11.35
CA LEU B 754 -11.24 29.60 12.79
C LEU B 754 -12.20 28.47 13.19
N HIS B 755 -13.08 28.11 12.25
CA HIS B 755 -14.04 27.05 12.46
C HIS B 755 -14.93 27.38 13.66
N GLN B 756 -15.82 28.33 13.49
CA GLN B 756 -16.78 28.67 14.53
C GLN B 756 -18.15 28.94 13.94
N ILE B 757 -19.17 28.32 14.53
CA ILE B 757 -20.57 28.61 14.19
C ILE B 757 -20.88 30.06 14.51
N GLN B 758 -21.62 30.70 13.61
CA GLN B 758 -22.04 32.08 13.75
C GLN B 758 -23.44 32.21 13.19
N PRO B 759 -24.34 32.85 13.94
CA PRO B 759 -25.69 33.04 13.40
C PRO B 759 -25.67 33.87 12.11
N GLY B 760 -26.55 33.56 11.17
CA GLY B 760 -26.64 34.29 9.92
C GLY B 760 -26.02 33.54 8.77
N PRO B 761 -26.13 34.09 7.56
CA PRO B 761 -25.72 33.36 6.37
C PRO B 761 -24.44 33.83 5.63
N ALA B 762 -23.40 34.20 6.37
CA ALA B 762 -22.05 34.38 5.78
C ALA B 762 -21.84 35.46 4.69
N GLY B 763 -22.90 36.20 4.33
CA GLY B 763 -22.83 37.26 3.31
C GLY B 763 -22.26 36.75 1.98
N LYS B 764 -21.75 37.67 1.15
CA LYS B 764 -21.12 37.29 -0.11
C LYS B 764 -19.69 37.83 -0.25
N SER B 765 -18.73 36.92 -0.05
CA SER B 765 -17.31 37.23 -0.06
C SER B 765 -16.54 36.07 -0.78
N TYR B 766 -16.91 35.83 -2.02
CA TYR B 766 -16.08 35.06 -2.94
C TYR B 766 -15.33 36.01 -3.88
N GLY B 767 -15.99 37.13 -4.24
CA GLY B 767 -15.35 38.28 -4.92
C GLY B 767 -14.21 38.74 -4.00
N ILE B 768 -14.30 38.44 -2.71
CA ILE B 768 -13.21 38.73 -1.79
C ILE B 768 -11.96 37.93 -2.10
N ALA B 769 -12.10 36.84 -2.86
CA ALA B 769 -10.92 36.09 -3.33
C ALA B 769 -10.34 36.81 -4.56
N VAL B 770 -10.51 38.13 -4.58
CA VAL B 770 -9.67 39.08 -5.37
C VAL B 770 -8.32 39.21 -4.68
N ALA B 771 -8.10 38.44 -3.60
CA ALA B 771 -6.84 38.44 -2.89
C ALA B 771 -5.75 37.89 -3.80
N LYS B 772 -6.15 37.36 -4.95
CA LYS B 772 -5.24 37.20 -6.10
C LYS B 772 -6.07 36.89 -7.33
N LEU B 773 -6.51 37.92 -8.07
CA LEU B 773 -7.42 37.76 -9.23
C LEU B 773 -6.90 38.70 -10.30
N ALA B 774 -7.73 39.19 -11.23
CA ALA B 774 -7.22 40.08 -12.31
C ALA B 774 -8.24 40.56 -13.35
N GLY B 775 -8.89 41.71 -13.10
CA GLY B 775 -10.09 42.06 -13.86
C GLY B 775 -10.57 43.53 -13.62
N LEU B 776 -11.70 44.00 -14.15
CA LEU B 776 -12.77 43.25 -14.85
C LEU B 776 -13.48 42.14 -13.95
N PRO B 777 -13.34 42.33 -12.63
CA PRO B 777 -14.02 41.55 -11.60
C PRO B 777 -15.25 42.37 -11.18
N VAL B 778 -15.35 43.60 -11.70
CA VAL B 778 -16.53 44.42 -11.43
C VAL B 778 -17.72 43.78 -12.15
N ARG B 779 -17.44 43.13 -13.28
CA ARG B 779 -18.45 42.39 -14.03
C ARG B 779 -19.02 41.23 -13.18
N ALA B 780 -18.20 40.73 -12.26
CA ALA B 780 -18.69 39.80 -11.26
C ALA B 780 -19.49 40.54 -10.24
N LEU B 781 -18.89 41.60 -9.67
CA LEU B 781 -19.58 42.39 -8.64
C LEU B 781 -20.83 43.01 -9.18
N LYS B 782 -21.02 42.99 -10.52
CA LYS B 782 -22.23 43.52 -11.16
C LYS B 782 -23.33 42.46 -11.34
N ALA B 783 -22.95 41.18 -11.45
CA ALA B 783 -23.96 40.11 -11.49
C ALA B 783 -24.48 39.81 -10.09
N ALA B 784 -23.60 39.90 -9.08
CA ALA B 784 -24.02 40.04 -7.68
C ALA B 784 -23.41 41.35 -7.21
N GLN B 785 -24.18 42.42 -6.91
CA GLN B 785 -25.60 42.40 -6.56
C GLN B 785 -26.58 41.70 -7.52
N LYS B 786 -27.26 40.68 -6.98
CA LYS B 786 -28.41 40.08 -7.61
C LYS B 786 -29.55 40.09 -6.58
N HIS B 787 -30.54 40.96 -6.80
CA HIS B 787 -31.68 41.12 -5.90
C HIS B 787 -32.89 40.31 -6.38
PG ANP C . -16.17 16.25 -13.73
O1G ANP C . -17.53 16.87 -13.90
O2G ANP C . -15.52 16.47 -12.37
O3G ANP C . -15.27 16.68 -14.86
PB ANP C . -17.90 14.14 -15.17
O1B ANP C . -19.15 14.32 -14.43
O2B ANP C . -17.93 14.91 -16.45
N3B ANP C . -16.55 14.55 -14.06
PA ANP C . -16.18 12.14 -16.05
O1A ANP C . -15.75 12.85 -17.30
O2A ANP C . -15.36 12.18 -14.75
O3A ANP C . -17.70 12.66 -15.76
O5' ANP C . -16.36 10.61 -16.45
C5' ANP C . -17.11 9.83 -15.56
C4' ANP C . -16.78 8.38 -15.75
O4' ANP C . -17.16 8.03 -17.06
C3' ANP C . -15.30 8.16 -15.62
O3' ANP C . -15.11 7.29 -14.50
C2' ANP C . -14.88 7.55 -16.95
O2' ANP C . -14.14 6.36 -16.73
C1' ANP C . -16.16 7.28 -17.70
N9 ANP C . -16.12 7.75 -19.09
C8 ANP C . -16.08 9.04 -19.50
N7 ANP C . -16.10 9.12 -20.87
C5 ANP C . -16.15 7.87 -21.34
C6 ANP C . -16.17 7.26 -22.67
N6 ANP C . -16.13 8.01 -23.77
N1 ANP C . -16.26 5.92 -22.74
C2 ANP C . -16.30 5.14 -21.62
N3 ANP C . -16.27 5.62 -20.36
C4 ANP C . -16.19 6.96 -20.17
PG ANP D . -18.17 19.16 3.44
O1G ANP D . -19.53 19.59 3.99
O2G ANP D . -18.00 17.65 3.42
O3G ANP D . -17.78 19.83 2.12
PB ANP D . -16.41 21.48 4.59
O1B ANP D . -17.24 22.30 5.55
O2B ANP D . -16.29 21.90 3.15
N3B ANP D . -16.90 19.76 4.52
PA ANP D . -14.58 20.28 6.37
O1A ANP D . -15.62 20.18 7.47
O2A ANP D . -14.31 19.09 5.50
O3A ANP D . -14.99 21.49 5.36
O5' ANP D . -13.19 20.85 6.97
C5' ANP D . -11.93 20.18 6.83
C4' ANP D . -10.93 20.63 7.92
O4' ANP D . -11.49 21.62 8.79
C3' ANP D . -10.46 19.47 8.81
O3' ANP D . -9.21 18.86 8.43
C2' ANP D . -10.41 20.08 10.21
O2' ANP D . -9.09 20.05 10.73
C1' ANP D . -10.92 21.50 10.09
N9 ANP D . -11.97 21.66 11.01
C8 ANP D . -13.17 21.16 10.81
N7 ANP D . -13.88 21.51 11.83
C5 ANP D . -13.15 22.12 12.72
C6 ANP D . -13.28 22.64 14.06
N6 ANP D . -14.43 22.60 14.57
N1 ANP D . -12.31 23.21 14.71
C2 ANP D . -11.23 23.28 14.13
N3 ANP D . -11.03 22.83 12.89
C4 ANP D . -11.91 22.23 12.19
#